data_2LM9
#
_entry.id   2LM9
#
_entity_poly.entity_id   1
_entity_poly.type   'polypeptide(L)'
_entity_poly.pdbx_seq_one_letter_code
;NTATQRFHEIEKFLLHITHEVDDLEKTGNKDEKARLLRELTVSEAFIEGSRGYFQRELKRTDLDLLEKFNFEAALATGDL
LLKDLKALQKRVQDSE
;
_entity_poly.pdbx_strand_id   A
#
# COMPACT_ATOMS: atom_id res chain seq x y z
N ASN A 1 -12.22 -4.14 -10.69
CA ASN A 1 -12.02 -3.12 -11.71
C ASN A 1 -11.70 -1.78 -11.07
N THR A 2 -12.69 -1.15 -10.48
CA THR A 2 -12.55 0.16 -9.89
C THR A 2 -11.59 0.17 -8.68
N ALA A 3 -11.71 -0.86 -7.86
CA ALA A 3 -10.90 -1.01 -6.66
C ALA A 3 -9.43 -1.20 -7.01
N THR A 4 -9.18 -2.02 -8.00
CA THR A 4 -7.85 -2.30 -8.41
C THR A 4 -7.17 -1.10 -9.08
N GLN A 5 -7.92 -0.34 -9.89
CA GLN A 5 -7.34 0.86 -10.52
C GLN A 5 -6.91 1.85 -9.44
N ARG A 6 -7.76 1.94 -8.41
CA ARG A 6 -7.53 2.83 -7.30
C ARG A 6 -6.26 2.46 -6.54
N PHE A 7 -6.05 1.17 -6.27
CA PHE A 7 -4.91 0.80 -5.48
C PHE A 7 -3.74 0.31 -6.29
N HIS A 8 -3.83 0.51 -7.59
CA HIS A 8 -2.73 0.21 -8.49
C HIS A 8 -1.61 1.22 -8.26
N GLU A 9 -1.95 2.34 -7.63
CA GLU A 9 -0.99 3.38 -7.32
C GLU A 9 0.05 2.85 -6.34
N ILE A 10 -0.44 2.16 -5.33
CA ILE A 10 0.40 1.59 -4.30
C ILE A 10 1.11 0.38 -4.88
N GLU A 11 0.42 -0.31 -5.77
CA GLU A 11 0.97 -1.45 -6.48
C GLU A 11 2.22 -1.04 -7.30
N LYS A 12 2.18 0.17 -7.85
CA LYS A 12 3.35 0.75 -8.52
C LYS A 12 4.45 0.95 -7.50
N PHE A 13 4.09 1.47 -6.33
CA PHE A 13 5.04 1.61 -5.25
C PHE A 13 5.62 0.27 -4.84
N LEU A 14 4.80 -0.76 -4.78
CA LEU A 14 5.25 -2.10 -4.41
C LEU A 14 6.35 -2.58 -5.33
N LEU A 15 6.13 -2.45 -6.62
CA LEU A 15 7.10 -2.91 -7.57
C LEU A 15 8.36 -2.04 -7.52
N HIS A 16 8.14 -0.74 -7.33
CA HIS A 16 9.22 0.22 -7.24
C HIS A 16 10.07 -0.05 -6.00
N ILE A 17 9.42 -0.23 -4.86
CA ILE A 17 10.11 -0.41 -3.60
C ILE A 17 10.89 -1.72 -3.56
N THR A 18 10.32 -2.78 -4.07
CA THR A 18 11.02 -4.06 -4.11
C THR A 18 12.31 -3.93 -4.96
N HIS A 19 12.16 -3.26 -6.13
CA HIS A 19 13.27 -2.97 -7.03
C HIS A 19 14.31 -2.13 -6.30
N GLU A 20 13.84 -1.12 -5.61
CA GLU A 20 14.69 -0.23 -4.88
C GLU A 20 15.44 -0.94 -3.79
N VAL A 21 14.83 -1.97 -3.20
CA VAL A 21 15.48 -2.77 -2.20
C VAL A 21 16.66 -3.43 -2.84
N ASP A 22 16.41 -4.06 -3.97
CA ASP A 22 17.46 -4.77 -4.68
C ASP A 22 18.56 -3.82 -5.09
N ASP A 23 18.13 -2.69 -5.60
CA ASP A 23 19.03 -1.68 -6.07
C ASP A 23 19.90 -1.21 -4.97
N LEU A 24 19.32 -0.90 -3.84
CA LEU A 24 20.10 -0.38 -2.75
C LEU A 24 21.02 -1.44 -2.20
N GLU A 25 20.56 -2.70 -2.21
CA GLU A 25 21.38 -3.80 -1.73
C GLU A 25 22.65 -3.98 -2.55
N LYS A 26 22.62 -3.63 -3.83
CA LYS A 26 23.82 -3.79 -4.64
C LYS A 26 24.51 -2.44 -4.88
N THR A 27 23.81 -1.39 -4.59
CA THR A 27 24.26 -0.04 -4.81
C THR A 27 24.94 0.57 -3.56
N GLY A 28 24.37 0.34 -2.39
CA GLY A 28 24.93 0.91 -1.17
C GLY A 28 24.40 0.23 0.07
N ASN A 29 23.09 0.45 0.33
CA ASN A 29 22.33 -0.18 1.44
C ASN A 29 22.71 0.49 2.78
N LYS A 30 23.38 1.62 2.63
CA LYS A 30 23.93 2.40 3.74
C LYS A 30 22.85 3.02 4.60
N ASP A 31 21.93 3.67 3.95
CA ASP A 31 20.87 4.44 4.62
C ASP A 31 19.58 4.41 3.80
N GLU A 32 19.72 4.06 2.54
CA GLU A 32 18.63 3.98 1.58
C GLU A 32 17.62 2.97 2.06
N LYS A 33 18.10 1.92 2.66
CA LYS A 33 17.27 0.82 3.14
C LYS A 33 16.22 1.33 4.13
N ALA A 34 16.70 2.06 5.10
CA ALA A 34 15.87 2.64 6.12
C ALA A 34 14.94 3.69 5.52
N ARG A 35 15.51 4.52 4.65
CA ARG A 35 14.76 5.56 3.98
C ARG A 35 13.64 4.96 3.13
N LEU A 36 13.96 3.90 2.40
CA LEU A 36 13.00 3.29 1.54
C LEU A 36 11.83 2.69 2.34
N LEU A 37 12.14 2.13 3.49
CA LEU A 37 11.11 1.58 4.35
C LEU A 37 10.19 2.67 4.85
N ARG A 38 10.74 3.84 5.05
CA ARG A 38 9.94 4.97 5.47
C ARG A 38 9.03 5.41 4.35
N GLU A 39 9.46 5.22 3.13
CA GLU A 39 8.65 5.53 1.98
C GLU A 39 7.45 4.57 1.89
N LEU A 40 7.63 3.30 2.26
CA LEU A 40 6.50 2.37 2.29
C LEU A 40 5.57 2.76 3.42
N THR A 41 6.16 3.30 4.46
CA THR A 41 5.41 3.80 5.59
C THR A 41 4.49 4.96 5.13
N VAL A 42 5.03 5.80 4.27
CA VAL A 42 4.25 6.88 3.67
C VAL A 42 3.18 6.26 2.76
N SER A 43 3.56 5.22 2.04
CA SER A 43 2.68 4.53 1.13
C SER A 43 1.46 3.96 1.85
N GLU A 44 1.69 3.27 2.95
CA GLU A 44 0.60 2.74 3.74
C GLU A 44 -0.24 3.86 4.32
N ALA A 45 0.39 4.99 4.59
CA ALA A 45 -0.30 6.13 5.18
C ALA A 45 -1.37 6.72 4.27
N PHE A 46 -1.07 6.90 2.99
CA PHE A 46 -2.07 7.48 2.12
C PHE A 46 -3.13 6.48 1.75
N ILE A 47 -2.74 5.22 1.59
CA ILE A 47 -3.72 4.21 1.29
C ILE A 47 -4.65 3.96 2.49
N GLU A 48 -4.10 4.04 3.70
CA GLU A 48 -4.90 3.84 4.90
C GLU A 48 -5.93 4.97 5.01
N GLY A 49 -5.51 6.17 4.63
CA GLY A 49 -6.42 7.31 4.59
C GLY A 49 -7.54 7.10 3.57
N SER A 50 -7.18 6.59 2.39
CA SER A 50 -8.17 6.33 1.37
C SER A 50 -9.08 5.20 1.78
N ARG A 51 -8.56 4.26 2.56
CA ARG A 51 -9.38 3.19 3.08
C ARG A 51 -10.38 3.74 4.06
N GLY A 52 -9.93 4.67 4.85
CA GLY A 52 -10.80 5.36 5.74
C GLY A 52 -11.85 6.14 4.98
N TYR A 53 -11.53 6.55 3.76
CA TYR A 53 -12.46 7.31 2.95
C TYR A 53 -13.58 6.42 2.50
N PHE A 54 -13.23 5.20 2.10
CA PHE A 54 -14.21 4.24 1.65
C PHE A 54 -15.13 3.86 2.79
N GLN A 55 -14.55 3.72 3.97
CA GLN A 55 -15.30 3.46 5.18
C GLN A 55 -16.31 4.60 5.43
N ARG A 56 -15.94 5.84 5.11
CA ARG A 56 -16.85 6.97 5.21
C ARG A 56 -17.95 6.89 4.18
N GLU A 57 -17.59 6.55 2.95
CA GLU A 57 -18.58 6.42 1.88
C GLU A 57 -19.57 5.30 2.15
N LEU A 58 -19.11 4.29 2.85
CA LEU A 58 -19.91 3.16 3.30
C LEU A 58 -21.07 3.68 4.22
N LYS A 59 -20.85 4.83 4.84
CA LYS A 59 -21.82 5.46 5.75
C LYS A 59 -22.54 6.62 5.05
N ARG A 60 -22.12 6.94 3.84
CA ARG A 60 -22.56 8.13 3.10
C ARG A 60 -24.03 8.08 2.72
N THR A 61 -24.57 6.88 2.65
CA THR A 61 -25.95 6.64 2.19
C THR A 61 -26.06 6.83 0.64
N ASP A 62 -25.26 7.74 0.10
CA ASP A 62 -25.14 7.92 -1.33
C ASP A 62 -24.14 6.92 -1.89
N LEU A 63 -24.57 5.69 -1.81
CA LEU A 63 -23.90 4.52 -2.31
C LEU A 63 -24.95 3.52 -2.57
N ASP A 64 -24.69 2.69 -3.44
CA ASP A 64 -25.51 1.61 -3.76
C ASP A 64 -24.76 0.39 -3.29
N LEU A 65 -25.36 -0.77 -3.33
CA LEU A 65 -24.66 -1.99 -3.01
C LEU A 65 -23.42 -2.13 -3.89
N LEU A 66 -23.51 -1.57 -5.10
CA LEU A 66 -22.41 -1.51 -6.06
C LEU A 66 -21.22 -0.80 -5.45
N GLU A 67 -21.49 0.33 -4.89
CA GLU A 67 -20.47 1.16 -4.33
C GLU A 67 -19.93 0.55 -3.06
N LYS A 68 -20.83 -0.06 -2.30
CA LYS A 68 -20.48 -0.81 -1.12
C LYS A 68 -19.54 -1.93 -1.50
N PHE A 69 -19.83 -2.55 -2.65
CA PHE A 69 -19.01 -3.62 -3.16
C PHE A 69 -17.62 -3.10 -3.52
N ASN A 70 -17.55 -1.86 -3.96
CA ASN A 70 -16.32 -1.20 -4.35
C ASN A 70 -15.49 -0.90 -3.13
N PHE A 71 -16.16 -0.53 -2.05
CA PHE A 71 -15.47 -0.20 -0.81
C PHE A 71 -14.94 -1.45 -0.25
N GLU A 72 -15.77 -2.46 -0.22
CA GLU A 72 -15.38 -3.75 0.24
C GLU A 72 -14.32 -4.31 -0.64
N ALA A 73 -14.39 -4.00 -1.93
CA ALA A 73 -13.39 -4.53 -2.83
C ALA A 73 -12.06 -3.85 -2.59
N ALA A 74 -12.10 -2.54 -2.46
CA ALA A 74 -10.91 -1.75 -2.26
C ALA A 74 -10.32 -1.97 -0.88
N LEU A 75 -11.17 -2.10 0.11
CA LEU A 75 -10.72 -2.34 1.47
C LEU A 75 -9.98 -3.66 1.55
N ALA A 76 -10.47 -4.65 0.82
CA ALA A 76 -9.82 -5.93 0.79
C ALA A 76 -8.50 -5.86 0.02
N THR A 77 -8.51 -5.08 -1.05
CA THR A 77 -7.35 -4.94 -1.88
C THR A 77 -6.25 -4.19 -1.11
N GLY A 78 -6.65 -3.11 -0.49
CA GLY A 78 -5.76 -2.28 0.23
C GLY A 78 -5.22 -2.94 1.45
N ASP A 79 -6.06 -3.68 2.15
CA ASP A 79 -5.66 -4.35 3.36
C ASP A 79 -4.58 -5.38 3.09
N LEU A 80 -4.78 -6.18 2.06
CA LEU A 80 -3.82 -7.22 1.72
C LEU A 80 -2.48 -6.65 1.32
N LEU A 81 -2.47 -5.64 0.48
CA LEU A 81 -1.21 -5.05 0.06
C LEU A 81 -0.58 -4.26 1.21
N LEU A 82 -1.40 -3.73 2.12
CA LEU A 82 -0.90 -2.98 3.26
C LEU A 82 -0.21 -3.97 4.19
N LYS A 83 -0.79 -5.15 4.26
CA LYS A 83 -0.21 -6.25 4.98
C LYS A 83 1.06 -6.67 4.29
N ASP A 84 1.06 -6.54 2.97
CA ASP A 84 2.20 -6.94 2.19
C ASP A 84 3.34 -5.95 2.39
N LEU A 85 2.99 -4.67 2.48
CA LEU A 85 3.93 -3.58 2.77
C LEU A 85 4.66 -3.87 4.05
N LYS A 86 3.92 -4.21 5.09
CA LYS A 86 4.52 -4.50 6.38
C LYS A 86 5.33 -5.79 6.34
N ALA A 87 4.86 -6.75 5.58
CA ALA A 87 5.51 -8.03 5.51
C ALA A 87 6.84 -7.91 4.81
N LEU A 88 6.86 -7.17 3.72
CA LEU A 88 8.07 -6.96 2.98
C LEU A 88 8.97 -6.08 3.82
N GLN A 89 8.36 -5.14 4.56
CA GLN A 89 9.07 -4.23 5.42
C GLN A 89 9.83 -5.00 6.43
N LYS A 90 9.20 -5.97 7.05
CA LYS A 90 9.88 -6.81 7.98
C LYS A 90 10.99 -7.64 7.35
N ARG A 91 10.82 -8.01 6.09
CA ARG A 91 11.87 -8.71 5.36
C ARG A 91 13.04 -7.80 5.12
N VAL A 92 12.75 -6.61 4.64
CA VAL A 92 13.78 -5.65 4.35
C VAL A 92 14.47 -5.18 5.65
N GLN A 93 13.65 -5.00 6.67
CA GLN A 93 14.05 -4.62 8.03
C GLN A 93 14.96 -5.71 8.59
N ASP A 94 14.70 -6.95 8.18
CA ASP A 94 15.44 -8.08 8.68
C ASP A 94 16.80 -8.18 8.06
N SER A 95 16.89 -7.77 6.82
CA SER A 95 18.13 -7.76 6.11
C SER A 95 19.13 -6.73 6.68
N GLU A 96 18.60 -5.70 7.35
CA GLU A 96 19.43 -4.69 7.99
C GLU A 96 20.28 -5.34 9.08
N ASN A 1 -14.36 -2.15 -10.02
CA ASN A 1 -12.95 -2.18 -9.60
C ASN A 1 -12.37 -0.77 -9.55
N THR A 2 -13.22 0.20 -9.22
CA THR A 2 -12.85 1.59 -9.15
C THR A 2 -11.77 1.76 -8.06
N ALA A 3 -12.07 1.22 -6.90
CA ALA A 3 -11.18 1.29 -5.77
C ALA A 3 -9.91 0.47 -5.98
N THR A 4 -10.03 -0.57 -6.79
CA THR A 4 -8.91 -1.44 -7.11
C THR A 4 -7.82 -0.65 -7.85
N GLN A 5 -8.25 0.19 -8.79
CA GLN A 5 -7.33 1.02 -9.56
C GLN A 5 -6.66 2.02 -8.65
N ARG A 6 -7.41 2.50 -7.69
CA ARG A 6 -6.92 3.46 -6.72
C ARG A 6 -5.91 2.79 -5.77
N PHE A 7 -6.08 1.47 -5.55
CA PHE A 7 -5.15 0.73 -4.70
C PHE A 7 -3.99 0.17 -5.51
N HIS A 8 -4.14 0.23 -6.82
CA HIS A 8 -3.10 -0.22 -7.73
C HIS A 8 -1.93 0.77 -7.68
N GLU A 9 -2.21 1.95 -7.12
CA GLU A 9 -1.19 2.95 -6.85
C GLU A 9 -0.21 2.41 -5.84
N ILE A 10 -0.73 1.75 -4.84
CA ILE A 10 0.07 1.20 -3.76
C ILE A 10 0.79 -0.04 -4.26
N GLU A 11 0.13 -0.76 -5.15
CA GLU A 11 0.67 -1.95 -5.78
C GLU A 11 1.97 -1.58 -6.53
N LYS A 12 1.93 -0.49 -7.28
CA LYS A 12 3.11 0.00 -7.97
C LYS A 12 4.19 0.49 -7.00
N PHE A 13 3.79 1.11 -5.89
CA PHE A 13 4.73 1.48 -4.83
C PHE A 13 5.47 0.26 -4.31
N LEU A 14 4.73 -0.80 -4.07
CA LEU A 14 5.28 -2.03 -3.53
C LEU A 14 6.36 -2.60 -4.47
N LEU A 15 6.08 -2.61 -5.77
CA LEU A 15 7.06 -3.09 -6.73
C LEU A 15 8.24 -2.12 -6.82
N HIS A 16 7.94 -0.82 -6.71
CA HIS A 16 8.94 0.25 -6.72
C HIS A 16 9.94 0.04 -5.59
N ILE A 17 9.42 -0.34 -4.45
CA ILE A 17 10.23 -0.59 -3.28
C ILE A 17 11.14 -1.78 -3.49
N THR A 18 10.59 -2.86 -4.01
CA THR A 18 11.37 -4.08 -4.23
C THR A 18 12.53 -3.80 -5.23
N HIS A 19 12.22 -3.03 -6.27
CA HIS A 19 13.21 -2.64 -7.26
C HIS A 19 14.31 -1.84 -6.60
N GLU A 20 13.91 -0.89 -5.80
CA GLU A 20 14.83 -0.05 -5.10
C GLU A 20 15.65 -0.82 -4.09
N VAL A 21 15.07 -1.86 -3.50
CA VAL A 21 15.77 -2.72 -2.57
C VAL A 21 16.96 -3.32 -3.27
N ASP A 22 16.74 -3.79 -4.48
CA ASP A 22 17.85 -4.37 -5.20
C ASP A 22 18.87 -3.30 -5.56
N ASP A 23 18.36 -2.18 -6.02
CA ASP A 23 19.18 -1.09 -6.46
C ASP A 23 20.04 -0.60 -5.33
N LEU A 24 19.46 -0.43 -4.16
CA LEU A 24 20.17 0.11 -3.03
C LEU A 24 21.24 -0.83 -2.59
N GLU A 25 20.98 -2.12 -2.69
CA GLU A 25 21.97 -3.11 -2.35
C GLU A 25 23.21 -3.00 -3.27
N LYS A 26 22.98 -2.54 -4.51
CA LYS A 26 24.06 -2.41 -5.50
C LYS A 26 24.67 -1.02 -5.44
N THR A 27 23.84 -0.12 -5.07
CA THR A 27 24.12 1.28 -4.99
C THR A 27 24.75 1.65 -3.61
N GLY A 28 24.92 0.67 -2.75
CA GLY A 28 25.63 0.96 -1.51
C GLY A 28 24.82 0.74 -0.26
N ASN A 29 23.53 1.11 -0.30
CA ASN A 29 22.61 0.92 0.83
C ASN A 29 23.02 1.83 2.01
N LYS A 30 23.40 3.04 1.69
CA LYS A 30 23.87 3.94 2.73
C LYS A 30 22.74 4.35 3.70
N ASP A 31 21.61 4.77 3.16
CA ASP A 31 20.48 5.15 4.01
C ASP A 31 19.16 5.01 3.24
N GLU A 32 19.27 4.65 1.97
CA GLU A 32 18.14 4.54 1.07
C GLU A 32 17.19 3.46 1.54
N LYS A 33 17.73 2.39 2.08
CA LYS A 33 16.88 1.29 2.53
C LYS A 33 15.95 1.72 3.62
N ALA A 34 16.52 2.35 4.57
CA ALA A 34 15.79 2.91 5.69
C ALA A 34 14.74 3.95 5.21
N ARG A 35 15.14 4.82 4.29
CA ARG A 35 14.22 5.81 3.73
C ARG A 35 13.12 5.16 2.91
N LEU A 36 13.50 4.16 2.15
CA LEU A 36 12.58 3.40 1.37
C LEU A 36 11.55 2.67 2.26
N LEU A 37 12.00 2.21 3.41
CA LEU A 37 11.08 1.62 4.38
C LEU A 37 10.09 2.65 4.85
N ARG A 38 10.56 3.90 4.94
CA ARG A 38 9.68 5.01 5.34
C ARG A 38 8.66 5.28 4.25
N GLU A 39 9.04 4.96 3.01
CA GLU A 39 8.17 5.07 1.86
C GLU A 39 7.01 4.10 1.99
N LEU A 40 7.28 2.89 2.46
CA LEU A 40 6.19 1.95 2.65
C LEU A 40 5.35 2.36 3.82
N THR A 41 5.99 2.96 4.82
CA THR A 41 5.30 3.43 6.01
C THR A 41 4.24 4.50 5.64
N VAL A 42 4.66 5.45 4.82
CA VAL A 42 3.77 6.47 4.36
C VAL A 42 2.68 5.84 3.46
N SER A 43 3.08 4.83 2.66
CA SER A 43 2.15 4.07 1.82
C SER A 43 1.07 3.38 2.65
N GLU A 44 1.43 3.06 3.85
CA GLU A 44 0.52 2.39 4.79
C GLU A 44 -0.52 3.38 5.18
N ALA A 45 -0.07 4.60 5.36
CA ALA A 45 -0.93 5.70 5.74
C ALA A 45 -1.94 6.00 4.65
N PHE A 46 -1.56 5.82 3.38
CA PHE A 46 -2.53 6.05 2.28
C PHE A 46 -3.59 4.99 2.36
N ILE A 47 -3.18 3.74 2.58
CA ILE A 47 -4.11 2.62 2.72
C ILE A 47 -5.09 2.86 3.87
N GLU A 48 -4.58 3.21 5.01
CA GLU A 48 -5.43 3.46 6.17
C GLU A 48 -6.35 4.66 5.94
N GLY A 49 -5.84 5.65 5.23
CA GLY A 49 -6.62 6.83 4.93
C GLY A 49 -7.68 6.56 3.88
N SER A 50 -7.34 5.80 2.88
CA SER A 50 -8.24 5.48 1.82
C SER A 50 -9.31 4.51 2.30
N ARG A 51 -8.95 3.66 3.25
CA ARG A 51 -9.94 2.79 3.85
C ARG A 51 -10.97 3.59 4.58
N GLY A 52 -10.50 4.57 5.32
CA GLY A 52 -11.39 5.48 5.99
C GLY A 52 -12.15 6.31 4.99
N TYR A 53 -11.58 6.47 3.82
CA TYR A 53 -12.17 7.27 2.76
C TYR A 53 -13.36 6.56 2.23
N PHE A 54 -13.16 5.30 1.89
CA PHE A 54 -14.21 4.48 1.34
C PHE A 54 -15.35 4.26 2.32
N GLN A 55 -15.01 4.07 3.60
CA GLN A 55 -16.04 3.96 4.63
C GLN A 55 -16.87 5.27 4.69
N ARG A 56 -16.21 6.40 4.51
CA ARG A 56 -16.90 7.69 4.45
C ARG A 56 -17.69 7.84 3.15
N GLU A 57 -17.19 7.25 2.09
CA GLU A 57 -17.90 7.23 0.79
C GLU A 57 -19.21 6.48 0.90
N LEU A 58 -19.22 5.50 1.78
CA LEU A 58 -20.41 4.71 2.07
C LEU A 58 -21.53 5.61 2.65
N LYS A 59 -21.13 6.75 3.19
CA LYS A 59 -22.06 7.69 3.81
C LYS A 59 -22.68 8.66 2.78
N ARG A 60 -22.18 8.61 1.56
CA ARG A 60 -22.67 9.51 0.48
C ARG A 60 -24.04 9.11 0.00
N THR A 61 -24.29 7.80 0.02
CA THR A 61 -25.55 7.19 -0.44
C THR A 61 -25.64 7.20 -2.01
N ASP A 62 -24.66 7.84 -2.64
CA ASP A 62 -24.55 7.91 -4.12
C ASP A 62 -24.33 6.53 -4.69
N LEU A 63 -23.57 5.75 -3.95
CA LEU A 63 -23.27 4.39 -4.24
C LEU A 63 -24.51 3.56 -4.23
N ASP A 64 -24.32 2.44 -4.71
CA ASP A 64 -25.26 1.38 -4.67
C ASP A 64 -24.47 0.20 -4.15
N LEU A 65 -24.95 -1.01 -4.30
CA LEU A 65 -24.21 -2.15 -3.83
C LEU A 65 -22.89 -2.28 -4.56
N LEU A 66 -22.85 -1.82 -5.81
CA LEU A 66 -21.66 -1.91 -6.64
C LEU A 66 -20.50 -1.14 -6.06
N GLU A 67 -20.73 0.10 -5.69
CA GLU A 67 -19.65 0.88 -5.11
C GLU A 67 -19.33 0.38 -3.71
N LYS A 68 -20.37 -0.07 -2.99
CA LYS A 68 -20.19 -0.65 -1.66
C LYS A 68 -19.24 -1.80 -1.79
N PHE A 69 -19.46 -2.60 -2.83
CA PHE A 69 -18.65 -3.75 -3.14
C PHE A 69 -17.19 -3.34 -3.41
N ASN A 70 -17.01 -2.18 -3.98
CA ASN A 70 -15.70 -1.65 -4.31
C ASN A 70 -14.99 -1.20 -3.07
N PHE A 71 -15.76 -0.66 -2.12
CA PHE A 71 -15.19 -0.21 -0.85
C PHE A 71 -14.78 -1.40 -0.08
N GLU A 72 -15.66 -2.38 -0.04
CA GLU A 72 -15.41 -3.60 0.64
C GLU A 72 -14.28 -4.32 -0.04
N ALA A 73 -14.20 -4.14 -1.37
CA ALA A 73 -13.13 -4.78 -2.11
C ALA A 73 -11.81 -4.13 -1.75
N ALA A 74 -11.84 -2.82 -1.66
CA ALA A 74 -10.69 -2.03 -1.30
C ALA A 74 -10.23 -2.32 0.10
N LEU A 75 -11.17 -2.40 1.03
CA LEU A 75 -10.84 -2.66 2.42
C LEU A 75 -10.09 -3.97 2.54
N ALA A 76 -10.52 -4.95 1.78
CA ALA A 76 -9.87 -6.24 1.80
C ALA A 76 -8.54 -6.18 1.09
N THR A 77 -8.46 -5.38 0.04
CA THR A 77 -7.26 -5.27 -0.73
C THR A 77 -6.19 -4.58 0.08
N GLY A 78 -6.59 -3.50 0.72
CA GLY A 78 -5.69 -2.70 1.47
C GLY A 78 -5.19 -3.40 2.66
N ASP A 79 -6.03 -4.20 3.28
CA ASP A 79 -5.65 -4.89 4.50
C ASP A 79 -4.64 -5.99 4.24
N LEU A 80 -4.85 -6.76 3.18
CA LEU A 80 -3.96 -7.90 2.88
C LEU A 80 -2.59 -7.39 2.52
N LEU A 81 -2.54 -6.37 1.66
CA LEU A 81 -1.30 -5.81 1.23
C LEU A 81 -0.67 -5.05 2.37
N LEU A 82 -1.48 -4.56 3.31
CA LEU A 82 -0.96 -3.80 4.42
C LEU A 82 -0.16 -4.74 5.29
N LYS A 83 -0.68 -5.96 5.45
CA LYS A 83 0.04 -6.99 6.13
C LYS A 83 1.28 -7.35 5.34
N ASP A 84 1.14 -7.27 4.02
CA ASP A 84 2.23 -7.65 3.13
C ASP A 84 3.36 -6.62 3.17
N LEU A 85 2.96 -5.35 3.32
CA LEU A 85 3.88 -4.23 3.45
C LEU A 85 4.73 -4.41 4.68
N LYS A 86 4.08 -4.73 5.79
CA LYS A 86 4.79 -4.93 7.03
C LYS A 86 5.70 -6.15 6.96
N ALA A 87 5.26 -7.18 6.25
CA ALA A 87 6.00 -8.42 6.12
C ALA A 87 7.23 -8.18 5.27
N LEU A 88 7.05 -7.46 4.17
CA LEU A 88 8.12 -7.17 3.28
C LEU A 88 9.06 -6.22 3.98
N GLN A 89 8.52 -5.34 4.80
CA GLN A 89 9.29 -4.39 5.55
C GLN A 89 10.28 -5.09 6.44
N LYS A 90 9.84 -6.11 7.15
CA LYS A 90 10.76 -6.87 8.00
C LYS A 90 11.81 -7.55 7.14
N ARG A 91 11.39 -8.01 5.98
CA ARG A 91 12.25 -8.70 5.07
C ARG A 91 13.28 -7.76 4.47
N VAL A 92 12.84 -6.58 4.12
CA VAL A 92 13.74 -5.59 3.59
C VAL A 92 14.64 -5.04 4.69
N GLN A 93 14.05 -4.85 5.86
CA GLN A 93 14.74 -4.37 7.03
C GLN A 93 15.85 -5.32 7.38
N ASP A 94 15.53 -6.59 7.38
CA ASP A 94 16.48 -7.59 7.74
C ASP A 94 17.47 -7.78 6.59
N SER A 95 16.89 -7.99 5.40
CA SER A 95 17.53 -8.17 4.07
C SER A 95 18.65 -9.21 3.96
N GLU A 96 19.56 -9.19 4.86
CA GLU A 96 20.73 -10.00 4.79
C GLU A 96 20.69 -11.05 5.87
N ASN A 1 -13.03 -4.69 -10.18
CA ASN A 1 -11.94 -4.10 -10.96
C ASN A 1 -11.70 -2.64 -10.60
N THR A 2 -12.72 -1.96 -10.11
CA THR A 2 -12.62 -0.55 -9.85
C THR A 2 -11.76 -0.27 -8.60
N ALA A 3 -11.92 -1.13 -7.61
CA ALA A 3 -11.21 -1.00 -6.35
C ALA A 3 -9.72 -1.22 -6.52
N THR A 4 -9.39 -2.26 -7.24
CA THR A 4 -8.02 -2.61 -7.50
C THR A 4 -7.37 -1.52 -8.39
N GLN A 5 -8.18 -0.92 -9.26
CA GLN A 5 -7.74 0.18 -10.11
C GLN A 5 -7.40 1.38 -9.24
N ARG A 6 -8.22 1.61 -8.24
CA ARG A 6 -8.02 2.70 -7.31
C ARG A 6 -6.77 2.45 -6.46
N PHE A 7 -6.41 1.20 -6.26
CA PHE A 7 -5.18 0.91 -5.53
C PHE A 7 -4.02 0.58 -6.46
N HIS A 8 -4.16 0.94 -7.73
CA HIS A 8 -3.09 0.73 -8.72
C HIS A 8 -1.85 1.55 -8.36
N GLU A 9 -2.07 2.69 -7.73
CA GLU A 9 -0.96 3.51 -7.29
C GLU A 9 -0.21 2.84 -6.15
N ILE A 10 -0.91 2.10 -5.34
CA ILE A 10 -0.27 1.44 -4.23
C ILE A 10 0.44 0.19 -4.74
N GLU A 11 -0.16 -0.43 -5.74
CA GLU A 11 0.39 -1.61 -6.38
C GLU A 11 1.76 -1.26 -6.98
N LYS A 12 1.81 -0.12 -7.70
CA LYS A 12 3.06 0.33 -8.30
C LYS A 12 4.08 0.61 -7.22
N PHE A 13 3.65 1.20 -6.09
CA PHE A 13 4.56 1.42 -4.97
C PHE A 13 5.16 0.14 -4.47
N LEU A 14 4.33 -0.84 -4.27
CA LEU A 14 4.76 -2.12 -3.71
C LEU A 14 5.80 -2.80 -4.60
N LEU A 15 5.53 -2.86 -5.89
CA LEU A 15 6.46 -3.47 -6.81
C LEU A 15 7.72 -2.59 -6.97
N HIS A 16 7.52 -1.28 -6.94
CA HIS A 16 8.59 -0.28 -7.04
C HIS A 16 9.56 -0.47 -5.90
N ILE A 17 9.01 -0.55 -4.68
CA ILE A 17 9.80 -0.64 -3.49
C ILE A 17 10.63 -1.90 -3.49
N THR A 18 10.05 -3.00 -3.91
CA THR A 18 10.76 -4.28 -3.93
C THR A 18 12.01 -4.21 -4.88
N HIS A 19 11.82 -3.67 -6.08
CA HIS A 19 12.92 -3.55 -7.03
C HIS A 19 13.93 -2.54 -6.51
N GLU A 20 13.42 -1.56 -5.82
CA GLU A 20 14.19 -0.53 -5.22
C GLU A 20 15.02 -1.10 -4.07
N VAL A 21 14.50 -2.15 -3.41
CA VAL A 21 15.18 -2.84 -2.33
C VAL A 21 16.46 -3.42 -2.85
N ASP A 22 16.34 -4.08 -4.00
CA ASP A 22 17.51 -4.63 -4.65
C ASP A 22 18.44 -3.53 -5.11
N ASP A 23 17.84 -2.46 -5.59
CA ASP A 23 18.56 -1.34 -6.12
C ASP A 23 19.40 -0.74 -5.05
N LEU A 24 18.83 -0.50 -3.87
CA LEU A 24 19.55 0.12 -2.76
C LEU A 24 20.67 -0.75 -2.39
N GLU A 25 20.35 -2.01 -2.35
CA GLU A 25 21.23 -3.03 -1.87
C GLU A 25 22.50 -3.11 -2.70
N LYS A 26 22.38 -2.84 -3.98
CA LYS A 26 23.54 -2.93 -4.85
C LYS A 26 24.14 -1.57 -5.06
N THR A 27 23.36 -0.59 -4.78
CA THR A 27 23.72 0.79 -4.89
C THR A 27 24.49 1.25 -3.65
N GLY A 28 24.23 0.63 -2.52
CA GLY A 28 24.96 0.97 -1.33
C GLY A 28 24.48 0.22 -0.14
N ASN A 29 23.19 0.44 0.19
CA ASN A 29 22.48 -0.23 1.29
C ASN A 29 22.92 0.41 2.61
N LYS A 30 23.40 1.65 2.52
CA LYS A 30 24.02 2.34 3.65
C LYS A 30 23.02 2.67 4.78
N ASP A 31 21.93 3.32 4.42
CA ASP A 31 20.82 3.63 5.36
C ASP A 31 19.57 3.85 4.54
N GLU A 32 19.71 3.48 3.30
CA GLU A 32 18.72 3.63 2.25
C GLU A 32 17.61 2.66 2.47
N LYS A 33 17.96 1.51 2.98
CA LYS A 33 16.99 0.46 3.28
C LYS A 33 15.98 1.03 4.26
N ALA A 34 16.51 1.65 5.29
CA ALA A 34 15.72 2.30 6.32
C ALA A 34 14.86 3.42 5.72
N ARG A 35 15.46 4.21 4.84
CA ARG A 35 14.76 5.31 4.15
C ARG A 35 13.63 4.78 3.31
N LEU A 36 13.90 3.73 2.57
CA LEU A 36 12.91 3.12 1.74
C LEU A 36 11.76 2.54 2.60
N LEU A 37 12.09 2.01 3.73
CA LEU A 37 11.09 1.52 4.65
C LEU A 37 10.24 2.66 5.18
N ARG A 38 10.84 3.81 5.32
CA ARG A 38 10.13 5.01 5.75
C ARG A 38 9.15 5.43 4.66
N GLU A 39 9.57 5.22 3.42
CA GLU A 39 8.76 5.52 2.25
C GLU A 39 7.46 4.66 2.26
N LEU A 40 7.59 3.37 2.63
CA LEU A 40 6.41 2.51 2.71
C LEU A 40 5.55 2.93 3.89
N THR A 41 6.21 3.46 4.90
CA THR A 41 5.53 3.96 6.08
C THR A 41 4.61 5.16 5.66
N VAL A 42 5.12 6.00 4.78
CA VAL A 42 4.34 7.10 4.21
C VAL A 42 3.22 6.48 3.36
N SER A 43 3.56 5.41 2.66
CA SER A 43 2.63 4.71 1.81
C SER A 43 1.43 4.19 2.60
N GLU A 44 1.66 3.63 3.77
CA GLU A 44 0.53 3.18 4.57
C GLU A 44 -0.27 4.37 5.09
N ALA A 45 0.42 5.51 5.31
CA ALA A 45 -0.26 6.70 5.80
C ALA A 45 -1.37 7.16 4.84
N PHE A 46 -1.07 7.20 3.56
CA PHE A 46 -2.12 7.59 2.62
C PHE A 46 -3.13 6.47 2.40
N ILE A 47 -2.68 5.22 2.52
CA ILE A 47 -3.60 4.10 2.39
C ILE A 47 -4.62 4.17 3.55
N GLU A 48 -4.19 4.62 4.75
CA GLU A 48 -5.11 4.83 5.88
C GLU A 48 -6.16 5.85 5.51
N GLY A 49 -5.70 6.93 4.88
CA GLY A 49 -6.60 7.99 4.43
C GLY A 49 -7.62 7.47 3.44
N SER A 50 -7.15 6.74 2.44
CA SER A 50 -8.01 6.19 1.43
C SER A 50 -8.94 5.17 2.05
N ARG A 51 -8.42 4.41 2.99
CA ARG A 51 -9.15 3.35 3.62
C ARG A 51 -10.26 3.90 4.47
N GLY A 52 -9.95 4.91 5.24
CA GLY A 52 -10.94 5.56 6.03
C GLY A 52 -11.97 6.22 5.14
N TYR A 53 -11.53 6.57 3.92
CA TYR A 53 -12.41 7.26 2.99
C TYR A 53 -13.45 6.30 2.50
N PHE A 54 -13.02 5.08 2.16
CA PHE A 54 -13.93 4.04 1.69
C PHE A 54 -14.98 3.69 2.74
N GLN A 55 -14.53 3.64 3.99
CA GLN A 55 -15.41 3.37 5.12
C GLN A 55 -16.46 4.48 5.22
N ARG A 56 -16.02 5.72 5.03
CA ARG A 56 -16.92 6.87 5.03
C ARG A 56 -17.82 6.88 3.80
N GLU A 57 -17.30 6.39 2.71
CA GLU A 57 -18.07 6.19 1.48
C GLU A 57 -19.25 5.25 1.70
N LEU A 58 -19.09 4.31 2.61
CA LEU A 58 -20.20 3.42 3.01
C LEU A 58 -21.35 4.22 3.66
N LYS A 59 -21.05 5.43 4.09
CA LYS A 59 -22.01 6.32 4.73
C LYS A 59 -22.54 7.37 3.74
N ARG A 60 -21.97 7.37 2.53
CA ARG A 60 -22.24 8.37 1.46
C ARG A 60 -23.72 8.55 1.15
N THR A 61 -24.53 7.56 1.51
CA THR A 61 -25.97 7.54 1.27
C THR A 61 -26.26 7.23 -0.21
N ASP A 62 -25.51 7.82 -1.12
CA ASP A 62 -25.63 7.52 -2.52
C ASP A 62 -24.53 6.57 -2.93
N LEU A 63 -24.85 5.33 -2.83
CA LEU A 63 -24.03 4.22 -3.21
C LEU A 63 -24.97 3.07 -3.28
N ASP A 64 -24.68 2.18 -4.12
CA ASP A 64 -25.47 1.01 -4.30
C ASP A 64 -24.50 -0.12 -4.14
N LEU A 65 -24.85 -1.29 -4.58
CA LEU A 65 -24.00 -2.45 -4.45
C LEU A 65 -22.67 -2.26 -5.16
N LEU A 66 -22.67 -1.48 -6.24
CA LEU A 66 -21.48 -1.27 -7.06
C LEU A 66 -20.44 -0.52 -6.27
N GLU A 67 -20.85 0.56 -5.69
CA GLU A 67 -19.98 1.39 -4.95
C GLU A 67 -19.57 0.68 -3.68
N LYS A 68 -20.55 0.08 -3.04
CA LYS A 68 -20.38 -0.67 -1.82
C LYS A 68 -19.35 -1.74 -2.01
N PHE A 69 -19.46 -2.44 -3.15
CA PHE A 69 -18.60 -3.54 -3.42
C PHE A 69 -17.19 -3.06 -3.64
N ASN A 70 -17.08 -1.89 -4.20
CA ASN A 70 -15.83 -1.26 -4.54
C ASN A 70 -15.12 -0.81 -3.28
N PHE A 71 -15.87 -0.33 -2.31
CA PHE A 71 -15.27 0.15 -1.09
C PHE A 71 -14.78 -1.01 -0.31
N GLU A 72 -15.62 -2.00 -0.20
CA GLU A 72 -15.30 -3.18 0.53
C GLU A 72 -14.22 -3.94 -0.21
N ALA A 73 -14.22 -3.84 -1.54
CA ALA A 73 -13.19 -4.55 -2.30
C ALA A 73 -11.85 -3.87 -2.13
N ALA A 74 -11.88 -2.55 -2.06
CA ALA A 74 -10.69 -1.78 -1.86
C ALA A 74 -10.19 -1.93 -0.45
N LEU A 75 -11.10 -2.00 0.51
CA LEU A 75 -10.73 -2.21 1.91
C LEU A 75 -9.99 -3.52 2.05
N ALA A 76 -10.39 -4.50 1.29
CA ALA A 76 -9.77 -5.79 1.31
C ALA A 76 -8.43 -5.74 0.64
N THR A 77 -8.37 -5.03 -0.46
CA THR A 77 -7.16 -4.94 -1.22
C THR A 77 -6.12 -4.16 -0.41
N GLY A 78 -6.58 -3.08 0.20
CA GLY A 78 -5.75 -2.20 0.97
C GLY A 78 -5.23 -2.86 2.21
N ASP A 79 -6.04 -3.69 2.82
CA ASP A 79 -5.63 -4.37 4.04
C ASP A 79 -4.53 -5.36 3.73
N LEU A 80 -4.71 -6.12 2.66
CA LEU A 80 -3.76 -7.13 2.27
C LEU A 80 -2.43 -6.54 1.85
N LEU A 81 -2.46 -5.50 1.05
CA LEU A 81 -1.22 -4.85 0.64
C LEU A 81 -0.56 -4.13 1.80
N LEU A 82 -1.36 -3.70 2.78
CA LEU A 82 -0.82 -3.03 3.95
C LEU A 82 -0.03 -4.08 4.71
N LYS A 83 -0.54 -5.28 4.69
CA LYS A 83 0.11 -6.40 5.28
C LYS A 83 1.34 -6.71 4.45
N ASP A 84 1.25 -6.49 3.13
CA ASP A 84 2.40 -6.70 2.24
C ASP A 84 3.50 -5.71 2.56
N LEU A 85 3.12 -4.47 2.84
CA LEU A 85 4.04 -3.39 3.20
C LEU A 85 4.85 -3.79 4.43
N LYS A 86 4.17 -4.24 5.47
CA LYS A 86 4.84 -4.60 6.71
C LYS A 86 5.64 -5.89 6.59
N ALA A 87 5.16 -6.80 5.77
CA ALA A 87 5.85 -8.07 5.57
C ALA A 87 7.11 -7.84 4.80
N LEU A 88 7.04 -6.95 3.82
CA LEU A 88 8.19 -6.65 3.01
C LEU A 88 9.18 -5.92 3.85
N GLN A 89 8.68 -5.08 4.76
CA GLN A 89 9.50 -4.29 5.64
C GLN A 89 10.38 -5.18 6.45
N LYS A 90 9.82 -6.24 6.95
CA LYS A 90 10.57 -7.19 7.71
C LYS A 90 11.59 -7.93 6.84
N ARG A 91 11.21 -8.23 5.61
CA ARG A 91 12.10 -8.91 4.66
C ARG A 91 13.24 -7.99 4.27
N VAL A 92 12.90 -6.75 4.03
CA VAL A 92 13.83 -5.73 3.66
C VAL A 92 14.75 -5.38 4.83
N GLN A 93 14.17 -5.33 6.01
CA GLN A 93 14.89 -5.13 7.25
C GLN A 93 15.90 -6.25 7.41
N ASP A 94 15.46 -7.42 7.02
CA ASP A 94 16.25 -8.63 7.03
C ASP A 94 17.39 -8.57 5.99
N SER A 95 17.16 -7.84 4.91
CA SER A 95 18.11 -7.78 3.83
C SER A 95 19.33 -6.89 4.14
N GLU A 96 19.20 -5.90 5.02
CA GLU A 96 20.34 -5.05 5.29
C GLU A 96 21.31 -5.69 6.28
N ASN A 1 -11.65 -3.76 -12.35
CA ASN A 1 -12.28 -3.09 -11.22
C ASN A 1 -11.55 -1.81 -10.97
N THR A 2 -12.29 -0.74 -10.85
CA THR A 2 -11.75 0.58 -10.68
C THR A 2 -11.05 0.70 -9.32
N ALA A 3 -11.57 -0.02 -8.35
CA ALA A 3 -11.02 -0.06 -7.01
C ALA A 3 -9.61 -0.64 -7.04
N THR A 4 -9.47 -1.74 -7.73
CA THR A 4 -8.23 -2.44 -7.83
C THR A 4 -7.26 -1.63 -8.70
N GLN A 5 -7.79 -1.00 -9.76
CA GLN A 5 -7.00 -0.17 -10.67
C GLN A 5 -6.42 1.01 -9.88
N ARG A 6 -7.23 1.56 -9.00
CA ARG A 6 -6.85 2.64 -8.13
C ARG A 6 -5.72 2.21 -7.20
N PHE A 7 -5.76 0.98 -6.71
CA PHE A 7 -4.70 0.55 -5.81
C PHE A 7 -3.55 -0.11 -6.54
N HIS A 8 -3.69 -0.22 -7.84
CA HIS A 8 -2.67 -0.78 -8.70
C HIS A 8 -1.54 0.26 -8.84
N GLU A 9 -1.88 1.51 -8.57
CA GLU A 9 -0.93 2.61 -8.54
C GLU A 9 0.02 2.40 -7.35
N ILE A 10 -0.58 2.04 -6.23
CA ILE A 10 0.13 1.77 -5.00
C ILE A 10 0.95 0.48 -5.18
N GLU A 11 0.39 -0.44 -5.93
CA GLU A 11 1.08 -1.68 -6.28
C GLU A 11 2.39 -1.36 -7.03
N LYS A 12 2.36 -0.32 -7.86
CA LYS A 12 3.56 0.11 -8.56
C LYS A 12 4.59 0.63 -7.58
N PHE A 13 4.15 1.37 -6.57
CA PHE A 13 5.05 1.76 -5.48
C PHE A 13 5.63 0.52 -4.82
N LEU A 14 4.76 -0.42 -4.55
CA LEU A 14 5.08 -1.68 -3.87
C LEU A 14 6.18 -2.45 -4.61
N LEU A 15 6.03 -2.60 -5.90
CA LEU A 15 7.03 -3.31 -6.67
C LEU A 15 8.32 -2.51 -6.78
N HIS A 16 8.18 -1.19 -6.87
CA HIS A 16 9.33 -0.31 -6.91
C HIS A 16 10.11 -0.38 -5.60
N ILE A 17 9.42 -0.40 -4.47
CA ILE A 17 10.07 -0.43 -3.17
C ILE A 17 10.88 -1.71 -3.01
N THR A 18 10.29 -2.83 -3.38
CA THR A 18 10.96 -4.12 -3.30
C THR A 18 12.20 -4.15 -4.25
N HIS A 19 12.00 -3.64 -5.48
CA HIS A 19 13.09 -3.59 -6.47
C HIS A 19 14.16 -2.62 -6.02
N GLU A 20 13.75 -1.60 -5.31
CA GLU A 20 14.63 -0.62 -4.78
C GLU A 20 15.52 -1.29 -3.74
N VAL A 21 14.96 -2.27 -3.02
CA VAL A 21 15.70 -3.03 -2.03
C VAL A 21 16.80 -3.79 -2.74
N ASP A 22 16.48 -4.30 -3.92
CA ASP A 22 17.47 -4.97 -4.77
C ASP A 22 18.61 -4.00 -5.13
N ASP A 23 18.20 -2.82 -5.50
CA ASP A 23 19.08 -1.83 -6.03
C ASP A 23 19.97 -1.29 -4.96
N LEU A 24 19.39 -0.96 -3.83
CA LEU A 24 20.12 -0.37 -2.74
C LEU A 24 21.07 -1.36 -2.15
N GLU A 25 20.67 -2.63 -2.15
CA GLU A 25 21.49 -3.68 -1.63
C GLU A 25 22.78 -3.78 -2.42
N LYS A 26 22.70 -3.69 -3.75
CA LYS A 26 23.92 -3.87 -4.55
C LYS A 26 24.70 -2.57 -4.57
N THR A 27 24.05 -1.56 -4.14
CA THR A 27 24.53 -0.22 -4.09
C THR A 27 25.11 0.09 -2.66
N GLY A 28 24.98 -0.88 -1.77
CA GLY A 28 25.53 -0.72 -0.44
C GLY A 28 24.48 -0.46 0.61
N ASN A 29 23.62 0.53 0.35
CA ASN A 29 22.57 0.97 1.27
C ASN A 29 23.15 1.69 2.45
N LYS A 30 23.59 2.87 2.23
CA LYS A 30 23.99 3.68 3.33
C LYS A 30 22.80 4.17 4.15
N ASP A 31 21.82 4.71 3.48
CA ASP A 31 20.68 5.35 4.16
C ASP A 31 19.37 5.17 3.39
N GLU A 32 19.50 4.75 2.13
CA GLU A 32 18.37 4.63 1.22
C GLU A 32 17.36 3.64 1.71
N LYS A 33 17.77 2.53 2.24
CA LYS A 33 16.81 1.53 2.68
C LYS A 33 15.98 2.02 3.83
N ALA A 34 16.64 2.56 4.81
CA ALA A 34 15.96 3.13 5.98
C ALA A 34 15.00 4.25 5.56
N ARG A 35 15.44 5.07 4.63
CA ARG A 35 14.63 6.16 4.10
C ARG A 35 13.45 5.58 3.29
N LEU A 36 13.75 4.60 2.47
CA LEU A 36 12.79 3.90 1.67
C LEU A 36 11.73 3.20 2.54
N LEU A 37 12.15 2.65 3.66
CA LEU A 37 11.21 2.04 4.58
C LEU A 37 10.27 3.08 5.14
N ARG A 38 10.79 4.25 5.36
CA ARG A 38 9.97 5.36 5.83
C ARG A 38 9.02 5.80 4.71
N GLU A 39 9.52 5.76 3.48
CA GLU A 39 8.77 6.08 2.27
C GLU A 39 7.60 5.13 2.13
N LEU A 40 7.84 3.85 2.38
CA LEU A 40 6.80 2.87 2.26
C LEU A 40 5.80 3.04 3.39
N THR A 41 6.28 3.51 4.54
CA THR A 41 5.43 3.75 5.67
C THR A 41 4.44 4.88 5.33
N VAL A 42 4.93 5.88 4.62
CA VAL A 42 4.10 6.97 4.12
C VAL A 42 3.14 6.41 3.08
N SER A 43 3.64 5.48 2.26
CA SER A 43 2.86 4.82 1.25
C SER A 43 1.67 4.08 1.88
N GLU A 44 1.97 3.34 2.95
CA GLU A 44 0.95 2.65 3.73
C GLU A 44 -0.07 3.65 4.25
N ALA A 45 0.40 4.82 4.60
CA ALA A 45 -0.44 5.83 5.20
C ALA A 45 -1.49 6.38 4.25
N PHE A 46 -1.11 6.72 3.02
CA PHE A 46 -2.11 7.32 2.13
C PHE A 46 -3.07 6.30 1.59
N ILE A 47 -2.58 5.08 1.37
CA ILE A 47 -3.45 4.03 0.91
C ILE A 47 -4.43 3.66 2.04
N GLU A 48 -3.96 3.72 3.28
CA GLU A 48 -4.78 3.45 4.44
C GLU A 48 -5.79 4.60 4.63
N GLY A 49 -5.37 5.80 4.25
CA GLY A 49 -6.26 6.95 4.28
C GLY A 49 -7.36 6.81 3.25
N SER A 50 -7.03 6.24 2.10
CA SER A 50 -7.98 5.98 1.07
C SER A 50 -8.91 4.86 1.55
N ARG A 51 -8.37 3.97 2.33
CA ARG A 51 -9.14 2.93 2.97
C ARG A 51 -10.13 3.53 3.95
N GLY A 52 -9.66 4.50 4.70
CA GLY A 52 -10.52 5.24 5.58
C GLY A 52 -11.57 6.02 4.81
N TYR A 53 -11.26 6.34 3.55
CA TYR A 53 -12.17 7.10 2.69
C TYR A 53 -13.34 6.20 2.36
N PHE A 54 -13.02 4.99 1.97
CA PHE A 54 -13.99 4.00 1.61
C PHE A 54 -14.85 3.63 2.81
N GLN A 55 -14.18 3.53 3.95
CA GLN A 55 -14.82 3.29 5.24
C GLN A 55 -15.86 4.38 5.54
N ARG A 56 -15.51 5.62 5.23
CA ARG A 56 -16.43 6.75 5.39
C ARG A 56 -17.58 6.69 4.42
N GLU A 57 -17.30 6.26 3.22
CA GLU A 57 -18.33 6.13 2.21
C GLU A 57 -19.36 5.07 2.61
N LEU A 58 -18.91 4.05 3.32
CA LEU A 58 -19.80 2.98 3.81
C LEU A 58 -20.85 3.52 4.79
N LYS A 59 -20.60 4.68 5.39
CA LYS A 59 -21.53 5.23 6.37
C LYS A 59 -22.22 6.48 5.82
N ARG A 60 -21.76 6.92 4.66
CA ARG A 60 -22.23 8.14 4.01
C ARG A 60 -23.73 8.07 3.73
N THR A 61 -24.23 6.83 3.54
CA THR A 61 -25.65 6.55 3.27
C THR A 61 -26.02 6.92 1.79
N ASP A 62 -25.07 7.50 1.09
CA ASP A 62 -25.18 7.87 -0.33
C ASP A 62 -24.60 6.79 -1.20
N LEU A 63 -24.81 5.57 -0.81
CA LEU A 63 -24.31 4.42 -1.51
C LEU A 63 -25.33 3.35 -1.46
N ASP A 64 -25.27 2.54 -2.41
CA ASP A 64 -26.07 1.36 -2.52
C ASP A 64 -25.09 0.26 -2.32
N LEU A 65 -25.54 -0.98 -2.31
CA LEU A 65 -24.64 -2.09 -2.25
C LEU A 65 -23.66 -2.00 -3.43
N LEU A 66 -24.13 -1.44 -4.54
CA LEU A 66 -23.32 -1.23 -5.75
C LEU A 66 -22.07 -0.45 -5.44
N GLU A 67 -22.26 0.65 -4.78
CA GLU A 67 -21.16 1.49 -4.45
C GLU A 67 -20.32 0.83 -3.38
N LYS A 68 -21.01 0.17 -2.45
CA LYS A 68 -20.40 -0.58 -1.37
C LYS A 68 -19.46 -1.61 -1.93
N PHE A 69 -19.88 -2.29 -3.00
CA PHE A 69 -19.06 -3.31 -3.60
C PHE A 69 -17.72 -2.78 -4.08
N ASN A 70 -17.70 -1.55 -4.52
CA ASN A 70 -16.51 -0.89 -5.02
C ASN A 70 -15.60 -0.54 -3.88
N PHE A 71 -16.19 -0.09 -2.79
CA PHE A 71 -15.42 0.35 -1.62
C PHE A 71 -14.87 -0.86 -0.94
N GLU A 72 -15.72 -1.84 -0.86
CA GLU A 72 -15.43 -3.10 -0.26
C GLU A 72 -14.43 -3.84 -1.12
N ALA A 73 -14.51 -3.61 -2.44
CA ALA A 73 -13.53 -4.25 -3.33
C ALA A 73 -12.17 -3.64 -3.07
N ALA A 74 -12.17 -2.34 -2.88
CA ALA A 74 -10.98 -1.58 -2.62
C ALA A 74 -10.41 -1.91 -1.25
N LEU A 75 -11.28 -2.07 -0.26
CA LEU A 75 -10.85 -2.43 1.09
C LEU A 75 -10.08 -3.73 1.09
N ALA A 76 -10.57 -4.70 0.34
CA ALA A 76 -9.90 -5.99 0.27
C ALA A 76 -8.60 -5.87 -0.48
N THR A 77 -8.58 -5.02 -1.49
CA THR A 77 -7.42 -4.84 -2.30
C THR A 77 -6.33 -4.14 -1.48
N GLY A 78 -6.74 -3.10 -0.78
CA GLY A 78 -5.86 -2.31 0.00
C GLY A 78 -5.33 -3.07 1.17
N ASP A 79 -6.20 -3.84 1.81
CA ASP A 79 -5.82 -4.61 2.99
C ASP A 79 -4.72 -5.59 2.65
N LEU A 80 -4.86 -6.24 1.51
CA LEU A 80 -3.88 -7.23 1.05
C LEU A 80 -2.52 -6.62 0.78
N LEU A 81 -2.49 -5.52 0.05
CA LEU A 81 -1.24 -4.85 -0.23
C LEU A 81 -0.69 -4.20 1.04
N LEU A 82 -1.59 -3.83 1.95
CA LEU A 82 -1.22 -3.25 3.22
C LEU A 82 -0.51 -4.25 4.05
N LYS A 83 -0.96 -5.48 3.97
CA LYS A 83 -0.27 -6.56 4.60
C LYS A 83 1.03 -6.79 3.91
N ASP A 84 1.03 -6.64 2.58
CA ASP A 84 2.23 -6.96 1.83
C ASP A 84 3.31 -5.92 2.11
N LEU A 85 2.90 -4.68 2.23
CA LEU A 85 3.77 -3.56 2.56
C LEU A 85 4.43 -3.75 3.91
N LYS A 86 3.66 -4.04 4.96
CA LYS A 86 4.26 -4.22 6.26
C LYS A 86 5.04 -5.52 6.40
N ALA A 87 4.64 -6.53 5.67
CA ALA A 87 5.32 -7.81 5.70
C ALA A 87 6.67 -7.70 5.02
N LEU A 88 6.69 -6.97 3.90
CA LEU A 88 7.93 -6.78 3.18
C LEU A 88 8.81 -5.87 3.99
N GLN A 89 8.17 -4.93 4.69
CA GLN A 89 8.84 -3.99 5.57
C GLN A 89 9.61 -4.73 6.62
N LYS A 90 8.99 -5.70 7.23
CA LYS A 90 9.66 -6.53 8.21
C LYS A 90 10.76 -7.35 7.55
N ARG A 91 10.55 -7.74 6.30
CA ARG A 91 11.52 -8.54 5.53
C ARG A 91 12.75 -7.70 5.24
N VAL A 92 12.49 -6.51 4.74
CA VAL A 92 13.53 -5.57 4.40
C VAL A 92 14.23 -5.08 5.66
N GLN A 93 13.47 -4.88 6.70
CA GLN A 93 14.00 -4.56 8.01
C GLN A 93 14.82 -5.73 8.55
N ASP A 94 14.40 -6.93 8.20
CA ASP A 94 15.04 -8.15 8.66
C ASP A 94 16.31 -8.45 7.86
N SER A 95 16.41 -7.82 6.69
CA SER A 95 17.58 -7.97 5.82
C SER A 95 18.87 -7.56 6.55
N GLU A 96 18.74 -6.68 7.53
CA GLU A 96 19.86 -6.28 8.34
C GLU A 96 19.88 -7.13 9.59
N ASN A 1 -12.73 -2.46 -11.89
CA ASN A 1 -13.40 -1.92 -10.70
C ASN A 1 -12.72 -0.67 -10.29
N THR A 2 -13.48 0.31 -9.85
CA THR A 2 -12.92 1.58 -9.47
C THR A 2 -11.95 1.45 -8.27
N ALA A 3 -12.26 0.55 -7.37
CA ALA A 3 -11.47 0.33 -6.15
C ALA A 3 -10.08 -0.20 -6.47
N THR A 4 -10.02 -1.21 -7.30
CA THR A 4 -8.79 -1.86 -7.62
C THR A 4 -7.94 -1.01 -8.56
N GLN A 5 -8.60 -0.30 -9.46
CA GLN A 5 -7.93 0.60 -10.37
C GLN A 5 -7.26 1.72 -9.58
N ARG A 6 -7.99 2.27 -8.61
CA ARG A 6 -7.45 3.34 -7.80
C ARG A 6 -6.30 2.85 -6.94
N PHE A 7 -6.34 1.60 -6.53
CA PHE A 7 -5.28 1.08 -5.68
C PHE A 7 -4.09 0.60 -6.47
N HIS A 8 -4.17 0.72 -7.79
CA HIS A 8 -3.08 0.31 -8.65
C HIS A 8 -1.91 1.31 -8.52
N GLU A 9 -2.22 2.53 -8.10
CA GLU A 9 -1.19 3.55 -7.85
C GLU A 9 -0.29 3.12 -6.71
N ILE A 10 -0.90 2.54 -5.69
CA ILE A 10 -0.18 2.08 -4.55
C ILE A 10 0.54 0.77 -4.91
N GLU A 11 -0.12 -0.03 -5.74
CA GLU A 11 0.42 -1.32 -6.23
C GLU A 11 1.74 -1.07 -6.98
N LYS A 12 1.74 -0.09 -7.86
CA LYS A 12 2.94 0.26 -8.59
C LYS A 12 4.02 0.83 -7.65
N PHE A 13 3.61 1.60 -6.65
CA PHE A 13 4.57 2.14 -5.70
C PHE A 13 5.17 1.01 -4.86
N LEU A 14 4.34 0.01 -4.59
CA LEU A 14 4.73 -1.19 -3.87
C LEU A 14 5.86 -1.89 -4.61
N LEU A 15 5.75 -1.98 -5.93
CA LEU A 15 6.80 -2.59 -6.71
C LEU A 15 8.06 -1.73 -6.70
N HIS A 16 7.85 -0.40 -6.69
CA HIS A 16 8.95 0.54 -6.56
C HIS A 16 9.72 0.30 -5.26
N ILE A 17 9.00 0.17 -4.15
CA ILE A 17 9.61 -0.02 -2.87
C ILE A 17 10.39 -1.32 -2.84
N THR A 18 9.79 -2.38 -3.31
CA THR A 18 10.44 -3.67 -3.30
C THR A 18 11.70 -3.67 -4.19
N HIS A 19 11.59 -3.10 -5.38
CA HIS A 19 12.72 -3.04 -6.28
C HIS A 19 13.78 -2.08 -5.79
N GLU A 20 13.34 -1.04 -5.09
CA GLU A 20 14.21 -0.08 -4.45
C GLU A 20 15.09 -0.83 -3.46
N VAL A 21 14.49 -1.84 -2.80
CA VAL A 21 15.16 -2.67 -1.84
C VAL A 21 16.25 -3.44 -2.53
N ASP A 22 15.89 -4.00 -3.68
CA ASP A 22 16.85 -4.77 -4.47
C ASP A 22 18.03 -3.92 -4.84
N ASP A 23 17.69 -2.71 -5.27
CA ASP A 23 18.60 -1.80 -5.83
C ASP A 23 19.52 -1.30 -4.78
N LEU A 24 18.98 -0.89 -3.65
CA LEU A 24 19.79 -0.35 -2.59
C LEU A 24 20.69 -1.40 -1.99
N GLU A 25 20.20 -2.64 -1.89
CA GLU A 25 20.98 -3.71 -1.34
C GLU A 25 22.15 -4.13 -2.24
N LYS A 26 22.06 -3.90 -3.54
CA LYS A 26 23.19 -4.25 -4.39
C LYS A 26 24.09 -3.05 -4.60
N THR A 27 23.56 -1.91 -4.22
CA THR A 27 24.18 -0.65 -4.43
C THR A 27 25.00 -0.15 -3.21
N GLY A 28 24.36 -0.01 -2.08
CA GLY A 28 25.04 0.53 -0.92
C GLY A 28 24.46 0.05 0.38
N ASN A 29 23.14 0.34 0.55
CA ASN A 29 22.33 -0.12 1.73
C ASN A 29 22.68 0.73 2.98
N LYS A 30 23.52 1.72 2.75
CA LYS A 30 24.11 2.53 3.80
C LYS A 30 23.07 3.40 4.55
N ASP A 31 22.22 4.10 3.83
CA ASP A 31 21.23 4.97 4.44
C ASP A 31 19.85 4.80 3.79
N GLU A 32 19.86 4.31 2.57
CA GLU A 32 18.66 4.17 1.79
C GLU A 32 17.70 3.16 2.31
N LYS A 33 18.18 2.12 2.91
CA LYS A 33 17.33 1.06 3.49
C LYS A 33 16.32 1.71 4.48
N ALA A 34 16.85 2.59 5.27
CA ALA A 34 16.07 3.38 6.22
C ALA A 34 15.13 4.36 5.49
N ARG A 35 15.66 5.02 4.46
CA ARG A 35 14.86 5.96 3.63
C ARG A 35 13.72 5.21 2.98
N LEU A 36 14.01 4.01 2.53
CA LEU A 36 13.09 3.13 1.92
C LEU A 36 11.91 2.84 2.83
N LEU A 37 12.19 2.47 4.06
CA LEU A 37 11.14 2.15 4.97
C LEU A 37 10.30 3.36 5.33
N ARG A 38 10.93 4.50 5.41
CA ARG A 38 10.22 5.72 5.71
C ARG A 38 9.33 6.08 4.53
N GLU A 39 9.82 5.80 3.34
CA GLU A 39 9.11 6.08 2.14
C GLU A 39 7.89 5.18 2.00
N LEU A 40 8.01 3.93 2.41
CA LEU A 40 6.87 3.06 2.39
C LEU A 40 5.91 3.42 3.49
N THR A 41 6.43 3.94 4.59
CA THR A 41 5.62 4.40 5.69
C THR A 41 4.67 5.53 5.23
N VAL A 42 5.17 6.39 4.38
CA VAL A 42 4.35 7.44 3.77
C VAL A 42 3.30 6.78 2.86
N SER A 43 3.72 5.75 2.15
CA SER A 43 2.85 4.99 1.26
C SER A 43 1.73 4.33 2.05
N GLU A 44 2.12 3.78 3.17
CA GLU A 44 1.26 3.10 4.13
C GLU A 44 0.19 4.08 4.62
N ALA A 45 0.59 5.33 4.71
CA ALA A 45 -0.28 6.38 5.15
C ALA A 45 -1.35 6.72 4.12
N PHE A 46 -0.98 6.84 2.84
CA PHE A 46 -1.99 7.22 1.87
C PHE A 46 -2.90 6.08 1.53
N ILE A 47 -2.37 4.86 1.55
CA ILE A 47 -3.22 3.71 1.32
C ILE A 47 -4.25 3.59 2.45
N GLU A 48 -3.83 3.89 3.68
CA GLU A 48 -4.74 3.89 4.80
C GLU A 48 -5.80 4.97 4.58
N GLY A 49 -5.37 6.11 4.07
CA GLY A 49 -6.27 7.19 3.76
C GLY A 49 -7.26 6.85 2.66
N SER A 50 -6.81 6.09 1.69
CA SER A 50 -7.65 5.68 0.60
C SER A 50 -8.62 4.61 1.06
N ARG A 51 -8.17 3.74 1.97
CA ARG A 51 -9.06 2.74 2.53
C ARG A 51 -10.08 3.44 3.39
N GLY A 52 -9.58 4.41 4.14
CA GLY A 52 -10.40 5.24 4.96
C GLY A 52 -11.33 6.08 4.12
N TYR A 53 -10.98 6.27 2.85
CA TYR A 53 -11.81 7.05 1.94
C TYR A 53 -13.05 6.27 1.65
N PHE A 54 -12.85 5.02 1.34
CA PHE A 54 -13.93 4.12 1.08
C PHE A 54 -14.78 3.92 2.33
N GLN A 55 -14.14 3.89 3.50
CA GLN A 55 -14.84 3.86 4.78
C GLN A 55 -15.84 5.04 4.88
N ARG A 56 -15.43 6.27 4.51
CA ARG A 56 -16.39 7.38 4.50
C ARG A 56 -17.43 7.22 3.38
N GLU A 57 -17.04 6.61 2.28
CA GLU A 57 -17.97 6.30 1.18
C GLU A 57 -19.10 5.35 1.66
N LEU A 58 -18.80 4.50 2.65
CA LEU A 58 -19.82 3.65 3.28
C LEU A 58 -20.85 4.50 4.05
N LYS A 59 -20.44 5.70 4.39
CA LYS A 59 -21.21 6.62 5.18
C LYS A 59 -21.92 7.64 4.26
N ARG A 60 -21.57 7.57 2.97
CA ARG A 60 -22.00 8.52 1.93
C ARG A 60 -23.50 8.48 1.74
N THR A 61 -24.08 7.33 2.04
CA THR A 61 -25.51 7.04 1.84
C THR A 61 -25.82 6.79 0.33
N ASP A 62 -25.16 7.53 -0.56
CA ASP A 62 -25.27 7.32 -2.00
C ASP A 62 -24.31 6.25 -2.45
N LEU A 63 -24.70 5.06 -2.20
CA LEU A 63 -24.04 3.85 -2.56
C LEU A 63 -25.09 2.83 -2.45
N ASP A 64 -24.93 1.80 -3.14
CA ASP A 64 -25.81 0.70 -3.02
C ASP A 64 -24.93 -0.43 -2.61
N LEU A 65 -25.43 -1.62 -2.67
CA LEU A 65 -24.68 -2.79 -2.32
C LEU A 65 -23.48 -2.91 -3.27
N LEU A 66 -23.66 -2.42 -4.50
CA LEU A 66 -22.63 -2.45 -5.54
C LEU A 66 -21.40 -1.66 -5.14
N GLU A 67 -21.60 -0.46 -4.70
CA GLU A 67 -20.49 0.34 -4.30
C GLU A 67 -19.91 -0.12 -3.02
N LYS A 68 -20.78 -0.56 -2.12
CA LYS A 68 -20.38 -1.12 -0.85
C LYS A 68 -19.49 -2.32 -1.09
N PHE A 69 -19.82 -3.07 -2.12
CA PHE A 69 -19.05 -4.23 -2.50
C PHE A 69 -17.64 -3.81 -2.91
N ASN A 70 -17.55 -2.69 -3.57
CA ASN A 70 -16.31 -2.12 -4.06
C ASN A 70 -15.52 -1.54 -2.94
N PHE A 71 -16.18 -1.01 -1.93
CA PHE A 71 -15.48 -0.45 -0.78
C PHE A 71 -14.92 -1.57 0.02
N GLU A 72 -15.69 -2.64 0.16
CA GLU A 72 -15.22 -3.82 0.81
C GLU A 72 -14.16 -4.46 -0.04
N ALA A 73 -14.29 -4.30 -1.36
CA ALA A 73 -13.28 -4.84 -2.25
C ALA A 73 -11.98 -4.05 -2.10
N ALA A 74 -12.11 -2.74 -1.97
CA ALA A 74 -11.00 -1.83 -1.76
C ALA A 74 -10.32 -2.12 -0.45
N LEU A 75 -11.11 -2.34 0.58
CA LEU A 75 -10.58 -2.68 1.89
C LEU A 75 -9.75 -3.93 1.80
N ALA A 76 -10.19 -4.86 0.98
CA ALA A 76 -9.46 -6.11 0.78
C ALA A 76 -8.21 -5.88 -0.04
N THR A 77 -8.32 -5.00 -1.02
CA THR A 77 -7.23 -4.72 -1.90
C THR A 77 -6.11 -4.04 -1.13
N GLY A 78 -6.51 -3.08 -0.29
CA GLY A 78 -5.58 -2.38 0.51
C GLY A 78 -4.98 -3.26 1.55
N ASP A 79 -5.80 -4.15 2.10
CA ASP A 79 -5.37 -5.08 3.14
C ASP A 79 -4.28 -5.98 2.65
N LEU A 80 -4.47 -6.54 1.47
CA LEU A 80 -3.52 -7.46 0.89
C LEU A 80 -2.19 -6.79 0.61
N LEU A 81 -2.23 -5.63 -0.02
CA LEU A 81 -0.99 -4.93 -0.30
C LEU A 81 -0.39 -4.37 0.99
N LEU A 82 -1.23 -4.05 1.99
CA LEU A 82 -0.74 -3.57 3.27
C LEU A 82 -0.02 -4.62 4.01
N LYS A 83 -0.53 -5.81 3.90
CA LYS A 83 0.09 -6.94 4.45
C LYS A 83 1.36 -7.23 3.71
N ASP A 84 1.36 -6.93 2.41
CA ASP A 84 2.55 -7.19 1.61
C ASP A 84 3.63 -6.17 1.93
N LEU A 85 3.19 -4.94 2.08
CA LEU A 85 4.02 -3.80 2.41
C LEU A 85 4.72 -4.05 3.73
N LYS A 86 3.96 -4.45 4.74
CA LYS A 86 4.52 -4.72 6.04
C LYS A 86 5.35 -5.99 6.04
N ALA A 87 5.00 -6.94 5.18
CA ALA A 87 5.75 -8.18 5.08
C ALA A 87 7.09 -7.91 4.45
N LEU A 88 7.11 -6.99 3.49
CA LEU A 88 8.32 -6.64 2.85
C LEU A 88 9.16 -5.87 3.83
N GLN A 89 8.51 -5.10 4.72
CA GLN A 89 9.23 -4.41 5.80
C GLN A 89 9.97 -5.40 6.64
N LYS A 90 9.31 -6.47 6.99
CA LYS A 90 9.92 -7.52 7.78
C LYS A 90 11.04 -8.19 7.00
N ARG A 91 10.90 -8.22 5.70
CA ARG A 91 11.90 -8.74 4.77
C ARG A 91 13.10 -7.80 4.76
N VAL A 92 12.80 -6.51 4.62
CA VAL A 92 13.77 -5.47 4.63
C VAL A 92 14.53 -5.50 5.95
N GLN A 93 13.77 -5.57 7.00
CA GLN A 93 14.23 -5.63 8.36
C GLN A 93 15.05 -6.89 8.59
N ASP A 94 14.67 -7.95 7.93
CA ASP A 94 15.35 -9.22 8.04
C ASP A 94 16.70 -9.20 7.35
N SER A 95 16.75 -8.58 6.19
CA SER A 95 17.94 -8.52 5.37
C SER A 95 19.01 -7.57 5.93
N GLU A 96 18.61 -6.58 6.70
CA GLU A 96 19.58 -5.65 7.23
C GLU A 96 20.21 -6.15 8.53
N ASN A 1 -12.07 -4.54 -12.14
CA ASN A 1 -12.32 -3.97 -10.84
C ASN A 1 -11.64 -2.61 -10.74
N THR A 2 -12.42 -1.59 -10.42
CA THR A 2 -11.92 -0.22 -10.32
C THR A 2 -10.87 -0.12 -9.20
N ALA A 3 -11.12 -0.86 -8.12
CA ALA A 3 -10.31 -0.82 -6.92
C ALA A 3 -8.87 -1.19 -7.19
N THR A 4 -8.67 -2.26 -7.91
CA THR A 4 -7.35 -2.73 -8.21
C THR A 4 -6.66 -1.89 -9.26
N GLN A 5 -7.42 -1.32 -10.19
CA GLN A 5 -6.81 -0.44 -11.20
C GLN A 5 -6.33 0.84 -10.54
N ARG A 6 -7.09 1.31 -9.57
CA ARG A 6 -6.73 2.49 -8.83
C ARG A 6 -5.56 2.20 -7.89
N PHE A 7 -5.57 1.03 -7.26
CA PHE A 7 -4.51 0.68 -6.33
C PHE A 7 -3.35 -0.02 -7.03
N HIS A 8 -3.42 -0.09 -8.35
CA HIS A 8 -2.37 -0.68 -9.17
C HIS A 8 -1.15 0.22 -9.11
N GLU A 9 -1.40 1.51 -8.97
CA GLU A 9 -0.35 2.52 -8.85
C GLU A 9 0.46 2.26 -7.58
N ILE A 10 -0.23 1.91 -6.54
CA ILE A 10 0.37 1.67 -5.26
C ILE A 10 1.03 0.28 -5.26
N GLU A 11 0.42 -0.65 -5.96
CA GLU A 11 0.95 -1.99 -6.10
C GLU A 11 2.27 -1.98 -6.88
N LYS A 12 2.29 -1.26 -7.98
CA LYS A 12 3.51 -1.12 -8.80
C LYS A 12 4.60 -0.42 -7.98
N PHE A 13 4.18 0.52 -7.15
CA PHE A 13 5.07 1.25 -6.26
C PHE A 13 5.70 0.26 -5.27
N LEU A 14 4.89 -0.65 -4.75
CA LEU A 14 5.33 -1.70 -3.84
C LEU A 14 6.38 -2.58 -4.54
N LEU A 15 6.14 -2.88 -5.80
CA LEU A 15 7.07 -3.67 -6.60
C LEU A 15 8.34 -2.88 -6.75
N HIS A 16 8.16 -1.62 -7.00
CA HIS A 16 9.26 -0.66 -7.12
C HIS A 16 10.07 -0.62 -5.83
N ILE A 17 9.41 -0.72 -4.68
CA ILE A 17 10.07 -0.76 -3.37
C ILE A 17 10.97 -2.01 -3.28
N THR A 18 10.45 -3.12 -3.75
CA THR A 18 11.21 -4.36 -3.73
C THR A 18 12.43 -4.25 -4.69
N HIS A 19 12.22 -3.60 -5.83
CA HIS A 19 13.29 -3.34 -6.80
C HIS A 19 14.28 -2.33 -6.26
N GLU A 20 13.77 -1.42 -5.45
CA GLU A 20 14.55 -0.41 -4.79
C GLU A 20 15.53 -1.08 -3.83
N VAL A 21 15.04 -2.12 -3.13
CA VAL A 21 15.83 -2.91 -2.22
C VAL A 21 16.97 -3.53 -3.01
N ASP A 22 16.62 -4.10 -4.11
CA ASP A 22 17.61 -4.73 -4.99
C ASP A 22 18.66 -3.71 -5.45
N ASP A 23 18.17 -2.54 -5.80
CA ASP A 23 19.00 -1.47 -6.29
C ASP A 23 19.91 -1.00 -5.20
N LEU A 24 19.36 -0.76 -4.04
CA LEU A 24 20.10 -0.23 -2.93
C LEU A 24 21.13 -1.20 -2.46
N GLU A 25 20.81 -2.48 -2.55
CA GLU A 25 21.73 -3.52 -2.20
C GLU A 25 22.99 -3.45 -3.06
N LYS A 26 22.85 -3.07 -4.33
CA LYS A 26 24.06 -2.99 -5.17
C LYS A 26 24.60 -1.56 -5.24
N THR A 27 23.78 -0.65 -4.83
CA THR A 27 24.05 0.76 -4.91
C THR A 27 24.74 1.33 -3.64
N GLY A 28 24.34 0.88 -2.47
CA GLY A 28 24.95 1.37 -1.26
C GLY A 28 24.26 0.88 0.00
N ASN A 29 22.94 1.04 0.04
CA ASN A 29 22.03 0.59 1.14
C ASN A 29 22.44 1.20 2.46
N LYS A 30 22.98 2.41 2.40
CA LYS A 30 23.57 3.06 3.56
C LYS A 30 22.52 3.41 4.64
N ASP A 31 21.45 4.05 4.21
CA ASP A 31 20.32 4.42 5.09
C ASP A 31 19.04 4.47 4.27
N GLU A 32 19.24 4.39 2.97
CA GLU A 32 18.21 4.41 1.96
C GLU A 32 17.25 3.25 2.13
N LYS A 33 17.76 2.13 2.57
CA LYS A 33 16.96 0.96 2.78
C LYS A 33 15.95 1.20 3.89
N ALA A 34 16.42 1.72 4.99
CA ALA A 34 15.55 2.09 6.11
C ALA A 34 14.62 3.25 5.69
N ARG A 35 15.17 4.17 4.91
CA ARG A 35 14.44 5.32 4.37
C ARG A 35 13.30 4.84 3.49
N LEU A 36 13.58 3.86 2.67
CA LEU A 36 12.62 3.23 1.82
C LEU A 36 11.48 2.58 2.63
N LEU A 37 11.80 2.00 3.74
CA LEU A 37 10.80 1.47 4.62
C LEU A 37 9.93 2.58 5.19
N ARG A 38 10.53 3.70 5.39
CA ARG A 38 9.80 4.90 5.82
C ARG A 38 8.90 5.43 4.69
N GLU A 39 9.28 5.11 3.46
CA GLU A 39 8.52 5.43 2.27
C GLU A 39 7.25 4.55 2.25
N LEU A 40 7.40 3.29 2.70
CA LEU A 40 6.27 2.39 2.76
C LEU A 40 5.36 2.79 3.90
N THR A 41 5.93 3.38 4.95
CA THR A 41 5.15 3.93 6.03
C THR A 41 4.24 5.07 5.46
N VAL A 42 4.80 5.85 4.55
CA VAL A 42 4.01 6.85 3.85
C VAL A 42 2.96 6.15 2.99
N SER A 43 3.36 5.04 2.40
CA SER A 43 2.48 4.25 1.54
C SER A 43 1.26 3.73 2.31
N GLU A 44 1.49 3.19 3.48
CA GLU A 44 0.40 2.70 4.33
C GLU A 44 -0.48 3.87 4.77
N ALA A 45 0.14 5.05 4.91
CA ALA A 45 -0.55 6.24 5.35
C ALA A 45 -1.63 6.68 4.36
N PHE A 46 -1.32 6.71 3.07
CA PHE A 46 -2.36 7.10 2.12
C PHE A 46 -3.34 5.98 1.91
N ILE A 47 -2.86 4.75 2.01
CA ILE A 47 -3.73 3.59 1.95
C ILE A 47 -4.76 3.62 3.07
N GLU A 48 -4.33 3.87 4.28
CA GLU A 48 -5.25 3.90 5.39
C GLU A 48 -6.16 5.14 5.30
N GLY A 49 -5.63 6.19 4.71
CA GLY A 49 -6.41 7.38 4.46
C GLY A 49 -7.53 7.11 3.45
N SER A 50 -7.19 6.43 2.36
CA SER A 50 -8.15 6.11 1.34
C SER A 50 -9.13 5.08 1.88
N ARG A 51 -8.64 4.19 2.71
CA ARG A 51 -9.50 3.21 3.35
C ARG A 51 -10.49 3.89 4.25
N GLY A 52 -10.02 4.88 4.97
CA GLY A 52 -10.87 5.65 5.80
C GLY A 52 -11.85 6.45 4.96
N TYR A 53 -11.48 6.72 3.72
CA TYR A 53 -12.33 7.50 2.82
C TYR A 53 -13.49 6.61 2.45
N PHE A 54 -13.15 5.42 2.04
CA PHE A 54 -14.09 4.41 1.64
C PHE A 54 -15.06 4.06 2.77
N GLN A 55 -14.54 3.97 3.98
CA GLN A 55 -15.37 3.70 5.16
C GLN A 55 -16.33 4.86 5.44
N ARG A 56 -15.86 6.09 5.26
CA ARG A 56 -16.70 7.28 5.47
C ARG A 56 -17.75 7.41 4.38
N GLU A 57 -17.41 7.00 3.20
CA GLU A 57 -18.37 6.97 2.10
C GLU A 57 -19.41 5.90 2.32
N LEU A 58 -18.97 4.78 2.86
CA LEU A 58 -19.87 3.67 3.18
C LEU A 58 -20.83 4.06 4.31
N LYS A 59 -20.50 5.14 4.99
CA LYS A 59 -21.26 5.65 6.09
C LYS A 59 -22.44 6.51 5.57
N ARG A 60 -22.38 6.91 4.29
CA ARG A 60 -23.39 7.78 3.69
C ARG A 60 -24.74 7.10 3.50
N THR A 61 -24.74 5.79 3.21
CA THR A 61 -25.96 4.97 3.05
C THR A 61 -26.72 5.17 1.68
N ASP A 62 -26.51 6.32 1.02
CA ASP A 62 -27.18 6.64 -0.29
C ASP A 62 -26.71 5.70 -1.41
N LEU A 63 -25.62 5.04 -1.13
CA LEU A 63 -24.99 4.02 -1.91
C LEU A 63 -25.92 2.92 -2.19
N ASP A 64 -25.44 2.12 -3.01
CA ASP A 64 -26.05 0.92 -3.40
C ASP A 64 -24.96 -0.10 -3.24
N LEU A 65 -25.21 -1.33 -3.59
CA LEU A 65 -24.21 -2.37 -3.50
C LEU A 65 -23.04 -2.03 -4.39
N LEU A 66 -23.33 -1.31 -5.45
CA LEU A 66 -22.34 -0.90 -6.43
C LEU A 66 -21.26 -0.05 -5.82
N GLU A 67 -21.68 0.91 -5.09
CA GLU A 67 -20.79 1.82 -4.47
C GLU A 67 -20.09 1.12 -3.36
N LYS A 68 -20.88 0.46 -2.57
CA LYS A 68 -20.45 -0.28 -1.42
C LYS A 68 -19.40 -1.29 -1.79
N PHE A 69 -19.63 -1.99 -2.87
CA PHE A 69 -18.75 -3.04 -3.27
C PHE A 69 -17.42 -2.47 -3.71
N ASN A 70 -17.45 -1.30 -4.28
CA ASN A 70 -16.29 -0.66 -4.84
C ASN A 70 -15.41 -0.16 -3.72
N PHE A 71 -16.04 0.38 -2.69
CA PHE A 71 -15.31 0.96 -1.58
C PHE A 71 -14.79 -0.14 -0.72
N GLU A 72 -15.63 -1.14 -0.51
CA GLU A 72 -15.31 -2.28 0.31
C GLU A 72 -14.22 -3.04 -0.42
N ALA A 73 -14.27 -3.03 -1.76
CA ALA A 73 -13.25 -3.74 -2.51
C ALA A 73 -11.93 -3.04 -2.35
N ALA A 74 -11.96 -1.74 -2.48
CA ALA A 74 -10.77 -0.94 -2.43
C ALA A 74 -10.16 -0.92 -1.05
N LEU A 75 -10.96 -0.77 -0.02
CA LEU A 75 -10.42 -0.70 1.32
C LEU A 75 -9.77 -2.02 1.72
N ALA A 76 -10.33 -3.13 1.24
CA ALA A 76 -9.74 -4.43 1.52
C ALA A 76 -8.48 -4.63 0.70
N THR A 77 -8.44 -4.02 -0.49
CA THR A 77 -7.29 -4.14 -1.36
C THR A 77 -6.13 -3.42 -0.70
N GLY A 78 -6.47 -2.26 -0.13
CA GLY A 78 -5.52 -1.45 0.54
C GLY A 78 -4.92 -2.15 1.73
N ASP A 79 -5.75 -2.81 2.53
CA ASP A 79 -5.27 -3.49 3.74
C ASP A 79 -4.36 -4.64 3.37
N LEU A 80 -4.74 -5.37 2.33
CA LEU A 80 -3.97 -6.50 1.90
C LEU A 80 -2.60 -6.11 1.36
N LEU A 81 -2.55 -5.06 0.57
CA LEU A 81 -1.25 -4.58 0.11
C LEU A 81 -0.50 -3.88 1.27
N LEU A 82 -1.24 -3.32 2.23
CA LEU A 82 -0.65 -2.60 3.37
C LEU A 82 0.10 -3.59 4.20
N LYS A 83 -0.53 -4.70 4.46
CA LYS A 83 0.07 -5.73 5.19
C LYS A 83 1.19 -6.35 4.35
N ASP A 84 1.00 -6.34 3.02
CA ASP A 84 2.01 -6.88 2.12
C ASP A 84 3.28 -6.00 2.15
N LEU A 85 3.07 -4.67 2.32
CA LEU A 85 4.15 -3.71 2.52
C LEU A 85 4.94 -4.09 3.76
N LYS A 86 4.22 -4.37 4.83
CA LYS A 86 4.82 -4.72 6.09
C LYS A 86 5.49 -6.08 6.08
N ALA A 87 5.03 -6.96 5.23
CA ALA A 87 5.63 -8.27 5.11
C ALA A 87 6.99 -8.14 4.48
N LEU A 88 7.08 -7.30 3.45
CA LEU A 88 8.33 -7.08 2.78
C LEU A 88 9.21 -6.29 3.71
N GLN A 89 8.59 -5.41 4.49
CA GLN A 89 9.29 -4.61 5.48
C GLN A 89 9.97 -5.51 6.47
N LYS A 90 9.31 -6.56 6.89
CA LYS A 90 9.93 -7.50 7.80
C LYS A 90 11.10 -8.21 7.13
N ARG A 91 10.96 -8.48 5.84
CA ARG A 91 12.02 -9.12 5.07
C ARG A 91 13.20 -8.18 4.94
N VAL A 92 12.90 -6.94 4.64
CA VAL A 92 13.91 -5.93 4.50
C VAL A 92 14.57 -5.64 5.85
N GLN A 93 13.76 -5.61 6.90
CA GLN A 93 14.24 -5.47 8.26
C GLN A 93 15.16 -6.58 8.61
N ASP A 94 14.85 -7.77 8.15
CA ASP A 94 15.68 -8.90 8.44
C ASP A 94 16.92 -8.91 7.61
N SER A 95 16.92 -8.16 6.54
CA SER A 95 18.07 -8.01 5.73
C SER A 95 19.05 -7.05 6.43
N GLU A 96 18.51 -6.16 7.26
CA GLU A 96 19.31 -5.23 8.03
C GLU A 96 19.34 -5.69 9.48
N ASN A 1 -14.05 -3.41 -10.28
CA ASN A 1 -12.58 -3.29 -10.28
C ASN A 1 -12.15 -1.82 -10.20
N THR A 2 -13.10 -0.92 -9.97
CA THR A 2 -12.80 0.51 -9.88
C THR A 2 -11.87 0.78 -8.68
N ALA A 3 -12.09 0.02 -7.62
CA ALA A 3 -11.27 0.09 -6.41
C ALA A 3 -9.87 -0.40 -6.71
N THR A 4 -9.80 -1.52 -7.37
CA THR A 4 -8.57 -2.18 -7.72
C THR A 4 -7.73 -1.28 -8.62
N GLN A 5 -8.40 -0.62 -9.55
CA GLN A 5 -7.78 0.30 -10.49
C GLN A 5 -7.10 1.46 -9.75
N ARG A 6 -7.72 1.89 -8.67
CA ARG A 6 -7.19 2.95 -7.86
C ARG A 6 -6.02 2.44 -7.02
N PHE A 7 -6.15 1.22 -6.50
CA PHE A 7 -5.13 0.68 -5.61
C PHE A 7 -3.99 0.03 -6.36
N HIS A 8 -4.13 -0.02 -7.66
CA HIS A 8 -3.13 -0.57 -8.54
C HIS A 8 -1.89 0.33 -8.56
N GLU A 9 -2.08 1.62 -8.30
CA GLU A 9 -0.95 2.53 -8.25
C GLU A 9 -0.16 2.29 -6.97
N ILE A 10 -0.83 1.85 -5.95
CA ILE A 10 -0.21 1.55 -4.69
C ILE A 10 0.50 0.20 -4.80
N GLU A 11 -0.11 -0.70 -5.55
CA GLU A 11 0.51 -1.99 -5.91
C GLU A 11 1.82 -1.69 -6.67
N LYS A 12 1.75 -0.68 -7.52
CA LYS A 12 2.87 -0.18 -8.28
C LYS A 12 4.00 0.30 -7.33
N PHE A 13 3.61 0.94 -6.23
CA PHE A 13 4.55 1.33 -5.19
C PHE A 13 5.27 0.13 -4.62
N LEU A 14 4.53 -0.94 -4.32
CA LEU A 14 5.14 -2.18 -3.76
C LEU A 14 6.20 -2.73 -4.69
N LEU A 15 5.93 -2.68 -5.97
CA LEU A 15 6.88 -3.15 -6.97
C LEU A 15 8.11 -2.28 -6.90
N HIS A 16 7.86 -1.00 -6.86
CA HIS A 16 8.88 0.04 -6.77
C HIS A 16 9.75 -0.09 -5.52
N ILE A 17 9.13 -0.32 -4.38
CA ILE A 17 9.83 -0.46 -3.14
C ILE A 17 10.76 -1.66 -3.19
N THR A 18 10.25 -2.78 -3.68
CA THR A 18 11.05 -3.99 -3.78
C THR A 18 12.23 -3.79 -4.76
N HIS A 19 11.96 -3.13 -5.90
CA HIS A 19 13.00 -2.85 -6.89
C HIS A 19 14.07 -1.96 -6.28
N GLU A 20 13.64 -1.03 -5.48
CA GLU A 20 14.53 -0.16 -4.79
C GLU A 20 15.32 -0.84 -3.71
N VAL A 21 14.75 -1.87 -3.10
CA VAL A 21 15.44 -2.65 -2.08
C VAL A 21 16.66 -3.31 -2.75
N ASP A 22 16.44 -3.76 -3.97
CA ASP A 22 17.52 -4.32 -4.77
C ASP A 22 18.57 -3.26 -5.07
N ASP A 23 18.07 -2.11 -5.47
CA ASP A 23 18.89 -1.02 -5.86
C ASP A 23 19.73 -0.57 -4.71
N LEU A 24 19.12 -0.45 -3.54
CA LEU A 24 19.80 0.04 -2.37
C LEU A 24 20.88 -0.88 -1.96
N GLU A 25 20.65 -2.15 -2.15
CA GLU A 25 21.60 -3.16 -1.82
C GLU A 25 22.87 -2.97 -2.67
N LYS A 26 22.67 -2.52 -3.90
CA LYS A 26 23.80 -2.31 -4.80
C LYS A 26 24.36 -0.92 -4.62
N THR A 27 23.48 -0.03 -4.37
CA THR A 27 23.74 1.36 -4.11
C THR A 27 24.47 1.58 -2.74
N GLY A 28 24.55 0.55 -1.91
CA GLY A 28 25.31 0.69 -0.67
C GLY A 28 24.54 0.37 0.59
N ASN A 29 23.25 0.75 0.62
CA ASN A 29 22.33 0.46 1.73
C ASN A 29 22.67 1.31 2.96
N LYS A 30 23.41 2.38 2.73
CA LYS A 30 23.95 3.19 3.80
C LYS A 30 22.86 3.94 4.59
N ASP A 31 21.95 4.57 3.88
CA ASP A 31 20.82 5.29 4.48
C ASP A 31 19.52 4.86 3.78
N GLU A 32 19.70 4.30 2.62
CA GLU A 32 18.67 3.95 1.67
C GLU A 32 17.67 2.99 2.25
N LYS A 33 18.12 2.08 3.08
CA LYS A 33 17.23 1.05 3.59
C LYS A 33 16.18 1.67 4.47
N ALA A 34 16.62 2.46 5.38
CA ALA A 34 15.73 3.13 6.31
C ALA A 34 14.92 4.18 5.58
N ARG A 35 15.53 4.79 4.60
CA ARG A 35 14.91 5.82 3.82
C ARG A 35 13.75 5.23 3.00
N LEU A 36 14.01 4.12 2.32
CA LEU A 36 13.00 3.51 1.51
C LEU A 36 11.88 2.91 2.39
N LEU A 37 12.26 2.40 3.54
CA LEU A 37 11.30 1.86 4.48
C LEU A 37 10.36 2.94 4.97
N ARG A 38 10.86 4.14 5.07
CA ARG A 38 10.04 5.26 5.47
C ARG A 38 9.05 5.58 4.36
N GLU A 39 9.50 5.45 3.12
CA GLU A 39 8.65 5.66 1.97
C GLU A 39 7.49 4.64 1.93
N LEU A 40 7.74 3.40 2.35
CA LEU A 40 6.66 2.43 2.37
C LEU A 40 5.68 2.77 3.47
N THR A 41 6.20 3.32 4.54
CA THR A 41 5.42 3.77 5.66
C THR A 41 4.49 4.95 5.21
N VAL A 42 5.01 5.78 4.32
CA VAL A 42 4.23 6.86 3.74
C VAL A 42 3.14 6.26 2.82
N SER A 43 3.53 5.26 2.03
CA SER A 43 2.60 4.56 1.12
C SER A 43 1.51 3.86 1.91
N GLU A 44 1.91 3.47 3.05
CA GLU A 44 1.11 2.76 4.01
C GLU A 44 0.03 3.73 4.51
N ALA A 45 0.45 4.98 4.65
CA ALA A 45 -0.42 6.05 5.09
C ALA A 45 -1.44 6.44 3.99
N PHE A 46 -1.09 6.24 2.70
CA PHE A 46 -2.09 6.50 1.63
C PHE A 46 -3.23 5.53 1.80
N ILE A 47 -2.86 4.28 2.12
CA ILE A 47 -3.87 3.25 2.40
C ILE A 47 -4.75 3.66 3.58
N GLU A 48 -4.12 4.16 4.64
CA GLU A 48 -4.85 4.64 5.82
C GLU A 48 -5.86 5.73 5.47
N GLY A 49 -5.43 6.67 4.65
CA GLY A 49 -6.32 7.72 4.21
C GLY A 49 -7.44 7.19 3.36
N SER A 50 -7.11 6.22 2.53
CA SER A 50 -8.06 5.61 1.66
C SER A 50 -9.06 4.79 2.47
N ARG A 51 -8.60 4.21 3.57
CA ARG A 51 -9.48 3.42 4.40
C ARG A 51 -10.50 4.31 5.05
N GLY A 52 -10.06 5.46 5.48
CA GLY A 52 -10.95 6.42 6.02
C GLY A 52 -11.92 6.91 4.96
N TYR A 53 -11.44 6.96 3.73
CA TYR A 53 -12.18 7.53 2.61
C TYR A 53 -13.35 6.64 2.26
N PHE A 54 -13.04 5.39 2.07
CA PHE A 54 -14.00 4.42 1.67
C PHE A 54 -15.02 4.18 2.74
N GLN A 55 -14.56 4.18 3.98
CA GLN A 55 -15.44 4.07 5.12
C GLN A 55 -16.45 5.24 5.13
N ARG A 56 -16.00 6.45 4.78
CA ARG A 56 -16.90 7.61 4.70
C ARG A 56 -17.85 7.47 3.53
N GLU A 57 -17.32 7.07 2.40
CA GLU A 57 -18.15 6.86 1.21
C GLU A 57 -19.19 5.79 1.41
N LEU A 58 -18.90 4.84 2.26
CA LEU A 58 -19.82 3.78 2.56
C LEU A 58 -21.09 4.31 3.30
N LYS A 59 -21.02 5.54 3.84
CA LYS A 59 -22.18 6.13 4.56
C LYS A 59 -23.00 7.04 3.62
N ARG A 60 -22.50 7.23 2.39
CA ARG A 60 -22.93 8.23 1.38
C ARG A 60 -24.44 8.26 1.11
N THR A 61 -25.14 7.19 1.44
CA THR A 61 -26.58 7.04 1.18
C THR A 61 -26.82 6.75 -0.31
N ASP A 62 -26.17 7.49 -1.19
CA ASP A 62 -26.30 7.27 -2.61
C ASP A 62 -25.21 6.34 -3.12
N LEU A 63 -25.42 5.10 -2.79
CA LEU A 63 -24.57 3.99 -3.15
C LEU A 63 -25.43 2.77 -3.02
N ASP A 64 -25.11 1.79 -3.75
CA ASP A 64 -25.80 0.55 -3.68
C ASP A 64 -24.70 -0.49 -3.47
N LEU A 65 -24.99 -1.74 -3.73
CA LEU A 65 -24.03 -2.81 -3.57
C LEU A 65 -22.81 -2.59 -4.46
N LEU A 66 -23.01 -1.95 -5.58
CA LEU A 66 -21.95 -1.71 -6.56
C LEU A 66 -20.86 -0.83 -5.99
N GLU A 67 -21.27 0.24 -5.40
CA GLU A 67 -20.36 1.16 -4.80
C GLU A 67 -19.76 0.55 -3.56
N LYS A 68 -20.65 -0.03 -2.78
CA LYS A 68 -20.34 -0.68 -1.52
C LYS A 68 -19.28 -1.72 -1.74
N PHE A 69 -19.42 -2.45 -2.83
CA PHE A 69 -18.53 -3.54 -3.09
C PHE A 69 -17.12 -3.06 -3.33
N ASN A 70 -16.99 -1.94 -3.99
CA ASN A 70 -15.71 -1.35 -4.32
C ASN A 70 -15.07 -0.74 -3.11
N PHE A 71 -15.87 -0.21 -2.21
CA PHE A 71 -15.33 0.36 -0.99
C PHE A 71 -14.77 -0.74 -0.14
N GLU A 72 -15.55 -1.81 -0.03
CA GLU A 72 -15.13 -2.94 0.71
C GLU A 72 -13.98 -3.60 -0.01
N ALA A 73 -14.01 -3.51 -1.36
CA ALA A 73 -12.95 -4.12 -2.15
C ALA A 73 -11.65 -3.40 -1.91
N ALA A 74 -11.72 -2.10 -1.91
CA ALA A 74 -10.57 -1.26 -1.68
C ALA A 74 -10.03 -1.46 -0.28
N LEU A 75 -10.92 -1.56 0.69
CA LEU A 75 -10.51 -1.80 2.07
C LEU A 75 -9.73 -3.10 2.17
N ALA A 76 -10.20 -4.12 1.47
CA ALA A 76 -9.55 -5.40 1.49
C ALA A 76 -8.26 -5.35 0.72
N THR A 77 -8.25 -4.57 -0.36
CA THR A 77 -7.08 -4.45 -1.18
C THR A 77 -5.98 -3.76 -0.38
N GLY A 78 -6.37 -2.71 0.31
CA GLY A 78 -5.45 -1.97 1.12
C GLY A 78 -4.95 -2.80 2.25
N ASP A 79 -5.84 -3.54 2.87
CA ASP A 79 -5.51 -4.39 4.03
C ASP A 79 -4.46 -5.41 3.69
N LEU A 80 -4.66 -6.12 2.60
CA LEU A 80 -3.76 -7.19 2.24
C LEU A 80 -2.40 -6.64 1.87
N LEU A 81 -2.38 -5.58 1.07
CA LEU A 81 -1.12 -5.03 0.66
C LEU A 81 -0.44 -4.32 1.81
N LEU A 82 -1.23 -3.79 2.76
CA LEU A 82 -0.65 -3.07 3.88
C LEU A 82 0.07 -4.08 4.75
N LYS A 83 -0.56 -5.20 4.91
CA LYS A 83 -0.01 -6.28 5.65
C LYS A 83 1.11 -6.91 4.87
N ASP A 84 1.00 -6.86 3.54
CA ASP A 84 2.05 -7.38 2.67
C ASP A 84 3.29 -6.51 2.80
N LEU A 85 3.05 -5.18 2.90
CA LEU A 85 4.09 -4.18 3.17
C LEU A 85 4.83 -4.56 4.42
N LYS A 86 4.09 -4.86 5.46
CA LYS A 86 4.65 -5.23 6.76
C LYS A 86 5.51 -6.50 6.66
N ALA A 87 5.06 -7.44 5.86
CA ALA A 87 5.78 -8.69 5.69
C ALA A 87 7.06 -8.47 4.92
N LEU A 88 6.97 -7.68 3.87
CA LEU A 88 8.13 -7.40 3.07
C LEU A 88 9.05 -6.52 3.87
N GLN A 89 8.48 -5.66 4.70
CA GLN A 89 9.21 -4.73 5.56
C GLN A 89 10.09 -5.52 6.49
N LYS A 90 9.58 -6.58 7.06
CA LYS A 90 10.39 -7.44 7.93
C LYS A 90 11.49 -8.13 7.11
N ARG A 91 11.16 -8.46 5.87
CA ARG A 91 12.09 -9.05 4.95
C ARG A 91 13.18 -8.04 4.60
N VAL A 92 12.77 -6.81 4.39
CA VAL A 92 13.68 -5.77 4.07
C VAL A 92 14.52 -5.39 5.28
N GLN A 93 13.90 -5.40 6.46
CA GLN A 93 14.58 -5.16 7.73
C GLN A 93 15.79 -6.02 7.84
N ASP A 94 15.64 -7.29 7.52
CA ASP A 94 16.78 -8.12 7.64
C ASP A 94 17.60 -8.10 6.37
N SER A 95 16.93 -8.33 5.24
CA SER A 95 17.45 -8.38 3.85
C SER A 95 18.50 -9.47 3.56
N GLU A 96 19.21 -9.87 4.59
CA GLU A 96 20.32 -10.81 4.53
C GLU A 96 21.44 -10.20 3.71
N ASN A 1 -11.99 -4.26 -11.84
CA ASN A 1 -13.01 -3.48 -11.13
C ASN A 1 -12.37 -2.24 -10.57
N THR A 2 -13.17 -1.35 -10.06
CA THR A 2 -12.72 -0.05 -9.62
C THR A 2 -11.69 -0.09 -8.48
N ALA A 3 -11.98 -0.85 -7.44
CA ALA A 3 -11.15 -0.92 -6.23
C ALA A 3 -9.69 -1.33 -6.52
N THR A 4 -9.52 -2.36 -7.29
CA THR A 4 -8.21 -2.88 -7.58
C THR A 4 -7.47 -2.01 -8.57
N GLN A 5 -8.19 -1.45 -9.51
CA GLN A 5 -7.61 -0.54 -10.48
C GLN A 5 -7.18 0.75 -9.83
N ARG A 6 -7.95 1.19 -8.85
CA ARG A 6 -7.65 2.36 -8.06
C ARG A 6 -6.42 2.11 -7.19
N PHE A 7 -6.26 0.89 -6.71
CA PHE A 7 -5.13 0.57 -5.88
C PHE A 7 -3.98 -0.03 -6.66
N HIS A 8 -4.03 0.10 -7.98
CA HIS A 8 -2.93 -0.39 -8.79
C HIS A 8 -1.74 0.54 -8.62
N GLU A 9 -2.01 1.80 -8.34
CA GLU A 9 -0.97 2.79 -8.14
C GLU A 9 -0.11 2.44 -6.93
N ILE A 10 -0.74 1.98 -5.88
CA ILE A 10 -0.01 1.61 -4.71
C ILE A 10 0.64 0.23 -4.91
N GLU A 11 -0.03 -0.67 -5.63
CA GLU A 11 0.53 -1.99 -5.86
C GLU A 11 1.81 -1.89 -6.73
N LYS A 12 1.76 -1.01 -7.74
CA LYS A 12 2.92 -0.78 -8.61
C LYS A 12 4.06 -0.14 -7.81
N PHE A 13 3.67 0.74 -6.89
CA PHE A 13 4.61 1.42 -6.05
C PHE A 13 5.28 0.43 -5.10
N LEU A 14 4.51 -0.53 -4.62
CA LEU A 14 4.99 -1.57 -3.75
C LEU A 14 6.06 -2.39 -4.49
N LEU A 15 5.85 -2.58 -5.79
CA LEU A 15 6.83 -3.27 -6.62
C LEU A 15 8.07 -2.43 -6.69
N HIS A 16 7.83 -1.15 -6.88
CA HIS A 16 8.90 -0.17 -6.92
C HIS A 16 9.68 -0.15 -5.61
N ILE A 17 8.99 -0.28 -4.48
CA ILE A 17 9.64 -0.31 -3.16
C ILE A 17 10.58 -1.51 -3.09
N THR A 18 10.10 -2.66 -3.53
CA THR A 18 10.90 -3.87 -3.53
C THR A 18 12.13 -3.70 -4.46
N HIS A 19 11.91 -3.15 -5.63
CA HIS A 19 12.99 -2.92 -6.58
C HIS A 19 13.94 -1.83 -6.13
N GLU A 20 13.42 -0.87 -5.40
CA GLU A 20 14.18 0.18 -4.80
C GLU A 20 15.13 -0.45 -3.78
N VAL A 21 14.66 -1.57 -3.14
CA VAL A 21 15.46 -2.34 -2.19
C VAL A 21 16.63 -2.88 -2.93
N ASP A 22 16.32 -3.51 -4.06
CA ASP A 22 17.31 -4.12 -4.92
C ASP A 22 18.38 -3.12 -5.30
N ASP A 23 17.92 -1.94 -5.61
CA ASP A 23 18.73 -0.92 -6.12
C ASP A 23 19.58 -0.35 -5.03
N LEU A 24 19.00 -0.09 -3.89
CA LEU A 24 19.74 0.47 -2.79
C LEU A 24 20.75 -0.54 -2.25
N GLU A 25 20.34 -1.80 -2.30
CA GLU A 25 21.11 -2.90 -1.79
C GLU A 25 22.43 -3.02 -2.55
N LYS A 26 22.39 -2.84 -3.88
CA LYS A 26 23.60 -2.94 -4.73
C LYS A 26 24.36 -1.62 -4.74
N THR A 27 23.68 -0.63 -4.26
CA THR A 27 24.15 0.71 -4.17
C THR A 27 25.01 0.92 -2.91
N GLY A 28 24.66 0.24 -1.85
CA GLY A 28 25.45 0.32 -0.66
C GLY A 28 24.59 0.22 0.54
N ASN A 29 23.50 0.97 0.52
CA ASN A 29 22.51 0.98 1.58
C ASN A 29 23.08 1.59 2.87
N LYS A 30 23.47 2.83 2.77
CA LYS A 30 23.93 3.51 3.96
C LYS A 30 22.77 3.84 4.89
N ASP A 31 21.73 4.44 4.34
CA ASP A 31 20.54 4.82 5.12
C ASP A 31 19.32 4.54 4.30
N GLU A 32 19.55 4.04 3.11
CA GLU A 32 18.52 3.85 2.11
C GLU A 32 17.49 2.85 2.54
N LYS A 33 17.93 1.81 3.22
CA LYS A 33 17.02 0.77 3.70
C LYS A 33 16.03 1.37 4.66
N ALA A 34 16.55 2.10 5.60
CA ALA A 34 15.76 2.77 6.60
C ALA A 34 14.84 3.79 5.95
N ARG A 35 15.40 4.55 5.02
CA ARG A 35 14.63 5.54 4.26
C ARG A 35 13.51 4.89 3.50
N LEU A 36 13.81 3.82 2.82
CA LEU A 36 12.87 3.14 2.03
C LEU A 36 11.75 2.52 2.89
N LEU A 37 12.12 1.99 4.02
CA LEU A 37 11.13 1.40 4.88
C LEU A 37 10.25 2.45 5.50
N ARG A 38 10.82 3.60 5.76
CA ARG A 38 10.03 4.74 6.26
C ARG A 38 9.12 5.25 5.15
N GLU A 39 9.60 5.13 3.91
CA GLU A 39 8.88 5.49 2.71
C GLU A 39 7.61 4.63 2.59
N LEU A 40 7.75 3.34 2.85
CA LEU A 40 6.61 2.45 2.80
C LEU A 40 5.69 2.69 3.96
N THR A 41 6.25 3.14 5.06
CA THR A 41 5.47 3.50 6.23
C THR A 41 4.54 4.71 5.86
N VAL A 42 5.08 5.62 5.08
CA VAL A 42 4.29 6.72 4.55
C VAL A 42 3.26 6.16 3.56
N SER A 43 3.70 5.17 2.79
CA SER A 43 2.88 4.53 1.79
C SER A 43 1.65 3.84 2.39
N GLU A 44 1.86 3.10 3.45
CA GLU A 44 0.77 2.43 4.14
C GLU A 44 -0.15 3.48 4.75
N ALA A 45 0.42 4.62 5.11
CA ALA A 45 -0.34 5.70 5.68
C ALA A 45 -1.33 6.31 4.69
N PHE A 46 -0.89 6.58 3.46
CA PHE A 46 -1.83 7.19 2.51
C PHE A 46 -2.83 6.19 1.97
N ILE A 47 -2.41 4.94 1.85
CA ILE A 47 -3.30 3.90 1.39
C ILE A 47 -4.39 3.69 2.47
N GLU A 48 -4.01 3.86 3.73
CA GLU A 48 -4.96 3.80 4.80
C GLU A 48 -5.92 5.01 4.71
N GLY A 49 -5.38 6.12 4.26
CA GLY A 49 -6.16 7.33 4.07
C GLY A 49 -7.19 7.18 2.97
N SER A 50 -6.79 6.56 1.87
CA SER A 50 -7.70 6.36 0.77
C SER A 50 -8.76 5.33 1.16
N ARG A 51 -8.36 4.38 2.01
CA ARG A 51 -9.32 3.43 2.52
C ARG A 51 -10.29 4.12 3.43
N GLY A 52 -9.76 5.01 4.24
CA GLY A 52 -10.56 5.80 5.12
C GLY A 52 -11.52 6.67 4.35
N TYR A 53 -11.15 6.99 3.11
CA TYR A 53 -11.98 7.81 2.26
C TYR A 53 -13.19 7.01 1.86
N PHE A 54 -12.93 5.78 1.46
CA PHE A 54 -13.96 4.85 1.09
C PHE A 54 -14.91 4.59 2.26
N GLN A 55 -14.33 4.48 3.43
CA GLN A 55 -15.08 4.29 4.66
C GLN A 55 -16.02 5.48 4.91
N ARG A 56 -15.57 6.70 4.57
CA ARG A 56 -16.43 7.89 4.71
C ARG A 56 -17.54 7.88 3.67
N GLU A 57 -17.20 7.47 2.47
CA GLU A 57 -18.16 7.42 1.36
C GLU A 57 -19.21 6.35 1.61
N LEU A 58 -18.81 5.31 2.34
CA LEU A 58 -19.68 4.19 2.76
C LEU A 58 -20.80 4.73 3.64
N LYS A 59 -20.54 5.88 4.23
CA LYS A 59 -21.46 6.49 5.15
C LYS A 59 -22.45 7.39 4.40
N ARG A 60 -22.25 7.57 3.09
CA ARG A 60 -23.17 8.38 2.28
C ARG A 60 -24.50 7.69 2.18
N THR A 61 -24.47 6.43 1.71
CA THR A 61 -25.65 5.58 1.51
C THR A 61 -26.42 6.02 0.22
N ASP A 62 -25.84 6.99 -0.48
CA ASP A 62 -26.38 7.51 -1.75
C ASP A 62 -26.25 6.52 -2.88
N LEU A 63 -25.29 5.65 -2.76
CA LEU A 63 -24.96 4.68 -3.72
C LEU A 63 -25.59 3.36 -3.39
N ASP A 64 -25.30 2.43 -4.22
CA ASP A 64 -25.91 1.13 -4.18
C ASP A 64 -24.89 0.15 -3.71
N LEU A 65 -25.09 -1.11 -4.01
CA LEU A 65 -24.14 -2.14 -3.64
C LEU A 65 -22.80 -1.82 -4.23
N LEU A 66 -22.84 -1.12 -5.35
CA LEU A 66 -21.65 -0.66 -6.02
C LEU A 66 -20.76 0.14 -5.10
N GLU A 67 -21.34 0.93 -4.20
CA GLU A 67 -20.50 1.61 -3.26
C GLU A 67 -19.92 0.62 -2.30
N LYS A 68 -20.82 -0.12 -1.69
CA LYS A 68 -20.46 -1.07 -0.64
C LYS A 68 -19.45 -2.06 -1.11
N PHE A 69 -19.64 -2.55 -2.30
CA PHE A 69 -18.76 -3.53 -2.83
C PHE A 69 -17.39 -2.96 -3.11
N ASN A 70 -17.36 -1.72 -3.50
CA ASN A 70 -16.14 -1.06 -3.92
C ASN A 70 -15.30 -0.78 -2.71
N PHE A 71 -15.95 -0.44 -1.61
CA PHE A 71 -15.24 -0.09 -0.41
C PHE A 71 -14.75 -1.32 0.23
N GLU A 72 -15.59 -2.34 0.31
CA GLU A 72 -15.18 -3.57 0.89
C GLU A 72 -14.12 -4.19 0.03
N ALA A 73 -14.23 -3.96 -1.30
CA ALA A 73 -13.22 -4.52 -2.18
C ALA A 73 -11.88 -3.82 -2.00
N ALA A 74 -11.93 -2.51 -1.90
CA ALA A 74 -10.74 -1.69 -1.72
C ALA A 74 -10.16 -1.88 -0.33
N LEU A 75 -11.01 -2.07 0.65
CA LEU A 75 -10.55 -2.33 2.01
C LEU A 75 -9.77 -3.61 2.05
N ALA A 76 -10.22 -4.60 1.31
CA ALA A 76 -9.56 -5.88 1.29
C ALA A 76 -8.28 -5.78 0.51
N THR A 77 -8.34 -5.07 -0.60
CA THR A 77 -7.20 -4.91 -1.43
C THR A 77 -6.12 -4.13 -0.68
N GLY A 78 -6.55 -3.05 -0.06
CA GLY A 78 -5.68 -2.18 0.65
C GLY A 78 -5.10 -2.78 1.89
N ASP A 79 -5.90 -3.53 2.62
CA ASP A 79 -5.44 -4.16 3.86
C ASP A 79 -4.43 -5.25 3.54
N LEU A 80 -4.72 -6.03 2.52
CA LEU A 80 -3.82 -7.11 2.13
C LEU A 80 -2.49 -6.58 1.62
N LEU A 81 -2.52 -5.54 0.80
CA LEU A 81 -1.28 -4.94 0.35
C LEU A 81 -0.59 -4.21 1.49
N LEU A 82 -1.38 -3.69 2.46
CA LEU A 82 -0.82 -2.96 3.59
C LEU A 82 -0.04 -3.94 4.42
N LYS A 83 -0.61 -5.12 4.55
CA LYS A 83 0.02 -6.21 5.20
C LYS A 83 1.24 -6.60 4.40
N ASP A 84 1.14 -6.44 3.08
CA ASP A 84 2.23 -6.83 2.22
C ASP A 84 3.40 -5.85 2.36
N LEU A 85 3.10 -4.54 2.55
CA LEU A 85 4.15 -3.53 2.86
C LEU A 85 4.89 -3.96 4.12
N LYS A 86 4.14 -4.35 5.13
CA LYS A 86 4.69 -4.74 6.42
C LYS A 86 5.50 -6.02 6.32
N ALA A 87 4.97 -6.98 5.57
CA ALA A 87 5.60 -8.27 5.42
C ALA A 87 6.86 -8.15 4.60
N LEU A 88 6.80 -7.34 3.55
CA LEU A 88 7.94 -7.16 2.72
C LEU A 88 8.98 -6.41 3.51
N GLN A 89 8.52 -5.50 4.37
CA GLN A 89 9.40 -4.75 5.24
C GLN A 89 10.19 -5.66 6.16
N LYS A 90 9.57 -6.71 6.65
CA LYS A 90 10.29 -7.66 7.49
C LYS A 90 11.34 -8.39 6.64
N ARG A 91 10.99 -8.67 5.40
CA ARG A 91 11.91 -9.29 4.46
C ARG A 91 13.03 -8.33 4.11
N VAL A 92 12.67 -7.10 3.92
CA VAL A 92 13.60 -6.08 3.60
C VAL A 92 14.54 -5.78 4.80
N GLN A 93 13.96 -5.83 6.00
CA GLN A 93 14.72 -5.73 7.26
C GLN A 93 15.66 -6.91 7.38
N ASP A 94 15.19 -8.04 6.90
CA ASP A 94 15.93 -9.29 6.93
C ASP A 94 17.15 -9.20 6.03
N SER A 95 16.98 -8.50 4.92
CA SER A 95 18.02 -8.27 3.94
C SER A 95 19.19 -7.43 4.55
N GLU A 96 18.88 -6.65 5.61
CA GLU A 96 19.85 -5.83 6.36
C GLU A 96 20.31 -4.61 5.57
N ASN A 1 -12.01 -5.52 -10.82
CA ASN A 1 -11.02 -4.74 -11.56
C ASN A 1 -10.97 -3.25 -11.14
N THR A 2 -12.03 -2.71 -10.55
CA THR A 2 -12.04 -1.28 -10.24
C THR A 2 -11.08 -0.94 -9.08
N ALA A 3 -11.12 -1.73 -8.03
CA ALA A 3 -10.32 -1.49 -6.85
C ALA A 3 -8.85 -1.70 -7.14
N THR A 4 -8.56 -2.70 -7.91
CA THR A 4 -7.22 -2.99 -8.25
C THR A 4 -6.65 -1.95 -9.21
N GLN A 5 -7.51 -1.42 -10.07
CA GLN A 5 -7.11 -0.36 -10.98
C GLN A 5 -6.82 0.92 -10.21
N ARG A 6 -7.64 1.21 -9.20
CA ARG A 6 -7.48 2.43 -8.41
C ARG A 6 -6.34 2.30 -7.40
N PHE A 7 -5.92 1.06 -7.12
CA PHE A 7 -4.82 0.84 -6.21
C PHE A 7 -3.59 0.32 -6.94
N HIS A 8 -3.62 0.41 -8.26
CA HIS A 8 -2.53 -0.09 -9.09
C HIS A 8 -1.30 0.80 -8.94
N GLU A 9 -1.54 2.06 -8.63
CA GLU A 9 -0.48 3.01 -8.35
C GLU A 9 0.33 2.53 -7.14
N ILE A 10 -0.40 2.05 -6.14
CA ILE A 10 0.19 1.56 -4.92
C ILE A 10 0.97 0.27 -5.22
N GLU A 11 0.46 -0.52 -6.15
CA GLU A 11 1.15 -1.73 -6.57
C GLU A 11 2.53 -1.37 -7.16
N LYS A 12 2.60 -0.25 -7.87
CA LYS A 12 3.88 0.23 -8.39
C LYS A 12 4.81 0.61 -7.26
N PHE A 13 4.26 1.21 -6.22
CA PHE A 13 5.05 1.53 -5.04
C PHE A 13 5.63 0.28 -4.42
N LEU A 14 4.83 -0.78 -4.34
CA LEU A 14 5.26 -2.06 -3.74
C LEU A 14 6.49 -2.58 -4.47
N LEU A 15 6.42 -2.58 -5.80
CA LEU A 15 7.50 -3.07 -6.60
C LEU A 15 8.69 -2.14 -6.52
N HIS A 16 8.41 -0.85 -6.42
CA HIS A 16 9.43 0.15 -6.31
C HIS A 16 10.20 -0.02 -5.01
N ILE A 17 9.50 -0.34 -3.92
CA ILE A 17 10.13 -0.53 -2.63
C ILE A 17 11.11 -1.70 -2.72
N THR A 18 10.66 -2.82 -3.30
CA THR A 18 11.52 -3.99 -3.47
C THR A 18 12.75 -3.64 -4.33
N HIS A 19 12.49 -2.84 -5.37
CA HIS A 19 13.52 -2.37 -6.28
C HIS A 19 14.61 -1.59 -5.56
N GLU A 20 14.19 -0.68 -4.71
CA GLU A 20 15.14 0.15 -3.95
C GLU A 20 15.96 -0.72 -3.03
N VAL A 21 15.35 -1.81 -2.53
CA VAL A 21 16.01 -2.71 -1.63
C VAL A 21 17.14 -3.38 -2.36
N ASP A 22 16.83 -3.92 -3.52
CA ASP A 22 17.82 -4.65 -4.28
C ASP A 22 18.93 -3.70 -4.75
N ASP A 23 18.51 -2.49 -5.10
CA ASP A 23 19.41 -1.48 -5.55
C ASP A 23 20.39 -1.12 -4.48
N LEU A 24 19.90 -0.91 -3.27
CA LEU A 24 20.77 -0.52 -2.19
C LEU A 24 21.68 -1.65 -1.84
N GLU A 25 21.18 -2.88 -1.99
CA GLU A 25 21.96 -4.06 -1.73
C GLU A 25 23.20 -4.10 -2.62
N LYS A 26 23.11 -3.50 -3.82
CA LYS A 26 24.27 -3.49 -4.70
C LYS A 26 24.94 -2.11 -4.79
N THR A 27 24.25 -1.13 -4.29
CA THR A 27 24.66 0.24 -4.43
C THR A 27 25.21 0.87 -3.11
N GLY A 28 24.55 0.62 -2.02
CA GLY A 28 24.95 1.25 -0.78
C GLY A 28 24.34 0.58 0.42
N ASN A 29 23.13 1.07 0.79
CA ASN A 29 22.28 0.67 1.99
C ASN A 29 22.25 1.77 3.04
N LYS A 30 23.01 2.83 2.80
CA LYS A 30 23.29 3.81 3.86
C LYS A 30 22.06 4.58 4.38
N ASP A 31 21.26 5.12 3.51
CA ASP A 31 20.02 5.80 3.96
C ASP A 31 18.82 5.22 3.24
N GLU A 32 19.12 4.43 2.27
CA GLU A 32 18.18 3.89 1.30
C GLU A 32 17.21 2.89 1.92
N LYS A 33 17.68 2.10 2.85
CA LYS A 33 16.85 1.04 3.45
C LYS A 33 15.76 1.69 4.26
N ALA A 34 16.18 2.65 5.03
CA ALA A 34 15.28 3.42 5.87
C ALA A 34 14.39 4.30 5.00
N ARG A 35 14.96 4.80 3.93
CA ARG A 35 14.30 5.66 2.96
C ARG A 35 13.15 4.93 2.29
N LEU A 36 13.41 3.72 1.80
CA LEU A 36 12.32 2.97 1.16
C LEU A 36 11.26 2.56 2.20
N LEU A 37 11.69 2.32 3.43
CA LEU A 37 10.77 1.99 4.51
C LEU A 37 9.84 3.16 4.76
N ARG A 38 10.36 4.33 4.60
CA ARG A 38 9.60 5.53 4.74
C ARG A 38 8.63 5.61 3.59
N GLU A 39 9.07 5.17 2.41
CA GLU A 39 8.22 5.26 1.26
C GLU A 39 7.06 4.26 1.35
N LEU A 40 7.30 3.10 1.94
CA LEU A 40 6.24 2.14 2.12
C LEU A 40 5.29 2.65 3.19
N THR A 41 5.84 3.36 4.17
CA THR A 41 5.09 4.01 5.21
C THR A 41 4.15 5.08 4.61
N VAL A 42 4.63 5.79 3.61
CA VAL A 42 3.81 6.77 2.89
C VAL A 42 2.75 6.04 2.06
N SER A 43 3.14 4.92 1.46
CA SER A 43 2.21 4.09 0.68
C SER A 43 1.10 3.58 1.60
N GLU A 44 1.53 3.19 2.76
CA GLU A 44 0.71 2.73 3.85
C GLU A 44 -0.23 3.87 4.32
N ALA A 45 0.26 5.11 4.23
CA ALA A 45 -0.48 6.28 4.68
C ALA A 45 -1.63 6.62 3.76
N PHE A 46 -1.42 6.62 2.45
CA PHE A 46 -2.52 6.90 1.54
C PHE A 46 -3.53 5.77 1.45
N ILE A 47 -3.09 4.54 1.62
CA ILE A 47 -4.03 3.42 1.71
C ILE A 47 -4.89 3.54 2.97
N GLU A 48 -4.27 3.94 4.06
CA GLU A 48 -4.99 4.22 5.28
C GLU A 48 -5.97 5.39 5.04
N GLY A 49 -5.50 6.41 4.34
CA GLY A 49 -6.32 7.55 4.02
C GLY A 49 -7.50 7.20 3.16
N SER A 50 -7.28 6.37 2.15
CA SER A 50 -8.32 5.99 1.26
C SER A 50 -9.30 5.05 1.92
N ARG A 51 -8.81 4.16 2.79
CA ARG A 51 -9.74 3.28 3.48
C ARG A 51 -10.56 4.05 4.48
N GLY A 52 -9.95 5.07 5.06
CA GLY A 52 -10.66 5.95 5.93
C GLY A 52 -11.68 6.76 5.15
N TYR A 53 -11.39 6.97 3.87
CA TYR A 53 -12.28 7.70 3.01
C TYR A 53 -13.51 6.86 2.74
N PHE A 54 -13.29 5.57 2.58
CA PHE A 54 -14.38 4.64 2.35
C PHE A 54 -15.27 4.58 3.56
N GLN A 55 -14.66 4.59 4.74
CA GLN A 55 -15.39 4.64 6.00
C GLN A 55 -16.31 5.86 6.03
N ARG A 56 -15.79 6.97 5.55
CA ARG A 56 -16.56 8.21 5.43
C ARG A 56 -17.72 8.03 4.47
N GLU A 57 -17.45 7.39 3.35
CA GLU A 57 -18.47 7.15 2.34
C GLU A 57 -19.52 6.17 2.83
N LEU A 58 -19.13 5.25 3.67
CA LEU A 58 -20.04 4.29 4.25
C LEU A 58 -20.93 4.99 5.29
N LYS A 59 -20.51 6.16 5.73
CA LYS A 59 -21.28 6.91 6.73
C LYS A 59 -22.27 7.84 6.06
N ARG A 60 -22.11 8.03 4.76
CA ARG A 60 -23.01 8.88 3.97
C ARG A 60 -24.40 8.24 3.91
N THR A 61 -24.43 6.93 4.15
CA THR A 61 -25.65 6.11 4.29
C THR A 61 -26.38 5.83 2.94
N ASP A 62 -26.32 6.78 2.01
CA ASP A 62 -26.96 6.66 0.69
C ASP A 62 -26.47 5.42 -0.06
N LEU A 63 -25.25 5.52 -0.61
CA LEU A 63 -24.56 4.44 -1.29
C LEU A 63 -25.31 3.87 -2.47
N ASP A 64 -24.59 3.04 -3.13
CA ASP A 64 -25.07 2.15 -4.15
C ASP A 64 -24.49 0.80 -3.79
N LEU A 65 -25.14 -0.27 -4.16
CA LEU A 65 -24.62 -1.60 -3.85
C LEU A 65 -23.25 -1.82 -4.53
N LEU A 66 -23.12 -1.35 -5.74
CA LEU A 66 -21.89 -1.48 -6.50
C LEU A 66 -20.81 -0.62 -5.89
N GLU A 67 -21.20 0.56 -5.42
CA GLU A 67 -20.25 1.44 -4.81
C GLU A 67 -19.74 0.86 -3.52
N LYS A 68 -20.65 0.26 -2.74
CA LYS A 68 -20.27 -0.40 -1.50
C LYS A 68 -19.32 -1.53 -1.85
N PHE A 69 -19.62 -2.19 -2.95
CA PHE A 69 -18.82 -3.28 -3.45
C PHE A 69 -17.40 -2.79 -3.79
N ASN A 70 -17.29 -1.58 -4.25
CA ASN A 70 -16.06 -0.94 -4.65
C ASN A 70 -15.26 -0.58 -3.41
N PHE A 71 -15.95 -0.11 -2.37
CA PHE A 71 -15.30 0.28 -1.13
C PHE A 71 -14.78 -0.96 -0.48
N GLU A 72 -15.62 -1.97 -0.44
CA GLU A 72 -15.24 -3.23 0.13
C GLU A 72 -14.18 -3.86 -0.72
N ALA A 73 -14.24 -3.60 -2.02
CA ALA A 73 -13.25 -4.18 -2.91
C ALA A 73 -11.90 -3.56 -2.64
N ALA A 74 -11.91 -2.26 -2.50
CA ALA A 74 -10.74 -1.50 -2.24
C ALA A 74 -10.20 -1.76 -0.84
N LEU A 75 -11.09 -1.95 0.11
CA LEU A 75 -10.67 -2.31 1.47
C LEU A 75 -9.87 -3.59 1.44
N ALA A 76 -10.32 -4.53 0.65
CA ALA A 76 -9.65 -5.81 0.52
C ALA A 76 -8.37 -5.68 -0.28
N THR A 77 -8.34 -4.72 -1.19
CA THR A 77 -7.18 -4.56 -2.00
C THR A 77 -6.10 -3.89 -1.16
N GLY A 78 -6.53 -2.93 -0.33
CA GLY A 78 -5.67 -2.25 0.56
C GLY A 78 -5.18 -3.19 1.61
N ASP A 79 -6.07 -4.02 2.10
CA ASP A 79 -5.73 -5.02 3.11
C ASP A 79 -4.62 -5.93 2.62
N LEU A 80 -4.78 -6.46 1.42
CA LEU A 80 -3.81 -7.35 0.84
C LEU A 80 -2.46 -6.69 0.64
N LEU A 81 -2.45 -5.49 0.09
CA LEU A 81 -1.21 -4.77 -0.10
C LEU A 81 -0.65 -4.29 1.25
N LEU A 82 -1.51 -4.08 2.23
CA LEU A 82 -1.06 -3.69 3.57
C LEU A 82 -0.33 -4.83 4.18
N LYS A 83 -0.82 -6.02 3.93
CA LYS A 83 -0.15 -7.20 4.33
C LYS A 83 1.11 -7.35 3.51
N ASP A 84 1.07 -6.89 2.26
CA ASP A 84 2.21 -7.01 1.37
C ASP A 84 3.34 -6.09 1.89
N LEU A 85 2.96 -4.87 2.24
CA LEU A 85 3.85 -3.83 2.75
C LEU A 85 4.52 -4.28 4.04
N LYS A 86 3.73 -4.73 4.98
CA LYS A 86 4.23 -5.10 6.28
C LYS A 86 5.08 -6.36 6.23
N ALA A 87 4.73 -7.29 5.36
CA ALA A 87 5.47 -8.51 5.23
C ALA A 87 6.80 -8.25 4.55
N LEU A 88 6.79 -7.36 3.58
CA LEU A 88 7.98 -7.02 2.88
C LEU A 88 8.88 -6.22 3.80
N GLN A 89 8.26 -5.43 4.66
CA GLN A 89 8.97 -4.59 5.63
C GLN A 89 9.70 -5.49 6.60
N LYS A 90 9.07 -6.58 6.95
CA LYS A 90 9.68 -7.57 7.79
C LYS A 90 10.82 -8.26 7.03
N ARG A 91 10.67 -8.42 5.72
CA ARG A 91 11.75 -8.93 4.89
C ARG A 91 12.88 -7.93 4.82
N VAL A 92 12.53 -6.67 4.68
CA VAL A 92 13.52 -5.62 4.64
C VAL A 92 14.25 -5.53 5.97
N GLN A 93 13.50 -5.68 7.06
CA GLN A 93 14.11 -5.72 8.40
C GLN A 93 14.98 -6.94 8.54
N ASP A 94 14.58 -8.01 7.90
CA ASP A 94 15.30 -9.25 7.98
C ASP A 94 16.61 -9.19 7.22
N SER A 95 16.58 -8.59 6.04
CA SER A 95 17.77 -8.44 5.22
C SER A 95 18.76 -7.51 5.92
N GLU A 96 18.19 -6.59 6.70
CA GLU A 96 18.90 -5.68 7.58
C GLU A 96 19.80 -4.71 6.83
N ASN A 1 -10.15 -5.47 -11.87
CA ASN A 1 -11.42 -4.83 -11.56
C ASN A 1 -11.19 -3.35 -11.38
N THR A 2 -12.24 -2.58 -11.18
CA THR A 2 -12.11 -1.15 -11.01
C THR A 2 -11.34 -0.79 -9.71
N ALA A 3 -11.39 -1.68 -8.72
CA ALA A 3 -10.71 -1.46 -7.46
C ALA A 3 -9.19 -1.50 -7.65
N THR A 4 -8.71 -2.44 -8.45
CA THR A 4 -7.30 -2.54 -8.73
C THR A 4 -6.85 -1.44 -9.67
N GLN A 5 -7.76 -0.99 -10.50
CA GLN A 5 -7.52 0.14 -11.37
C GLN A 5 -7.37 1.41 -10.55
N ARG A 6 -8.13 1.49 -9.46
CA ARG A 6 -8.00 2.59 -8.54
C ARG A 6 -6.70 2.44 -7.74
N PHE A 7 -6.43 1.26 -7.18
CA PHE A 7 -5.20 1.08 -6.42
C PHE A 7 -4.10 0.57 -7.31
N HIS A 8 -3.48 1.48 -8.02
CA HIS A 8 -2.46 1.13 -9.00
C HIS A 8 -1.17 1.90 -8.76
N GLU A 9 -1.29 3.08 -8.19
CA GLU A 9 -0.14 3.90 -7.89
C GLU A 9 0.58 3.30 -6.70
N ILE A 10 -0.20 2.83 -5.77
CA ILE A 10 0.34 2.16 -4.61
C ILE A 10 0.94 0.79 -5.02
N GLU A 11 0.31 0.17 -6.02
CA GLU A 11 0.74 -1.12 -6.53
C GLU A 11 2.13 -1.00 -7.14
N LYS A 12 2.33 0.00 -7.99
CA LYS A 12 3.62 0.20 -8.62
C LYS A 12 4.66 0.54 -7.58
N PHE A 13 4.27 1.30 -6.55
CA PHE A 13 5.17 1.64 -5.47
C PHE A 13 5.70 0.40 -4.82
N LEU A 14 4.82 -0.55 -4.58
CA LEU A 14 5.16 -1.81 -3.95
C LEU A 14 6.26 -2.51 -4.76
N LEU A 15 6.06 -2.53 -6.05
CA LEU A 15 7.00 -3.19 -6.97
C LEU A 15 8.34 -2.47 -6.92
N HIS A 16 8.27 -1.16 -6.95
CA HIS A 16 9.47 -0.30 -6.92
C HIS A 16 10.19 -0.37 -5.62
N ILE A 17 9.44 -0.48 -4.56
CA ILE A 17 10.01 -0.59 -3.22
C ILE A 17 10.85 -1.86 -3.11
N THR A 18 10.32 -2.96 -3.60
CA THR A 18 11.00 -4.25 -3.56
C THR A 18 12.32 -4.19 -4.37
N HIS A 19 12.24 -3.61 -5.57
CA HIS A 19 13.40 -3.48 -6.45
C HIS A 19 14.43 -2.52 -5.88
N GLU A 20 13.94 -1.46 -5.25
CA GLU A 20 14.77 -0.48 -4.62
C GLU A 20 15.61 -1.16 -3.56
N VAL A 21 14.99 -2.08 -2.80
CA VAL A 21 15.63 -2.85 -1.76
C VAL A 21 16.77 -3.62 -2.35
N ASP A 22 16.50 -4.32 -3.40
CA ASP A 22 17.50 -5.16 -3.99
C ASP A 22 18.66 -4.34 -4.54
N ASP A 23 18.31 -3.23 -5.15
CA ASP A 23 19.26 -2.34 -5.73
C ASP A 23 20.08 -1.68 -4.67
N LEU A 24 19.45 -1.27 -3.59
CA LEU A 24 20.16 -0.61 -2.54
C LEU A 24 21.08 -1.55 -1.83
N GLU A 25 20.67 -2.82 -1.71
CA GLU A 25 21.50 -3.81 -1.06
C GLU A 25 22.81 -4.03 -1.80
N LYS A 26 22.77 -3.97 -3.13
CA LYS A 26 23.99 -4.16 -3.91
C LYS A 26 24.77 -2.86 -4.07
N THR A 27 24.10 -1.81 -3.74
CA THR A 27 24.57 -0.46 -3.84
C THR A 27 25.28 0.02 -2.54
N GLY A 28 24.77 -0.39 -1.40
CA GLY A 28 25.36 -0.02 -0.14
C GLY A 28 24.40 -0.26 0.99
N ASN A 29 23.17 0.25 0.82
CA ASN A 29 22.00 0.07 1.71
C ASN A 29 22.10 0.89 2.98
N LYS A 30 23.05 1.82 2.98
CA LYS A 30 23.40 2.58 4.17
C LYS A 30 22.24 3.43 4.67
N ASP A 31 21.65 4.19 3.79
CA ASP A 31 20.57 5.09 4.15
C ASP A 31 19.34 4.86 3.30
N GLU A 32 19.54 4.36 2.08
CA GLU A 32 18.45 4.20 1.10
C GLU A 32 17.41 3.27 1.65
N LYS A 33 17.84 2.26 2.34
CA LYS A 33 16.97 1.25 2.85
C LYS A 33 16.06 1.81 3.93
N ALA A 34 16.64 2.49 4.87
CA ALA A 34 15.88 3.12 5.93
C ALA A 34 14.97 4.21 5.36
N ARG A 35 15.46 4.94 4.38
CA ARG A 35 14.71 6.01 3.75
C ARG A 35 13.55 5.44 2.92
N LEU A 36 13.82 4.36 2.22
CA LEU A 36 12.82 3.66 1.46
C LEU A 36 11.74 3.08 2.38
N LEU A 37 12.13 2.60 3.54
CA LEU A 37 11.17 2.09 4.50
C LEU A 37 10.27 3.23 4.99
N ARG A 38 10.85 4.42 5.07
CA ARG A 38 10.06 5.59 5.44
C ARG A 38 9.09 5.90 4.30
N GLU A 39 9.52 5.64 3.08
CA GLU A 39 8.70 5.80 1.90
C GLU A 39 7.53 4.81 1.90
N LEU A 40 7.75 3.57 2.34
CA LEU A 40 6.63 2.66 2.40
C LEU A 40 5.67 3.10 3.49
N THR A 41 6.23 3.73 4.50
CA THR A 41 5.46 4.26 5.58
C THR A 41 4.53 5.42 5.08
N VAL A 42 5.03 6.22 4.14
CA VAL A 42 4.19 7.27 3.57
C VAL A 42 3.17 6.65 2.61
N SER A 43 3.57 5.62 1.86
CA SER A 43 2.67 4.97 0.94
C SER A 43 1.48 4.33 1.67
N GLU A 44 1.76 3.71 2.79
CA GLU A 44 0.71 3.12 3.60
C GLU A 44 -0.14 4.23 4.21
N ALA A 45 0.48 5.38 4.47
CA ALA A 45 -0.22 6.51 5.03
C ALA A 45 -1.34 7.01 4.14
N PHE A 46 -1.09 7.14 2.84
CA PHE A 46 -2.17 7.59 1.98
C PHE A 46 -3.17 6.48 1.69
N ILE A 47 -2.69 5.25 1.65
CA ILE A 47 -3.57 4.13 1.42
C ILE A 47 -4.53 3.96 2.62
N GLU A 48 -4.04 4.21 3.83
CA GLU A 48 -4.87 4.17 5.04
C GLU A 48 -5.87 5.30 5.06
N GLY A 49 -5.46 6.46 4.56
CA GLY A 49 -6.37 7.58 4.46
C GLY A 49 -7.47 7.29 3.47
N SER A 50 -7.11 6.60 2.41
CA SER A 50 -8.04 6.24 1.38
C SER A 50 -8.99 5.17 1.94
N ARG A 51 -8.47 4.30 2.79
CA ARG A 51 -9.30 3.29 3.41
C ARG A 51 -10.25 3.91 4.40
N GLY A 52 -9.76 4.92 5.10
CA GLY A 52 -10.60 5.67 6.00
C GLY A 52 -11.68 6.39 5.22
N TYR A 53 -11.38 6.68 3.95
CA TYR A 53 -12.34 7.34 3.09
C TYR A 53 -13.44 6.37 2.79
N PHE A 54 -13.05 5.19 2.41
CA PHE A 54 -13.98 4.13 2.11
C PHE A 54 -14.88 3.83 3.28
N GLN A 55 -14.33 3.86 4.48
CA GLN A 55 -15.11 3.58 5.68
C GLN A 55 -16.18 4.63 5.89
N ARG A 56 -15.82 5.90 5.75
CA ARG A 56 -16.79 6.98 5.94
C ARG A 56 -17.82 7.01 4.80
N GLU A 57 -17.36 6.63 3.62
CA GLU A 57 -18.17 6.55 2.43
C GLU A 57 -19.16 5.38 2.56
N LEU A 58 -18.76 4.38 3.30
CA LEU A 58 -19.59 3.23 3.59
C LEU A 58 -20.73 3.62 4.57
N LYS A 59 -20.56 4.78 5.20
CA LYS A 59 -21.48 5.32 6.19
C LYS A 59 -22.33 6.43 5.59
N ARG A 60 -22.00 6.76 4.35
CA ARG A 60 -22.57 7.88 3.58
C ARG A 60 -24.11 7.88 3.51
N THR A 61 -24.73 6.70 3.62
CA THR A 61 -26.19 6.52 3.44
C THR A 61 -26.58 6.65 1.94
N ASP A 62 -25.94 7.57 1.26
CA ASP A 62 -26.08 7.77 -0.16
C ASP A 62 -25.09 6.85 -0.89
N LEU A 63 -25.38 5.59 -0.79
CA LEU A 63 -24.65 4.49 -1.40
C LEU A 63 -25.55 3.30 -1.37
N ASP A 64 -25.35 2.42 -2.26
CA ASP A 64 -26.07 1.20 -2.32
C ASP A 64 -25.09 0.09 -2.21
N LEU A 65 -25.56 -1.12 -2.37
CA LEU A 65 -24.70 -2.28 -2.36
C LEU A 65 -23.61 -2.19 -3.43
N LEU A 66 -23.93 -1.50 -4.51
CA LEU A 66 -22.97 -1.23 -5.60
C LEU A 66 -21.76 -0.55 -5.06
N GLU A 67 -22.01 0.45 -4.28
CA GLU A 67 -20.99 1.26 -3.72
C GLU A 67 -20.26 0.49 -2.68
N LYS A 68 -21.01 -0.21 -1.85
CA LYS A 68 -20.47 -1.06 -0.80
C LYS A 68 -19.56 -2.06 -1.41
N PHE A 69 -19.95 -2.59 -2.55
CA PHE A 69 -19.18 -3.60 -3.23
C PHE A 69 -17.84 -3.03 -3.73
N ASN A 70 -17.87 -1.80 -4.13
CA ASN A 70 -16.73 -1.10 -4.67
C ASN A 70 -15.75 -0.77 -3.58
N PHE A 71 -16.28 -0.36 -2.44
CA PHE A 71 -15.44 0.03 -1.31
C PHE A 71 -14.89 -1.20 -0.72
N GLU A 72 -15.71 -2.23 -0.66
CA GLU A 72 -15.32 -3.50 -0.15
C GLU A 72 -14.26 -4.06 -1.09
N ALA A 73 -14.43 -3.78 -2.37
CA ALA A 73 -13.46 -4.29 -3.33
C ALA A 73 -12.13 -3.58 -3.16
N ALA A 74 -12.20 -2.28 -3.00
CA ALA A 74 -11.02 -1.45 -2.83
C ALA A 74 -10.35 -1.70 -1.50
N LEU A 75 -11.16 -1.93 -0.46
CA LEU A 75 -10.64 -2.23 0.87
C LEU A 75 -9.82 -3.48 0.84
N ALA A 76 -10.28 -4.48 0.12
CA ALA A 76 -9.56 -5.73 0.04
C ALA A 76 -8.29 -5.56 -0.75
N THR A 77 -8.36 -4.73 -1.76
CA THR A 77 -7.25 -4.46 -2.60
C THR A 77 -6.15 -3.75 -1.79
N GLY A 78 -6.58 -2.72 -1.09
CA GLY A 78 -5.69 -1.95 -0.28
C GLY A 78 -5.13 -2.75 0.85
N ASP A 79 -5.99 -3.53 1.49
CA ASP A 79 -5.60 -4.35 2.64
C ASP A 79 -4.53 -5.35 2.26
N LEU A 80 -4.71 -6.01 1.12
CA LEU A 80 -3.79 -7.06 0.72
C LEU A 80 -2.39 -6.53 0.49
N LEU A 81 -2.30 -5.44 -0.27
CA LEU A 81 -1.02 -4.85 -0.54
C LEU A 81 -0.47 -4.19 0.71
N LEU A 82 -1.36 -3.75 1.59
CA LEU A 82 -0.96 -3.06 2.79
C LEU A 82 -0.28 -4.05 3.69
N LYS A 83 -0.85 -5.22 3.73
CA LYS A 83 -0.31 -6.31 4.46
C LYS A 83 0.96 -6.78 3.79
N ASP A 84 1.02 -6.65 2.46
CA ASP A 84 2.25 -7.04 1.77
C ASP A 84 3.37 -6.01 2.06
N LEU A 85 2.97 -4.73 2.21
CA LEU A 85 3.89 -3.64 2.63
C LEU A 85 4.53 -4.00 3.96
N LYS A 86 3.70 -4.38 4.92
CA LYS A 86 4.18 -4.77 6.26
C LYS A 86 5.07 -6.00 6.19
N ALA A 87 4.71 -6.94 5.35
CA ALA A 87 5.44 -8.17 5.24
C ALA A 87 6.79 -7.92 4.62
N LEU A 88 6.83 -7.10 3.59
CA LEU A 88 8.07 -6.84 2.92
C LEU A 88 8.93 -6.01 3.83
N GLN A 89 8.31 -5.12 4.59
CA GLN A 89 9.00 -4.25 5.53
C GLN A 89 9.73 -5.05 6.55
N LYS A 90 9.08 -6.04 7.08
CA LYS A 90 9.68 -6.88 8.08
C LYS A 90 10.80 -7.71 7.47
N ARG A 91 10.63 -8.07 6.22
CA ARG A 91 11.64 -8.81 5.47
C ARG A 91 12.83 -7.92 5.20
N VAL A 92 12.55 -6.69 4.81
CA VAL A 92 13.59 -5.73 4.52
C VAL A 92 14.32 -5.34 5.81
N GLN A 93 13.54 -5.20 6.86
CA GLN A 93 14.04 -4.92 8.19
C GLN A 93 14.99 -6.04 8.58
N ASP A 94 14.53 -7.25 8.31
CA ASP A 94 15.24 -8.49 8.58
C ASP A 94 16.54 -8.59 7.81
N SER A 95 16.52 -8.19 6.54
CA SER A 95 17.69 -8.23 5.67
C SER A 95 18.86 -7.44 6.23
N GLU A 96 18.56 -6.35 6.96
CA GLU A 96 19.56 -5.45 7.54
C GLU A 96 20.42 -4.76 6.49
N ASN A 1 -12.72 -5.10 -9.99
CA ASN A 1 -11.61 -4.58 -10.81
C ASN A 1 -11.29 -3.13 -10.48
N THR A 2 -12.30 -2.28 -10.32
CA THR A 2 -12.08 -0.87 -10.02
C THR A 2 -11.37 -0.68 -8.65
N ALA A 3 -11.53 -1.64 -7.76
CA ALA A 3 -10.88 -1.59 -6.46
C ALA A 3 -9.37 -1.75 -6.63
N THR A 4 -8.96 -2.73 -7.42
CA THR A 4 -7.56 -2.97 -7.67
C THR A 4 -6.96 -1.87 -8.55
N GLN A 5 -7.77 -1.31 -9.46
CA GLN A 5 -7.34 -0.19 -10.30
C GLN A 5 -6.91 1.00 -9.43
N ARG A 6 -7.71 1.28 -8.42
CA ARG A 6 -7.45 2.39 -7.55
C ARG A 6 -6.33 2.11 -6.56
N PHE A 7 -6.14 0.85 -6.20
CA PHE A 7 -5.07 0.49 -5.26
C PHE A 7 -3.82 0.03 -5.97
N HIS A 8 -3.88 0.04 -7.28
CA HIS A 8 -2.77 -0.34 -8.15
C HIS A 8 -1.63 0.65 -7.99
N GLU A 9 -1.96 1.84 -7.56
CA GLU A 9 -0.99 2.87 -7.30
C GLU A 9 -0.10 2.46 -6.14
N ILE A 10 -0.71 1.88 -5.13
CA ILE A 10 0.03 1.45 -3.96
C ILE A 10 0.85 0.21 -4.34
N GLU A 11 0.29 -0.61 -5.23
CA GLU A 11 0.99 -1.77 -5.76
C GLU A 11 2.27 -1.31 -6.47
N LYS A 12 2.15 -0.20 -7.21
CA LYS A 12 3.30 0.41 -7.85
C LYS A 12 4.33 0.80 -6.84
N PHE A 13 3.89 1.44 -5.76
CA PHE A 13 4.78 1.82 -4.68
C PHE A 13 5.49 0.63 -4.10
N LEU A 14 4.76 -0.44 -3.86
CA LEU A 14 5.35 -1.64 -3.30
C LEU A 14 6.40 -2.21 -4.23
N LEU A 15 6.10 -2.29 -5.51
CA LEU A 15 7.05 -2.81 -6.45
C LEU A 15 8.25 -1.87 -6.62
N HIS A 16 8.01 -0.54 -6.54
CA HIS A 16 9.11 0.44 -6.58
C HIS A 16 10.01 0.21 -5.45
N ILE A 17 9.43 0.16 -4.27
CA ILE A 17 10.18 0.02 -3.05
C ILE A 17 10.98 -1.29 -3.04
N THR A 18 10.38 -2.36 -3.50
CA THR A 18 11.07 -3.64 -3.61
C THR A 18 12.29 -3.51 -4.58
N HIS A 19 12.05 -2.86 -5.71
CA HIS A 19 13.06 -2.62 -6.75
C HIS A 19 14.16 -1.70 -6.22
N GLU A 20 13.77 -0.75 -5.41
CA GLU A 20 14.66 0.18 -4.78
C GLU A 20 15.49 -0.46 -3.69
N VAL A 21 14.92 -1.43 -2.99
CA VAL A 21 15.63 -2.23 -2.03
C VAL A 21 16.75 -2.94 -2.75
N ASP A 22 16.44 -3.42 -3.92
CA ASP A 22 17.41 -4.09 -4.76
C ASP A 22 18.50 -3.10 -5.19
N ASP A 23 18.05 -1.90 -5.56
CA ASP A 23 18.94 -0.87 -6.00
C ASP A 23 19.87 -0.49 -4.89
N LEU A 24 19.34 -0.27 -3.71
CA LEU A 24 20.12 0.13 -2.57
C LEU A 24 21.07 -0.95 -2.17
N GLU A 25 20.65 -2.19 -2.34
CA GLU A 25 21.51 -3.32 -2.09
C GLU A 25 22.76 -3.28 -2.98
N LYS A 26 22.68 -2.66 -4.15
CA LYS A 26 23.88 -2.53 -4.97
C LYS A 26 24.45 -1.09 -4.95
N THR A 27 23.66 -0.19 -4.43
CA THR A 27 23.97 1.21 -4.39
C THR A 27 24.53 1.69 -3.01
N GLY A 28 23.69 1.67 -2.00
CA GLY A 28 24.07 2.18 -0.70
C GLY A 28 23.01 1.86 0.35
N ASN A 29 22.93 0.61 0.68
CA ASN A 29 21.91 0.06 1.55
C ASN A 29 21.91 0.63 2.95
N LYS A 30 23.08 0.97 3.47
CA LYS A 30 23.23 1.30 4.88
C LYS A 30 22.39 2.49 5.34
N ASP A 31 22.17 3.43 4.45
CA ASP A 31 21.49 4.67 4.80
C ASP A 31 20.13 4.72 4.14
N GLU A 32 20.11 4.35 2.90
CA GLU A 32 18.96 4.47 2.03
C GLU A 32 17.84 3.52 2.40
N LYS A 33 18.17 2.31 2.85
CA LYS A 33 17.14 1.33 3.15
C LYS A 33 16.20 1.85 4.24
N ALA A 34 16.77 2.49 5.25
CA ALA A 34 15.96 3.06 6.32
C ALA A 34 15.08 4.21 5.80
N ARG A 35 15.66 5.04 4.95
CA ARG A 35 14.97 6.16 4.33
C ARG A 35 13.81 5.64 3.50
N LEU A 36 14.12 4.68 2.66
CA LEU A 36 13.17 4.03 1.83
C LEU A 36 12.07 3.32 2.67
N LEU A 37 12.43 2.80 3.83
CA LEU A 37 11.44 2.21 4.70
C LEU A 37 10.45 3.23 5.17
N ARG A 38 10.90 4.45 5.36
CA ARG A 38 9.98 5.51 5.75
C ARG A 38 9.05 5.81 4.57
N GLU A 39 9.57 5.63 3.39
CA GLU A 39 8.81 5.83 2.18
C GLU A 39 7.71 4.73 2.07
N LEU A 40 7.94 3.55 2.63
CA LEU A 40 6.86 2.59 2.66
C LEU A 40 5.84 2.96 3.70
N THR A 41 6.30 3.61 4.77
CA THR A 41 5.40 4.09 5.80
C THR A 41 4.44 5.15 5.23
N VAL A 42 4.92 5.98 4.32
CA VAL A 42 4.03 6.93 3.68
C VAL A 42 3.07 6.17 2.72
N SER A 43 3.59 5.13 2.07
CA SER A 43 2.78 4.26 1.19
C SER A 43 1.66 3.57 2.00
N GLU A 44 1.99 3.35 3.21
CA GLU A 44 1.14 2.73 4.21
C GLU A 44 -0.01 3.71 4.48
N ALA A 45 0.36 4.98 4.52
CA ALA A 45 -0.58 6.05 4.74
C ALA A 45 -1.53 6.22 3.56
N PHE A 46 -1.08 5.86 2.34
CA PHE A 46 -2.01 5.91 1.19
C PHE A 46 -3.10 4.90 1.42
N ILE A 47 -2.71 3.70 1.84
CA ILE A 47 -3.71 2.68 2.17
C ILE A 47 -4.62 3.12 3.30
N GLU A 48 -4.02 3.60 4.39
CA GLU A 48 -4.80 4.11 5.54
C GLU A 48 -5.77 5.22 5.12
N GLY A 49 -5.27 6.16 4.33
CA GLY A 49 -6.09 7.26 3.88
C GLY A 49 -7.19 6.81 2.96
N SER A 50 -6.87 5.87 2.10
CA SER A 50 -7.84 5.38 1.16
C SER A 50 -8.88 4.52 1.85
N ARG A 51 -8.46 3.82 2.91
CA ARG A 51 -9.40 3.00 3.63
C ARG A 51 -10.37 3.85 4.37
N GLY A 52 -9.86 4.89 5.01
CA GLY A 52 -10.71 5.82 5.67
C GLY A 52 -11.62 6.52 4.68
N TYR A 53 -11.13 6.64 3.44
CA TYR A 53 -11.83 7.36 2.39
C TYR A 53 -13.08 6.62 2.05
N PHE A 54 -12.91 5.35 1.79
CA PHE A 54 -14.01 4.51 1.47
C PHE A 54 -15.01 4.43 2.61
N GLN A 55 -14.49 4.40 3.83
CA GLN A 55 -15.33 4.43 5.02
C GLN A 55 -16.26 5.65 5.04
N ARG A 56 -15.74 6.87 4.82
CA ARG A 56 -16.68 8.02 4.80
C ARG A 56 -17.57 8.01 3.57
N GLU A 57 -17.06 7.48 2.45
CA GLU A 57 -17.85 7.38 1.24
C GLU A 57 -19.04 6.41 1.42
N LEU A 58 -18.84 5.43 2.28
CA LEU A 58 -19.87 4.47 2.62
C LEU A 58 -20.99 5.17 3.45
N LYS A 59 -20.66 6.34 3.96
CA LYS A 59 -21.56 7.11 4.80
C LYS A 59 -22.28 8.20 3.99
N ARG A 60 -21.90 8.35 2.71
CA ARG A 60 -22.47 9.38 1.82
C ARG A 60 -23.95 9.20 1.57
N THR A 61 -24.41 7.95 1.68
CA THR A 61 -25.81 7.55 1.40
C THR A 61 -26.10 7.51 -0.14
N ASP A 62 -25.19 8.08 -0.93
CA ASP A 62 -25.32 8.12 -2.39
C ASP A 62 -25.08 6.74 -3.00
N LEU A 63 -24.23 5.98 -2.32
CA LEU A 63 -23.84 4.65 -2.69
C LEU A 63 -25.01 3.75 -2.77
N ASP A 64 -24.82 2.81 -3.54
CA ASP A 64 -25.71 1.73 -3.75
C ASP A 64 -24.94 0.52 -3.27
N LEU A 65 -25.52 -0.65 -3.28
CA LEU A 65 -24.83 -1.87 -2.86
C LEU A 65 -23.58 -2.05 -3.71
N LEU A 66 -23.66 -1.58 -4.94
CA LEU A 66 -22.56 -1.60 -5.89
C LEU A 66 -21.36 -0.82 -5.41
N GLU A 67 -21.60 0.38 -4.98
CA GLU A 67 -20.52 1.23 -4.53
C GLU A 67 -19.99 0.71 -3.24
N LYS A 68 -20.91 0.26 -2.42
CA LYS A 68 -20.62 -0.36 -1.16
C LYS A 68 -19.73 -1.56 -1.40
N PHE A 69 -20.00 -2.27 -2.49
CA PHE A 69 -19.27 -3.47 -2.80
C PHE A 69 -17.83 -3.12 -3.17
N ASN A 70 -17.66 -2.01 -3.82
CA ASN A 70 -16.36 -1.53 -4.25
C ASN A 70 -15.57 -1.02 -3.10
N PHE A 71 -16.24 -0.45 -2.10
CA PHE A 71 -15.56 0.05 -0.91
C PHE A 71 -15.04 -1.12 -0.15
N GLU A 72 -15.90 -2.09 0.05
CA GLU A 72 -15.54 -3.29 0.74
C GLU A 72 -14.53 -4.04 -0.09
N ALA A 73 -14.65 -3.92 -1.42
CA ALA A 73 -13.70 -4.59 -2.29
C ALA A 73 -12.31 -3.98 -2.13
N ALA A 74 -12.27 -2.67 -2.09
CA ALA A 74 -11.04 -1.94 -1.96
C ALA A 74 -10.43 -2.12 -0.59
N LEU A 75 -11.26 -2.11 0.45
CA LEU A 75 -10.78 -2.31 1.82
C LEU A 75 -10.08 -3.64 1.94
N ALA A 76 -10.65 -4.65 1.30
CA ALA A 76 -10.12 -5.98 1.33
C ALA A 76 -8.83 -6.06 0.54
N THR A 77 -8.77 -5.30 -0.54
CA THR A 77 -7.64 -5.30 -1.40
C THR A 77 -6.47 -4.63 -0.69
N GLY A 78 -6.79 -3.50 -0.07
CA GLY A 78 -5.83 -2.75 0.64
C GLY A 78 -5.33 -3.48 1.83
N ASP A 79 -6.20 -4.23 2.48
CA ASP A 79 -5.83 -4.98 3.67
C ASP A 79 -4.81 -6.05 3.36
N LEU A 80 -5.01 -6.74 2.25
CA LEU A 80 -4.11 -7.81 1.85
C LEU A 80 -2.73 -7.31 1.56
N LEU A 81 -2.66 -6.28 0.76
CA LEU A 81 -1.39 -5.69 0.43
C LEU A 81 -0.80 -4.96 1.65
N LEU A 82 -1.68 -4.50 2.56
CA LEU A 82 -1.26 -3.81 3.80
C LEU A 82 -0.46 -4.80 4.63
N LYS A 83 -0.97 -6.00 4.70
CA LYS A 83 -0.30 -7.04 5.40
C LYS A 83 0.95 -7.43 4.64
N ASP A 84 0.88 -7.36 3.32
CA ASP A 84 2.02 -7.76 2.51
C ASP A 84 3.13 -6.71 2.57
N LEU A 85 2.71 -5.46 2.72
CA LEU A 85 3.58 -4.32 2.87
C LEU A 85 4.45 -4.53 4.10
N LYS A 86 3.81 -4.91 5.17
CA LYS A 86 4.52 -5.20 6.41
C LYS A 86 5.39 -6.46 6.30
N ALA A 87 4.93 -7.45 5.54
CA ALA A 87 5.64 -8.69 5.38
C ALA A 87 6.89 -8.50 4.56
N LEU A 88 6.76 -7.74 3.47
CA LEU A 88 7.86 -7.49 2.59
C LEU A 88 8.84 -6.62 3.32
N GLN A 89 8.32 -5.75 4.16
CA GLN A 89 9.10 -4.87 4.99
C GLN A 89 10.02 -5.67 5.88
N LYS A 90 9.51 -6.77 6.42
CA LYS A 90 10.34 -7.64 7.24
C LYS A 90 11.38 -8.34 6.37
N ARG A 91 11.02 -8.62 5.14
CA ARG A 91 11.91 -9.25 4.16
C ARG A 91 13.03 -8.28 3.79
N VAL A 92 12.63 -7.05 3.56
CA VAL A 92 13.51 -5.98 3.23
C VAL A 92 14.41 -5.69 4.43
N GLN A 93 13.82 -5.70 5.59
CA GLN A 93 14.49 -5.51 6.85
C GLN A 93 15.50 -6.64 7.05
N ASP A 94 15.15 -7.80 6.54
CA ASP A 94 15.98 -8.96 6.69
C ASP A 94 17.20 -8.90 5.79
N SER A 95 17.06 -8.24 4.64
CA SER A 95 18.13 -8.13 3.70
C SER A 95 19.15 -7.11 4.18
N GLU A 96 18.70 -6.15 4.95
CA GLU A 96 19.52 -5.09 5.39
C GLU A 96 19.14 -4.78 6.84
N ASN A 1 -13.81 -1.70 -12.15
CA ASN A 1 -14.21 -0.68 -11.20
C ASN A 1 -13.03 0.13 -10.76
N THR A 2 -13.30 1.34 -10.34
CA THR A 2 -12.30 2.30 -9.97
C THR A 2 -11.42 1.88 -8.75
N ALA A 3 -12.01 1.14 -7.81
CA ALA A 3 -11.31 0.79 -6.57
C ALA A 3 -10.04 -0.04 -6.80
N THR A 4 -10.15 -1.07 -7.59
CA THR A 4 -9.05 -1.98 -7.78
C THR A 4 -7.95 -1.38 -8.65
N GLN A 5 -8.34 -0.66 -9.67
CA GLN A 5 -7.39 -0.03 -10.58
C GLN A 5 -6.59 1.05 -9.83
N ARG A 6 -7.26 1.75 -8.91
CA ARG A 6 -6.62 2.81 -8.15
C ARG A 6 -5.74 2.21 -7.04
N PHE A 7 -6.05 1.00 -6.60
CA PHE A 7 -5.22 0.34 -5.58
C PHE A 7 -4.05 -0.39 -6.23
N HIS A 8 -4.11 -0.49 -7.54
CA HIS A 8 -3.04 -1.10 -8.32
C HIS A 8 -1.85 -0.13 -8.35
N GLU A 9 -2.12 1.13 -8.03
CA GLU A 9 -1.11 2.18 -7.92
C GLU A 9 -0.13 1.83 -6.79
N ILE A 10 -0.67 1.37 -5.69
CA ILE A 10 0.15 1.00 -4.56
C ILE A 10 0.85 -0.32 -4.86
N GLU A 11 0.15 -1.18 -5.60
CA GLU A 11 0.66 -2.49 -6.00
C GLU A 11 1.95 -2.32 -6.83
N LYS A 12 1.88 -1.42 -7.82
CA LYS A 12 3.04 -1.13 -8.66
C LYS A 12 4.16 -0.46 -7.85
N PHE A 13 3.80 0.37 -6.90
CA PHE A 13 4.79 1.03 -6.06
C PHE A 13 5.51 -0.02 -5.22
N LEU A 14 4.73 -0.95 -4.70
CA LEU A 14 5.21 -2.00 -3.82
C LEU A 14 6.25 -2.86 -4.57
N LEU A 15 5.97 -3.18 -5.81
CA LEU A 15 6.91 -3.95 -6.58
C LEU A 15 8.16 -3.15 -6.92
N HIS A 16 7.97 -1.86 -7.17
CA HIS A 16 9.07 -1.01 -7.52
C HIS A 16 9.95 -0.77 -6.32
N ILE A 17 9.34 -0.64 -5.14
CA ILE A 17 10.07 -0.35 -3.96
C ILE A 17 10.92 -1.58 -3.57
N THR A 18 10.44 -2.77 -3.90
CA THR A 18 11.21 -3.98 -3.70
C THR A 18 12.46 -3.95 -4.63
N HIS A 19 12.29 -3.42 -5.84
CA HIS A 19 13.43 -3.24 -6.74
C HIS A 19 14.43 -2.22 -6.16
N GLU A 20 13.89 -1.20 -5.48
CA GLU A 20 14.73 -0.19 -4.81
C GLU A 20 15.58 -0.87 -3.74
N VAL A 21 14.99 -1.87 -3.09
CA VAL A 21 15.65 -2.60 -2.01
C VAL A 21 16.84 -3.32 -2.57
N ASP A 22 16.62 -3.93 -3.72
CA ASP A 22 17.65 -4.66 -4.44
C ASP A 22 18.75 -3.72 -4.87
N ASP A 23 18.32 -2.55 -5.29
CA ASP A 23 19.21 -1.56 -5.77
C ASP A 23 20.14 -1.16 -4.66
N LEU A 24 19.59 -0.94 -3.47
CA LEU A 24 20.38 -0.51 -2.33
C LEU A 24 21.33 -1.58 -1.95
N GLU A 25 20.87 -2.79 -2.10
CA GLU A 25 21.66 -3.94 -1.77
C GLU A 25 22.96 -3.98 -2.60
N LYS A 26 22.93 -3.42 -3.81
CA LYS A 26 24.15 -3.35 -4.60
C LYS A 26 24.73 -1.91 -4.64
N THR A 27 23.93 -0.97 -4.19
CA THR A 27 24.24 0.43 -4.23
C THR A 27 24.55 1.03 -2.82
N GLY A 28 23.50 1.34 -2.08
CA GLY A 28 23.61 2.01 -0.82
C GLY A 28 22.51 1.62 0.08
N ASN A 29 22.74 0.61 0.85
CA ASN A 29 21.74 0.08 1.79
C ASN A 29 21.89 0.68 3.17
N LYS A 30 22.96 1.37 3.42
CA LYS A 30 23.32 1.82 4.77
C LYS A 30 22.26 2.69 5.47
N ASP A 31 21.72 3.65 4.79
CA ASP A 31 20.69 4.52 5.39
C ASP A 31 19.43 4.53 4.56
N GLU A 32 19.61 4.33 3.29
CA GLU A 32 18.57 4.29 2.30
C GLU A 32 17.58 3.18 2.54
N LYS A 33 18.06 2.09 3.09
CA LYS A 33 17.22 0.95 3.42
C LYS A 33 16.08 1.42 4.34
N ALA A 34 16.47 2.13 5.37
CA ALA A 34 15.54 2.69 6.32
C ALA A 34 14.67 3.75 5.64
N ARG A 35 15.30 4.53 4.75
CA ARG A 35 14.60 5.57 3.99
C ARG A 35 13.50 4.96 3.11
N LEU A 36 13.81 3.85 2.43
CA LEU A 36 12.79 3.23 1.55
C LEU A 36 11.61 2.75 2.40
N LEU A 37 11.90 2.25 3.60
CA LEU A 37 10.84 1.81 4.47
C LEU A 37 9.98 2.97 4.90
N ARG A 38 10.61 4.11 5.09
CA ARG A 38 9.93 5.35 5.35
C ARG A 38 9.00 5.70 4.17
N GLU A 39 9.43 5.35 2.95
CA GLU A 39 8.63 5.61 1.75
C GLU A 39 7.38 4.75 1.77
N LEU A 40 7.49 3.52 2.25
CA LEU A 40 6.34 2.66 2.35
C LEU A 40 5.44 3.10 3.46
N THR A 41 6.02 3.71 4.50
CA THR A 41 5.26 4.27 5.58
C THR A 41 4.33 5.37 5.04
N VAL A 42 4.85 6.17 4.13
CA VAL A 42 4.05 7.20 3.48
C VAL A 42 2.98 6.51 2.60
N SER A 43 3.40 5.46 1.93
CA SER A 43 2.54 4.71 1.04
C SER A 43 1.36 4.09 1.77
N GLU A 44 1.63 3.48 2.89
CA GLU A 44 0.61 2.89 3.68
C GLU A 44 -0.29 3.96 4.26
N ALA A 45 0.27 5.14 4.49
CA ALA A 45 -0.49 6.23 5.05
C ALA A 45 -1.60 6.70 4.12
N PHE A 46 -1.32 6.85 2.84
CA PHE A 46 -2.38 7.27 1.94
C PHE A 46 -3.33 6.15 1.61
N ILE A 47 -2.81 4.92 1.57
CA ILE A 47 -3.64 3.77 1.29
C ILE A 47 -4.61 3.55 2.49
N GLU A 48 -4.10 3.75 3.70
CA GLU A 48 -4.90 3.64 4.89
C GLU A 48 -5.92 4.77 4.92
N GLY A 49 -5.48 5.96 4.53
CA GLY A 49 -6.36 7.10 4.44
C GLY A 49 -7.47 6.87 3.45
N SER A 50 -7.16 6.16 2.38
CA SER A 50 -8.12 5.82 1.37
C SER A 50 -9.13 4.85 1.94
N ARG A 51 -8.68 3.97 2.81
CA ARG A 51 -9.59 3.03 3.43
C ARG A 51 -10.52 3.72 4.39
N GLY A 52 -9.98 4.69 5.11
CA GLY A 52 -10.78 5.49 5.99
C GLY A 52 -11.79 6.29 5.19
N TYR A 53 -11.42 6.61 3.97
CA TYR A 53 -12.22 7.38 3.03
C TYR A 53 -13.41 6.57 2.63
N PHE A 54 -13.16 5.30 2.32
CA PHE A 54 -14.19 4.36 1.96
C PHE A 54 -15.14 4.10 3.12
N GLN A 55 -14.58 4.01 4.32
CA GLN A 55 -15.39 3.85 5.53
C GLN A 55 -16.40 5.01 5.68
N ARG A 56 -15.97 6.21 5.32
CA ARG A 56 -16.87 7.37 5.29
C ARG A 56 -17.88 7.23 4.15
N GLU A 57 -17.41 6.81 2.99
CA GLU A 57 -18.26 6.64 1.81
C GLU A 57 -19.34 5.59 2.03
N LEU A 58 -19.07 4.63 2.87
CA LEU A 58 -20.04 3.61 3.21
C LEU A 58 -21.23 4.22 4.00
N LYS A 59 -21.00 5.41 4.56
CA LYS A 59 -22.01 6.12 5.34
C LYS A 59 -22.70 7.21 4.51
N ARG A 60 -22.20 7.39 3.29
CA ARG A 60 -22.63 8.47 2.36
C ARG A 60 -24.16 8.49 2.10
N THR A 61 -24.82 7.33 2.23
CA THR A 61 -26.26 7.15 1.92
C THR A 61 -26.50 7.17 0.37
N ASP A 62 -25.77 8.02 -0.30
CA ASP A 62 -25.73 8.08 -1.75
C ASP A 62 -24.71 7.05 -2.28
N LEU A 63 -25.08 5.80 -2.11
CA LEU A 63 -24.30 4.66 -2.54
C LEU A 63 -25.22 3.49 -2.54
N ASP A 64 -24.85 2.50 -3.26
CA ASP A 64 -25.58 1.26 -3.28
C ASP A 64 -24.59 0.17 -3.11
N LEU A 65 -25.02 -1.05 -3.29
CA LEU A 65 -24.16 -2.21 -3.21
C LEU A 65 -22.96 -2.11 -4.16
N LEU A 66 -23.16 -1.39 -5.27
CA LEU A 66 -22.13 -1.14 -6.26
C LEU A 66 -20.96 -0.42 -5.60
N GLU A 67 -21.28 0.59 -4.87
CA GLU A 67 -20.30 1.39 -4.20
C GLU A 67 -19.69 0.60 -3.08
N LYS A 68 -20.51 -0.16 -2.37
CA LYS A 68 -20.06 -1.01 -1.29
C LYS A 68 -19.05 -1.95 -1.81
N PHE A 69 -19.32 -2.47 -2.99
CA PHE A 69 -18.48 -3.45 -3.63
C PHE A 69 -17.07 -2.91 -3.85
N ASN A 70 -16.98 -1.64 -4.10
CA ASN A 70 -15.74 -0.94 -4.32
C ASN A 70 -15.02 -0.77 -3.01
N PHE A 71 -15.77 -0.46 -1.98
CA PHE A 71 -15.20 -0.20 -0.67
C PHE A 71 -14.69 -1.46 -0.11
N GLU A 72 -15.52 -2.48 -0.14
CA GLU A 72 -15.15 -3.75 0.36
C GLU A 72 -14.06 -4.33 -0.49
N ALA A 73 -14.08 -3.98 -1.80
CA ALA A 73 -13.00 -4.48 -2.66
C ALA A 73 -11.69 -3.84 -2.25
N ALA A 74 -11.73 -2.55 -2.03
CA ALA A 74 -10.57 -1.78 -1.69
C ALA A 74 -10.09 -2.06 -0.28
N LEU A 75 -10.99 -2.35 0.63
CA LEU A 75 -10.61 -2.66 1.97
C LEU A 75 -9.83 -3.97 2.01
N ALA A 76 -10.29 -4.93 1.23
CA ALA A 76 -9.64 -6.22 1.15
C ALA A 76 -8.35 -6.12 0.36
N THR A 77 -8.41 -5.36 -0.72
CA THR A 77 -7.25 -5.16 -1.55
C THR A 77 -6.17 -4.40 -0.79
N GLY A 78 -6.60 -3.40 -0.06
CA GLY A 78 -5.70 -2.61 0.72
C GLY A 78 -5.11 -3.41 1.83
N ASP A 79 -5.92 -4.28 2.40
CA ASP A 79 -5.51 -5.14 3.50
C ASP A 79 -4.38 -6.10 3.07
N LEU A 80 -4.54 -6.74 1.94
CA LEU A 80 -3.56 -7.72 1.49
C LEU A 80 -2.23 -7.05 1.17
N LEU A 81 -2.29 -5.93 0.45
CA LEU A 81 -1.08 -5.24 0.08
C LEU A 81 -0.47 -4.58 1.29
N LEU A 82 -1.31 -4.23 2.27
CA LEU A 82 -0.82 -3.59 3.46
C LEU A 82 -0.01 -4.62 4.24
N LYS A 83 -0.49 -5.84 4.20
CA LYS A 83 0.18 -6.97 4.76
C LYS A 83 1.47 -7.20 4.01
N ASP A 84 1.44 -6.90 2.70
CA ASP A 84 2.64 -7.05 1.90
C ASP A 84 3.66 -6.00 2.25
N LEU A 85 3.21 -4.75 2.40
CA LEU A 85 4.06 -3.62 2.80
C LEU A 85 4.74 -3.94 4.11
N LYS A 86 3.96 -4.42 5.03
CA LYS A 86 4.38 -4.80 6.35
C LYS A 86 5.40 -5.96 6.28
N ALA A 87 5.09 -7.00 5.54
CA ALA A 87 5.94 -8.18 5.46
C ALA A 87 7.24 -7.85 4.78
N LEU A 88 7.17 -7.01 3.76
CA LEU A 88 8.34 -6.64 3.03
C LEU A 88 9.18 -5.75 3.89
N GLN A 89 8.54 -4.92 4.73
CA GLN A 89 9.25 -4.02 5.63
C GLN A 89 10.13 -4.82 6.56
N LYS A 90 9.62 -5.90 7.09
CA LYS A 90 10.43 -6.75 7.90
C LYS A 90 11.52 -7.46 7.10
N ARG A 91 11.24 -7.78 5.84
CA ARG A 91 12.20 -8.44 4.94
C ARG A 91 13.33 -7.48 4.58
N VAL A 92 12.96 -6.25 4.32
CA VAL A 92 13.91 -5.21 4.01
C VAL A 92 14.76 -4.92 5.24
N GLN A 93 14.10 -4.83 6.37
CA GLN A 93 14.75 -4.67 7.65
C GLN A 93 15.64 -5.89 7.91
N ASP A 94 15.20 -7.02 7.42
CA ASP A 94 15.85 -8.29 7.61
C ASP A 94 17.15 -8.38 6.83
N SER A 95 17.22 -7.76 5.67
CA SER A 95 18.41 -7.86 4.86
C SER A 95 19.42 -6.86 5.34
N GLU A 96 18.89 -5.78 5.94
CA GLU A 96 19.66 -4.73 6.57
C GLU A 96 20.62 -4.08 5.58
N ASN A 1 -14.30 -1.66 -10.76
CA ASN A 1 -12.95 -1.83 -10.20
C ASN A 1 -12.20 -0.50 -10.14
N THR A 2 -12.92 0.63 -10.06
CA THR A 2 -12.31 1.94 -10.02
C THR A 2 -11.44 2.09 -8.74
N ALA A 3 -11.96 1.62 -7.62
CA ALA A 3 -11.25 1.70 -6.37
C ALA A 3 -10.03 0.79 -6.36
N THR A 4 -10.18 -0.38 -6.96
CA THR A 4 -9.12 -1.35 -7.09
C THR A 4 -8.01 -0.78 -7.98
N GLN A 5 -8.43 -0.10 -9.05
CA GLN A 5 -7.53 0.53 -9.99
C GLN A 5 -6.75 1.63 -9.29
N ARG A 6 -7.44 2.32 -8.41
CA ARG A 6 -6.85 3.38 -7.62
C ARG A 6 -5.81 2.80 -6.66
N PHE A 7 -6.03 1.56 -6.24
CA PHE A 7 -5.12 0.89 -5.33
C PHE A 7 -3.97 0.24 -6.06
N HIS A 8 -4.03 0.25 -7.38
CA HIS A 8 -2.94 -0.29 -8.17
C HIS A 8 -1.74 0.66 -8.09
N GLU A 9 -2.01 1.91 -7.73
CA GLU A 9 -0.95 2.88 -7.50
C GLU A 9 -0.20 2.55 -6.22
N ILE A 10 -0.90 1.96 -5.28
CA ILE A 10 -0.29 1.58 -4.02
C ILE A 10 0.50 0.29 -4.27
N GLU A 11 -0.06 -0.55 -5.13
CA GLU A 11 0.58 -1.77 -5.62
C GLU A 11 1.89 -1.37 -6.34
N LYS A 12 1.80 -0.27 -7.07
CA LYS A 12 2.91 0.30 -7.81
C LYS A 12 3.99 0.79 -6.83
N PHE A 13 3.57 1.38 -5.71
CA PHE A 13 4.50 1.75 -4.64
C PHE A 13 5.16 0.52 -4.08
N LEU A 14 4.38 -0.51 -3.91
CA LEU A 14 4.85 -1.77 -3.39
C LEU A 14 5.92 -2.38 -4.33
N LEU A 15 5.74 -2.17 -5.65
CA LEU A 15 6.75 -2.58 -6.65
C LEU A 15 7.98 -1.77 -6.44
N HIS A 16 7.74 -0.49 -6.27
CA HIS A 16 8.80 0.50 -6.08
C HIS A 16 9.65 0.16 -4.86
N ILE A 17 9.00 -0.18 -3.76
CA ILE A 17 9.68 -0.50 -2.54
C ILE A 17 10.56 -1.73 -2.73
N THR A 18 10.02 -2.75 -3.35
CA THR A 18 10.75 -3.96 -3.60
C THR A 18 11.91 -3.69 -4.59
N HIS A 19 11.67 -2.83 -5.59
CA HIS A 19 12.70 -2.45 -6.56
C HIS A 19 13.84 -1.71 -5.91
N GLU A 20 13.52 -0.92 -4.91
CA GLU A 20 14.53 -0.19 -4.18
C GLU A 20 15.35 -1.14 -3.32
N VAL A 21 14.69 -2.14 -2.71
CA VAL A 21 15.36 -3.19 -2.00
C VAL A 21 16.27 -3.94 -2.96
N ASP A 22 15.77 -4.18 -4.13
CA ASP A 22 16.54 -4.84 -5.16
C ASP A 22 17.75 -3.98 -5.58
N ASP A 23 17.48 -2.70 -5.73
CA ASP A 23 18.48 -1.78 -6.13
C ASP A 23 19.49 -1.57 -5.03
N LEU A 24 19.08 -1.70 -3.80
CA LEU A 24 20.02 -1.59 -2.71
C LEU A 24 20.94 -2.77 -2.68
N GLU A 25 20.42 -3.94 -3.02
CA GLU A 25 21.22 -5.15 -3.08
C GLU A 25 22.30 -5.04 -4.13
N LYS A 26 22.02 -4.31 -5.19
CA LYS A 26 22.97 -4.20 -6.28
C LYS A 26 23.74 -2.91 -6.19
N THR A 27 23.19 -1.93 -5.52
CA THR A 27 23.65 -0.58 -5.64
C THR A 27 23.39 0.31 -4.38
N GLY A 28 22.16 0.74 -4.22
CA GLY A 28 21.85 1.80 -3.29
C GLY A 28 21.45 1.36 -1.92
N ASN A 29 22.35 0.72 -1.23
CA ASN A 29 22.08 0.29 0.15
C ASN A 29 22.78 1.21 1.15
N LYS A 30 23.16 2.38 0.70
CA LYS A 30 23.89 3.33 1.52
C LYS A 30 23.01 3.90 2.64
N ASP A 31 21.85 4.35 2.25
CA ASP A 31 20.89 5.01 3.18
C ASP A 31 19.47 4.76 2.72
N GLU A 32 19.37 4.35 1.49
CA GLU A 32 18.15 4.13 0.77
C GLU A 32 17.30 3.07 1.40
N LYS A 33 17.89 2.04 1.96
CA LYS A 33 17.15 0.93 2.52
C LYS A 33 16.28 1.43 3.68
N ALA A 34 16.92 2.15 4.56
CA ALA A 34 16.25 2.73 5.72
C ALA A 34 15.26 3.81 5.27
N ARG A 35 15.69 4.62 4.32
CA ARG A 35 14.89 5.69 3.76
C ARG A 35 13.64 5.13 3.10
N LEU A 36 13.79 4.03 2.40
CA LEU A 36 12.72 3.36 1.76
C LEU A 36 11.70 2.84 2.77
N LEU A 37 12.19 2.38 3.89
CA LEU A 37 11.33 1.93 4.96
C LEU A 37 10.47 3.08 5.47
N ARG A 38 11.03 4.28 5.45
CA ARG A 38 10.28 5.49 5.81
C ARG A 38 9.20 5.73 4.76
N GLU A 39 9.54 5.47 3.49
CA GLU A 39 8.61 5.62 2.38
C GLU A 39 7.42 4.68 2.55
N LEU A 40 7.65 3.49 3.04
CA LEU A 40 6.58 2.57 3.24
C LEU A 40 5.72 2.99 4.40
N THR A 41 6.33 3.66 5.39
CA THR A 41 5.58 4.22 6.48
C THR A 41 4.59 5.29 5.92
N VAL A 42 5.06 6.04 4.94
CA VAL A 42 4.23 7.02 4.25
C VAL A 42 3.17 6.27 3.45
N SER A 43 3.58 5.18 2.83
CA SER A 43 2.72 4.36 1.99
C SER A 43 1.54 3.83 2.78
N GLU A 44 1.82 3.26 3.93
CA GLU A 44 0.78 2.76 4.79
C GLU A 44 -0.12 3.89 5.27
N ALA A 45 0.47 5.08 5.41
CA ALA A 45 -0.27 6.24 5.85
C ALA A 45 -1.32 6.70 4.84
N PHE A 46 -0.99 6.78 3.57
CA PHE A 46 -1.97 7.26 2.61
C PHE A 46 -2.99 6.20 2.29
N ILE A 47 -2.58 4.95 2.30
CA ILE A 47 -3.53 3.90 2.07
C ILE A 47 -4.51 3.81 3.24
N GLU A 48 -4.04 4.08 4.46
CA GLU A 48 -4.91 4.13 5.63
C GLU A 48 -5.98 5.21 5.42
N GLY A 49 -5.55 6.37 4.94
CA GLY A 49 -6.47 7.45 4.65
C GLY A 49 -7.46 7.05 3.56
N SER A 50 -6.99 6.26 2.61
CA SER A 50 -7.80 5.81 1.50
C SER A 50 -8.87 4.84 2.00
N ARG A 51 -8.46 3.92 2.86
CA ARG A 51 -9.40 2.96 3.39
C ARG A 51 -10.40 3.59 4.34
N GLY A 52 -9.94 4.60 5.07
CA GLY A 52 -10.82 5.36 5.90
C GLY A 52 -11.82 6.11 5.04
N TYR A 53 -11.41 6.47 3.83
CA TYR A 53 -12.27 7.20 2.91
C TYR A 53 -13.39 6.31 2.47
N PHE A 54 -13.06 5.06 2.26
CA PHE A 54 -14.02 4.06 1.89
C PHE A 54 -15.05 3.85 2.98
N GLN A 55 -14.60 3.88 4.23
CA GLN A 55 -15.51 3.80 5.37
C GLN A 55 -16.54 4.92 5.29
N ARG A 56 -16.08 6.12 4.94
CA ARG A 56 -16.99 7.26 4.76
C ARG A 56 -17.94 7.01 3.59
N GLU A 57 -17.41 6.46 2.51
CA GLU A 57 -18.19 6.15 1.32
C GLU A 57 -19.27 5.10 1.60
N LEU A 58 -18.96 4.18 2.48
CA LEU A 58 -19.90 3.15 2.90
C LEU A 58 -21.05 3.74 3.71
N LYS A 59 -20.86 4.96 4.17
CA LYS A 59 -21.86 5.62 5.00
C LYS A 59 -22.64 6.67 4.21
N ARG A 60 -22.20 6.90 2.98
CA ARG A 60 -22.76 7.93 2.08
C ARG A 60 -24.21 7.72 1.72
N THR A 61 -24.56 6.47 1.44
CA THR A 61 -25.87 6.08 0.88
C THR A 61 -25.89 6.40 -0.67
N ASP A 62 -24.81 7.03 -1.13
CA ASP A 62 -24.60 7.36 -2.56
C ASP A 62 -24.15 6.13 -3.30
N LEU A 63 -23.74 5.16 -2.55
CA LEU A 63 -23.28 3.93 -3.05
C LEU A 63 -24.43 3.00 -3.12
N ASP A 64 -24.34 2.17 -4.03
CA ASP A 64 -25.24 1.10 -4.21
C ASP A 64 -24.35 -0.12 -4.07
N LEU A 65 -24.80 -1.25 -4.52
CA LEU A 65 -24.01 -2.46 -4.43
C LEU A 65 -22.75 -2.34 -5.27
N LEU A 66 -22.85 -1.58 -6.33
CA LEU A 66 -21.75 -1.39 -7.28
C LEU A 66 -20.60 -0.65 -6.65
N GLU A 67 -20.90 0.44 -6.02
CA GLU A 67 -19.89 1.22 -5.40
C GLU A 67 -19.34 0.50 -4.18
N LYS A 68 -20.25 -0.11 -3.42
CA LYS A 68 -19.91 -0.86 -2.24
C LYS A 68 -18.95 -1.98 -2.58
N PHE A 69 -19.18 -2.59 -3.73
CA PHE A 69 -18.36 -3.69 -4.16
C PHE A 69 -16.93 -3.25 -4.42
N ASN A 70 -16.78 -2.03 -4.87
CA ASN A 70 -15.53 -1.42 -5.20
C ASN A 70 -14.79 -1.06 -3.96
N PHE A 71 -15.52 -0.59 -2.97
CA PHE A 71 -14.91 -0.17 -1.72
C PHE A 71 -14.43 -1.36 -1.00
N GLU A 72 -15.26 -2.40 -0.98
CA GLU A 72 -14.89 -3.62 -0.35
C GLU A 72 -13.79 -4.26 -1.12
N ALA A 73 -13.81 -4.06 -2.45
CA ALA A 73 -12.77 -4.65 -3.28
C ALA A 73 -11.43 -4.01 -2.94
N ALA A 74 -11.46 -2.72 -2.79
CA ALA A 74 -10.29 -1.96 -2.46
C ALA A 74 -9.85 -2.19 -1.03
N LEU A 75 -10.80 -2.32 -0.11
CA LEU A 75 -10.50 -2.59 1.30
C LEU A 75 -9.72 -3.88 1.44
N ALA A 76 -10.14 -4.89 0.70
CA ALA A 76 -9.49 -6.18 0.75
C ALA A 76 -8.12 -6.09 0.12
N THR A 77 -8.03 -5.35 -0.97
CA THR A 77 -6.80 -5.19 -1.69
C THR A 77 -5.79 -4.44 -0.81
N GLY A 78 -6.29 -3.41 -0.19
CA GLY A 78 -5.51 -2.59 0.64
C GLY A 78 -5.05 -3.26 1.88
N ASP A 79 -5.93 -4.02 2.50
CA ASP A 79 -5.61 -4.68 3.76
C ASP A 79 -4.50 -5.68 3.58
N LEU A 80 -4.59 -6.48 2.51
CA LEU A 80 -3.61 -7.52 2.25
C LEU A 80 -2.24 -6.91 1.98
N LEU A 81 -2.20 -5.86 1.16
CA LEU A 81 -0.94 -5.22 0.85
C LEU A 81 -0.44 -4.46 2.05
N LEU A 82 -1.35 -4.01 2.92
CA LEU A 82 -0.97 -3.26 4.10
C LEU A 82 -0.25 -4.22 5.03
N LYS A 83 -0.75 -5.43 5.07
CA LYS A 83 -0.16 -6.51 5.81
C LYS A 83 1.16 -6.85 5.16
N ASP A 84 1.21 -6.69 3.85
CA ASP A 84 2.39 -6.99 3.10
C ASP A 84 3.47 -5.94 3.36
N LEU A 85 3.03 -4.69 3.52
CA LEU A 85 3.92 -3.57 3.85
C LEU A 85 4.65 -3.84 5.15
N LYS A 86 3.91 -4.25 6.18
CA LYS A 86 4.55 -4.53 7.45
C LYS A 86 5.40 -5.80 7.41
N ALA A 87 4.95 -6.78 6.67
CA ALA A 87 5.66 -8.02 6.56
C ALA A 87 6.95 -7.85 5.76
N LEU A 88 6.87 -7.04 4.71
CA LEU A 88 8.00 -6.82 3.86
C LEU A 88 9.01 -6.01 4.57
N GLN A 89 8.57 -5.03 5.37
CA GLN A 89 9.52 -4.19 6.08
C GLN A 89 10.28 -5.01 7.07
N LYS A 90 9.64 -6.02 7.62
CA LYS A 90 10.34 -6.94 8.51
C LYS A 90 11.37 -7.77 7.71
N ARG A 91 11.03 -8.11 6.47
CA ARG A 91 11.94 -8.82 5.58
C ARG A 91 13.12 -7.92 5.21
N VAL A 92 12.79 -6.70 4.89
CA VAL A 92 13.74 -5.70 4.53
C VAL A 92 14.63 -5.29 5.74
N GLN A 93 14.02 -5.23 6.94
CA GLN A 93 14.75 -5.01 8.19
C GLN A 93 15.72 -6.14 8.37
N ASP A 94 15.28 -7.35 8.04
CA ASP A 94 16.08 -8.53 8.22
C ASP A 94 17.23 -8.61 7.23
N SER A 95 17.01 -8.03 6.04
CA SER A 95 17.99 -8.04 4.97
C SER A 95 19.33 -7.45 5.45
N GLU A 96 19.26 -6.38 6.22
CA GLU A 96 20.41 -5.70 6.75
C GLU A 96 20.01 -5.19 8.10
N ASN A 1 -12.75 -6.11 -11.96
CA ASN A 1 -11.99 -5.60 -10.82
C ASN A 1 -11.84 -4.09 -10.90
N THR A 2 -12.79 -3.37 -10.35
CA THR A 2 -12.77 -1.93 -10.36
C THR A 2 -11.85 -1.34 -9.29
N ALA A 3 -11.84 -1.97 -8.13
CA ALA A 3 -11.10 -1.48 -6.99
C ALA A 3 -9.60 -1.60 -7.20
N THR A 4 -9.18 -2.74 -7.70
CA THR A 4 -7.78 -2.98 -7.94
C THR A 4 -7.26 -2.04 -9.01
N GLN A 5 -8.16 -1.68 -9.94
CA GLN A 5 -7.85 -0.76 -11.02
C GLN A 5 -7.48 0.62 -10.45
N ARG A 6 -8.15 1.01 -9.39
CA ARG A 6 -7.90 2.27 -8.75
C ARG A 6 -6.67 2.18 -7.85
N PHE A 7 -6.37 0.99 -7.39
CA PHE A 7 -5.22 0.75 -6.53
C PHE A 7 -4.00 0.25 -7.30
N HIS A 8 -4.03 0.34 -8.63
CA HIS A 8 -2.89 -0.10 -9.46
C HIS A 8 -1.64 0.70 -9.15
N GLU A 9 -1.82 2.00 -8.95
CA GLU A 9 -0.69 2.88 -8.63
C GLU A 9 -0.02 2.48 -7.33
N ILE A 10 -0.82 2.02 -6.39
CA ILE A 10 -0.30 1.65 -5.10
C ILE A 10 0.43 0.31 -5.21
N GLU A 11 -0.08 -0.57 -6.06
CA GLU A 11 0.57 -1.83 -6.33
C GLU A 11 1.91 -1.57 -7.04
N LYS A 12 1.94 -0.55 -7.89
CA LYS A 12 3.17 -0.13 -8.55
C LYS A 12 4.18 0.31 -7.52
N PHE A 13 3.72 1.05 -6.50
CA PHE A 13 4.57 1.46 -5.38
C PHE A 13 5.16 0.26 -4.68
N LEU A 14 4.34 -0.75 -4.49
CA LEU A 14 4.74 -2.00 -3.86
C LEU A 14 5.91 -2.64 -4.64
N LEU A 15 5.76 -2.66 -5.96
CA LEU A 15 6.79 -3.20 -6.84
C LEU A 15 8.02 -2.33 -6.75
N HIS A 16 7.75 -1.04 -6.75
CA HIS A 16 8.77 0.01 -6.66
C HIS A 16 9.62 -0.14 -5.41
N ILE A 17 8.99 -0.40 -4.29
CA ILE A 17 9.70 -0.56 -3.03
C ILE A 17 10.62 -1.77 -3.11
N THR A 18 10.11 -2.88 -3.62
CA THR A 18 10.91 -4.09 -3.75
C THR A 18 12.11 -3.86 -4.74
N HIS A 19 11.83 -3.18 -5.87
CA HIS A 19 12.88 -2.82 -6.85
C HIS A 19 13.93 -1.93 -6.20
N GLU A 20 13.44 -0.98 -5.42
CA GLU A 20 14.25 -0.04 -4.73
C GLU A 20 15.14 -0.76 -3.71
N VAL A 21 14.66 -1.87 -3.15
CA VAL A 21 15.41 -2.66 -2.20
C VAL A 21 16.64 -3.20 -2.86
N ASP A 22 16.45 -3.71 -4.07
CA ASP A 22 17.58 -4.23 -4.82
C ASP A 22 18.55 -3.09 -5.16
N ASP A 23 17.96 -1.98 -5.58
CA ASP A 23 18.73 -0.85 -5.98
C ASP A 23 19.54 -0.32 -4.85
N LEU A 24 18.94 -0.17 -3.69
CA LEU A 24 19.63 0.41 -2.57
C LEU A 24 20.77 -0.46 -2.13
N GLU A 25 20.60 -1.77 -2.23
CA GLU A 25 21.65 -2.67 -1.85
C GLU A 25 22.83 -2.64 -2.79
N LYS A 26 22.61 -2.27 -4.03
CA LYS A 26 23.74 -2.13 -4.93
C LYS A 26 24.20 -0.68 -5.08
N THR A 27 23.37 0.19 -4.60
CA THR A 27 23.60 1.61 -4.57
C THR A 27 24.34 2.07 -3.27
N GLY A 28 24.13 1.37 -2.18
CA GLY A 28 24.82 1.70 -0.93
C GLY A 28 24.18 1.08 0.30
N ASN A 29 22.94 1.48 0.56
CA ASN A 29 22.05 0.95 1.63
C ASN A 29 22.52 1.28 3.02
N LYS A 30 23.21 2.40 3.13
CA LYS A 30 23.69 2.86 4.44
C LYS A 30 22.51 3.27 5.29
N ASP A 31 21.66 4.10 4.72
CA ASP A 31 20.46 4.55 5.38
C ASP A 31 19.29 4.32 4.48
N GLU A 32 19.58 4.05 3.21
CA GLU A 32 18.59 3.91 2.17
C GLU A 32 17.65 2.77 2.45
N LYS A 33 18.16 1.72 3.05
CA LYS A 33 17.37 0.54 3.36
C LYS A 33 16.24 0.91 4.34
N ALA A 34 16.62 1.58 5.38
CA ALA A 34 15.69 2.09 6.37
C ALA A 34 14.85 3.23 5.80
N ARG A 35 15.49 4.06 4.98
CA ARG A 35 14.86 5.20 4.34
C ARG A 35 13.72 4.72 3.43
N LEU A 36 13.96 3.61 2.74
CA LEU A 36 12.95 3.05 1.90
C LEU A 36 11.81 2.47 2.74
N LEU A 37 12.15 1.89 3.87
CA LEU A 37 11.11 1.39 4.76
C LEU A 37 10.22 2.51 5.25
N ARG A 38 10.81 3.67 5.44
CA ARG A 38 10.07 4.84 5.86
C ARG A 38 9.15 5.28 4.70
N GLU A 39 9.62 5.08 3.48
CA GLU A 39 8.85 5.36 2.29
C GLU A 39 7.62 4.43 2.19
N LEU A 40 7.76 3.20 2.68
CA LEU A 40 6.64 2.30 2.69
C LEU A 40 5.64 2.69 3.76
N THR A 41 6.16 3.29 4.84
CA THR A 41 5.32 3.82 5.90
C THR A 41 4.41 4.91 5.30
N VAL A 42 4.95 5.66 4.36
CA VAL A 42 4.19 6.65 3.62
C VAL A 42 3.17 5.92 2.71
N SER A 43 3.61 4.81 2.13
CA SER A 43 2.75 4.02 1.23
C SER A 43 1.52 3.48 1.96
N GLU A 44 1.74 2.90 3.10
CA GLU A 44 0.64 2.42 3.92
C GLU A 44 -0.21 3.58 4.42
N ALA A 45 0.42 4.75 4.58
CA ALA A 45 -0.29 5.96 5.01
C ALA A 45 -1.38 6.36 4.02
N PHE A 46 -1.09 6.34 2.72
CA PHE A 46 -2.14 6.65 1.76
C PHE A 46 -3.17 5.55 1.66
N ILE A 47 -2.73 4.31 1.86
CA ILE A 47 -3.69 3.20 1.96
C ILE A 47 -4.66 3.43 3.13
N GLU A 48 -4.14 3.86 4.26
CA GLU A 48 -4.98 4.19 5.40
C GLU A 48 -5.92 5.35 5.03
N GLY A 49 -5.38 6.32 4.31
CA GLY A 49 -6.15 7.45 3.84
C GLY A 49 -7.30 7.02 2.94
N SER A 50 -7.00 6.18 1.99
CA SER A 50 -7.98 5.71 1.05
C SER A 50 -8.97 4.78 1.73
N ARG A 51 -8.51 4.02 2.71
CA ARG A 51 -9.40 3.14 3.43
C ARG A 51 -10.39 3.93 4.23
N GLY A 52 -9.90 4.92 4.94
CA GLY A 52 -10.77 5.79 5.68
C GLY A 52 -11.71 6.52 4.75
N TYR A 53 -11.26 6.75 3.50
CA TYR A 53 -12.01 7.51 2.51
C TYR A 53 -13.23 6.73 2.12
N PHE A 54 -13.00 5.50 1.79
CA PHE A 54 -14.04 4.61 1.42
C PHE A 54 -15.00 4.34 2.58
N GLN A 55 -14.45 4.23 3.77
CA GLN A 55 -15.26 4.02 4.97
C GLN A 55 -16.17 5.22 5.25
N ARG A 56 -15.69 6.42 4.93
CA ARG A 56 -16.51 7.63 5.03
C ARG A 56 -17.67 7.54 4.05
N GLU A 57 -17.37 7.09 2.85
CA GLU A 57 -18.39 6.90 1.82
C GLU A 57 -19.39 5.83 2.27
N LEU A 58 -18.91 4.88 3.07
CA LEU A 58 -19.78 3.83 3.64
C LEU A 58 -20.80 4.40 4.63
N LYS A 59 -20.56 5.61 5.09
CA LYS A 59 -21.42 6.26 6.05
C LYS A 59 -22.12 7.45 5.43
N ARG A 60 -21.74 7.77 4.20
CA ARG A 60 -22.22 8.94 3.48
C ARG A 60 -23.72 8.86 3.23
N THR A 61 -24.21 7.63 3.12
CA THR A 61 -25.60 7.34 2.77
C THR A 61 -25.80 7.45 1.23
N ASP A 62 -24.92 8.20 0.57
CA ASP A 62 -24.87 8.29 -0.90
C ASP A 62 -24.02 7.19 -1.45
N LEU A 63 -24.53 6.01 -1.36
CA LEU A 63 -23.94 4.83 -1.91
C LEU A 63 -25.00 3.80 -2.03
N ASP A 64 -24.79 2.97 -2.95
CA ASP A 64 -25.63 1.88 -3.24
C ASP A 64 -24.80 0.66 -2.96
N LEU A 65 -25.39 -0.53 -3.01
CA LEU A 65 -24.64 -1.77 -2.83
C LEU A 65 -23.49 -1.82 -3.85
N LEU A 66 -23.73 -1.20 -4.99
CA LEU A 66 -22.77 -1.08 -6.08
C LEU A 66 -21.51 -0.40 -5.60
N GLU A 67 -21.71 0.70 -4.96
CA GLU A 67 -20.66 1.53 -4.50
C GLU A 67 -19.98 0.88 -3.34
N LYS A 68 -20.80 0.28 -2.48
CA LYS A 68 -20.32 -0.46 -1.33
C LYS A 68 -19.38 -1.52 -1.77
N PHE A 69 -19.72 -2.17 -2.89
CA PHE A 69 -18.90 -3.24 -3.36
C PHE A 69 -17.50 -2.77 -3.74
N ASN A 70 -17.41 -1.56 -4.22
CA ASN A 70 -16.17 -0.96 -4.65
C ASN A 70 -15.37 -0.57 -3.44
N PHE A 71 -16.06 -0.11 -2.41
CA PHE A 71 -15.41 0.34 -1.20
C PHE A 71 -14.86 -0.83 -0.48
N GLU A 72 -15.68 -1.86 -0.31
CA GLU A 72 -15.25 -3.03 0.38
C GLU A 72 -14.19 -3.70 -0.44
N ALA A 73 -14.31 -3.57 -1.79
CA ALA A 73 -13.31 -4.24 -2.61
C ALA A 73 -11.97 -3.53 -2.49
N ALA A 74 -11.99 -2.22 -2.42
CA ALA A 74 -10.80 -1.43 -2.30
C ALA A 74 -10.19 -1.58 -0.93
N LEU A 75 -11.03 -1.64 0.10
CA LEU A 75 -10.56 -1.81 1.47
C LEU A 75 -9.77 -3.10 1.60
N ALA A 76 -10.26 -4.14 0.94
CA ALA A 76 -9.61 -5.41 0.98
C ALA A 76 -8.35 -5.40 0.14
N THR A 77 -8.36 -4.64 -0.92
CA THR A 77 -7.23 -4.58 -1.79
C THR A 77 -6.10 -3.82 -1.10
N GLY A 78 -6.48 -2.74 -0.42
CA GLY A 78 -5.52 -1.95 0.29
C GLY A 78 -4.95 -2.71 1.47
N ASP A 79 -5.80 -3.48 2.12
CA ASP A 79 -5.39 -4.27 3.27
C ASP A 79 -4.37 -5.31 2.87
N LEU A 80 -4.68 -6.03 1.82
CA LEU A 80 -3.83 -7.11 1.34
C LEU A 80 -2.45 -6.64 0.96
N LEU A 81 -2.38 -5.57 0.19
CA LEU A 81 -1.09 -5.03 -0.19
C LEU A 81 -0.38 -4.39 1.01
N LEU A 82 -1.16 -3.88 1.99
CA LEU A 82 -0.57 -3.26 3.20
C LEU A 82 0.12 -4.34 3.98
N LYS A 83 -0.51 -5.48 4.00
CA LYS A 83 0.04 -6.63 4.62
C LYS A 83 1.23 -7.12 3.82
N ASP A 84 1.19 -6.91 2.50
CA ASP A 84 2.32 -7.32 1.66
C ASP A 84 3.52 -6.42 1.97
N LEU A 85 3.22 -5.11 2.15
CA LEU A 85 4.20 -4.10 2.58
C LEU A 85 4.83 -4.54 3.88
N LYS A 86 3.99 -4.92 4.81
CA LYS A 86 4.38 -5.36 6.11
C LYS A 86 5.29 -6.60 6.04
N ALA A 87 4.98 -7.52 5.14
CA ALA A 87 5.76 -8.74 5.01
C ALA A 87 7.13 -8.43 4.43
N LEU A 88 7.15 -7.55 3.44
CA LEU A 88 8.38 -7.19 2.81
C LEU A 88 9.20 -6.38 3.78
N GLN A 89 8.51 -5.60 4.61
CA GLN A 89 9.12 -4.76 5.61
C GLN A 89 9.94 -5.60 6.53
N LYS A 90 9.41 -6.70 6.99
CA LYS A 90 10.17 -7.57 7.87
C LYS A 90 11.30 -8.23 7.15
N ARG A 91 11.13 -8.54 5.86
CA ARG A 91 12.21 -9.09 5.07
C ARG A 91 13.32 -8.07 5.01
N VAL A 92 12.93 -6.87 4.64
CA VAL A 92 13.85 -5.80 4.45
C VAL A 92 14.53 -5.36 5.76
N GLN A 93 13.76 -5.22 6.85
CA GLN A 93 14.35 -4.84 8.13
C GLN A 93 15.27 -5.90 8.65
N ASP A 94 14.98 -7.14 8.33
CA ASP A 94 15.77 -8.23 8.80
C ASP A 94 17.07 -8.40 8.01
N SER A 95 17.08 -7.98 6.74
CA SER A 95 18.25 -8.18 5.89
C SER A 95 19.49 -7.41 6.40
N GLU A 96 19.32 -6.14 6.74
CA GLU A 96 20.43 -5.29 7.10
C GLU A 96 20.20 -4.71 8.48
N ASN A 1 -9.16 -4.96 -11.89
CA ASN A 1 -10.53 -4.48 -11.71
C ASN A 1 -10.47 -3.11 -11.08
N THR A 2 -11.60 -2.51 -10.80
CA THR A 2 -11.69 -1.17 -10.27
C THR A 2 -11.00 -1.02 -8.89
N ALA A 3 -11.15 -2.03 -8.04
CA ALA A 3 -10.52 -2.03 -6.71
C ALA A 3 -8.99 -1.96 -6.84
N THR A 4 -8.45 -2.78 -7.70
CA THR A 4 -7.05 -2.81 -7.94
C THR A 4 -6.57 -1.56 -8.67
N GLN A 5 -7.45 -0.96 -9.47
CA GLN A 5 -7.19 0.34 -10.11
C GLN A 5 -7.02 1.41 -9.04
N ARG A 6 -7.87 1.33 -8.01
CA ARG A 6 -7.83 2.29 -6.92
C ARG A 6 -6.51 2.21 -6.20
N PHE A 7 -6.00 1.01 -5.99
CA PHE A 7 -4.77 0.90 -5.25
C PHE A 7 -3.55 0.63 -6.09
N HIS A 8 -3.67 0.89 -7.38
CA HIS A 8 -2.54 0.72 -8.31
C HIS A 8 -1.42 1.72 -7.98
N GLU A 9 -1.78 2.83 -7.36
CA GLU A 9 -0.80 3.82 -6.90
C GLU A 9 0.14 3.20 -5.86
N ILE A 10 -0.43 2.42 -4.97
CA ILE A 10 0.37 1.82 -3.93
C ILE A 10 1.12 0.66 -4.52
N GLU A 11 0.47 -0.02 -5.45
CA GLU A 11 1.04 -1.16 -6.17
C GLU A 11 2.30 -0.74 -6.92
N LYS A 12 2.24 0.39 -7.63
CA LYS A 12 3.39 0.89 -8.37
C LYS A 12 4.51 1.30 -7.41
N PHE A 13 4.13 1.88 -6.27
CA PHE A 13 5.12 2.21 -5.26
C PHE A 13 5.78 0.98 -4.69
N LEU A 14 4.98 -0.03 -4.36
CA LEU A 14 5.51 -1.27 -3.82
C LEU A 14 6.49 -1.90 -4.76
N LEU A 15 6.15 -1.97 -6.04
CA LEU A 15 7.05 -2.57 -7.00
C LEU A 15 8.32 -1.73 -7.18
N HIS A 16 8.18 -0.41 -7.11
CA HIS A 16 9.33 0.45 -7.23
C HIS A 16 10.23 0.27 -6.01
N ILE A 17 9.64 0.25 -4.84
CA ILE A 17 10.36 0.10 -3.58
C ILE A 17 11.07 -1.26 -3.51
N THR A 18 10.44 -2.29 -4.04
CA THR A 18 11.07 -3.60 -4.10
C THR A 18 12.31 -3.53 -5.02
N HIS A 19 12.17 -2.79 -6.11
CA HIS A 19 13.28 -2.56 -7.03
C HIS A 19 14.35 -1.70 -6.37
N GLU A 20 13.92 -0.82 -5.48
CA GLU A 20 14.84 -0.02 -4.66
C GLU A 20 15.64 -0.92 -3.72
N VAL A 21 15.03 -2.02 -3.29
CA VAL A 21 15.71 -3.01 -2.50
C VAL A 21 16.79 -3.65 -3.37
N ASP A 22 16.49 -3.84 -4.62
CA ASP A 22 17.49 -4.31 -5.57
C ASP A 22 18.55 -3.23 -5.79
N ASP A 23 18.10 -1.97 -5.78
CA ASP A 23 18.96 -0.83 -5.95
C ASP A 23 19.95 -0.80 -4.81
N LEU A 24 19.47 -1.10 -3.62
CA LEU A 24 20.31 -1.11 -2.45
C LEU A 24 21.28 -2.25 -2.50
N GLU A 25 20.86 -3.33 -3.09
CA GLU A 25 21.74 -4.44 -3.30
C GLU A 25 22.89 -4.06 -4.28
N LYS A 26 22.68 -3.06 -5.13
CA LYS A 26 23.74 -2.64 -6.04
C LYS A 26 24.40 -1.31 -5.61
N THR A 27 23.78 -0.64 -4.67
CA THR A 27 24.17 0.66 -4.23
C THR A 27 24.75 0.60 -2.79
N GLY A 28 24.12 -0.18 -1.97
CA GLY A 28 24.47 -0.28 -0.59
C GLY A 28 23.27 0.08 0.24
N ASN A 29 23.04 1.38 0.34
CA ASN A 29 21.89 1.98 1.05
C ASN A 29 21.74 1.41 2.43
N LYS A 30 22.83 1.39 3.17
CA LYS A 30 22.85 0.80 4.49
C LYS A 30 21.88 1.55 5.44
N ASP A 31 21.78 2.85 5.28
CA ASP A 31 20.86 3.66 6.09
C ASP A 31 19.67 4.10 5.24
N GLU A 32 19.92 4.18 3.95
CA GLU A 32 18.94 4.59 2.97
C GLU A 32 17.84 3.58 2.86
N LYS A 33 18.18 2.31 3.00
CA LYS A 33 17.17 1.25 2.96
C LYS A 33 16.08 1.49 4.02
N ALA A 34 16.50 1.75 5.21
CA ALA A 34 15.58 2.15 6.30
C ALA A 34 14.78 3.42 5.94
N ARG A 35 15.43 4.38 5.30
CA ARG A 35 14.75 5.61 4.88
C ARG A 35 13.73 5.28 3.79
N LEU A 36 14.11 4.39 2.91
CA LEU A 36 13.25 3.85 1.90
C LEU A 36 12.02 3.15 2.55
N LEU A 37 12.27 2.50 3.65
CA LEU A 37 11.21 1.86 4.42
C LEU A 37 10.25 2.90 4.97
N ARG A 38 10.76 4.06 5.29
CA ARG A 38 9.92 5.16 5.75
C ARG A 38 9.08 5.68 4.58
N GLU A 39 9.61 5.53 3.39
CA GLU A 39 8.91 5.90 2.21
C GLU A 39 7.73 4.92 1.96
N LEU A 40 7.89 3.66 2.32
CA LEU A 40 6.75 2.75 2.22
C LEU A 40 5.73 3.11 3.27
N THR A 41 6.20 3.63 4.38
CA THR A 41 5.36 4.13 5.44
C THR A 41 4.49 5.31 4.93
N VAL A 42 5.01 6.13 4.03
CA VAL A 42 4.18 7.19 3.48
C VAL A 42 3.13 6.59 2.52
N SER A 43 3.52 5.59 1.71
CA SER A 43 2.57 4.89 0.83
C SER A 43 1.49 4.19 1.65
N GLU A 44 1.91 3.83 2.82
CA GLU A 44 1.11 3.15 3.81
C GLU A 44 0.01 4.10 4.27
N ALA A 45 0.39 5.36 4.41
CA ALA A 45 -0.52 6.41 4.80
C ALA A 45 -1.58 6.63 3.72
N PHE A 46 -1.19 6.52 2.45
CA PHE A 46 -2.17 6.71 1.34
C PHE A 46 -3.25 5.63 1.45
N ILE A 47 -2.83 4.39 1.75
CA ILE A 47 -3.78 3.29 1.98
C ILE A 47 -4.74 3.64 3.10
N GLU A 48 -4.19 4.09 4.20
CA GLU A 48 -4.97 4.35 5.38
C GLU A 48 -5.96 5.50 5.16
N GLY A 49 -5.50 6.55 4.49
CA GLY A 49 -6.38 7.67 4.18
C GLY A 49 -7.51 7.23 3.28
N SER A 50 -7.17 6.37 2.34
CA SER A 50 -8.13 5.85 1.41
C SER A 50 -9.11 4.92 2.11
N ARG A 51 -8.64 4.23 3.15
CA ARG A 51 -9.52 3.39 3.92
C ARG A 51 -10.54 4.21 4.65
N GLY A 52 -10.10 5.34 5.15
CA GLY A 52 -10.99 6.26 5.78
C GLY A 52 -11.96 6.84 4.77
N TYR A 53 -11.53 6.90 3.51
CA TYR A 53 -12.34 7.48 2.43
C TYR A 53 -13.55 6.61 2.24
N PHE A 54 -13.31 5.32 2.20
CA PHE A 54 -14.36 4.37 2.03
C PHE A 54 -15.32 4.37 3.20
N GLN A 55 -14.78 4.53 4.42
CA GLN A 55 -15.60 4.65 5.62
C GLN A 55 -16.60 5.80 5.47
N ARG A 56 -16.14 6.92 4.90
CA ARG A 56 -17.00 8.09 4.64
C ARG A 56 -18.02 7.76 3.58
N GLU A 57 -17.61 7.00 2.59
CA GLU A 57 -18.49 6.59 1.50
C GLU A 57 -19.65 5.72 1.99
N LEU A 58 -19.44 4.95 3.05
CA LEU A 58 -20.53 4.20 3.64
C LEU A 58 -21.54 5.12 4.33
N LYS A 59 -21.13 6.35 4.58
CA LYS A 59 -21.96 7.34 5.23
C LYS A 59 -22.53 8.31 4.19
N ARG A 60 -22.06 8.16 2.96
CA ARG A 60 -22.40 9.03 1.83
C ARG A 60 -23.88 8.93 1.47
N THR A 61 -24.44 7.74 1.66
CA THR A 61 -25.82 7.41 1.29
C THR A 61 -25.92 7.13 -0.23
N ASP A 62 -25.01 7.70 -1.02
CA ASP A 62 -24.96 7.45 -2.46
C ASP A 62 -24.18 6.16 -2.73
N LEU A 63 -24.68 5.09 -2.17
CA LEU A 63 -24.15 3.76 -2.37
C LEU A 63 -25.26 2.79 -2.08
N ASP A 64 -25.19 1.70 -2.73
CA ASP A 64 -26.06 0.59 -2.49
C ASP A 64 -25.11 -0.57 -2.31
N LEU A 65 -25.59 -1.79 -2.32
CA LEU A 65 -24.77 -2.96 -2.07
C LEU A 65 -23.64 -3.06 -3.07
N LEU A 66 -23.87 -2.59 -4.27
CA LEU A 66 -22.87 -2.64 -5.34
C LEU A 66 -21.68 -1.79 -5.04
N GLU A 67 -21.95 -0.58 -4.68
CA GLU A 67 -20.94 0.37 -4.46
C GLU A 67 -20.20 0.03 -3.20
N LYS A 68 -20.98 -0.40 -2.21
CA LYS A 68 -20.44 -0.82 -0.94
C LYS A 68 -19.58 -2.05 -1.18
N PHE A 69 -20.00 -2.90 -2.10
CA PHE A 69 -19.26 -4.12 -2.39
C PHE A 69 -17.89 -3.79 -2.98
N ASN A 70 -17.85 -2.73 -3.73
CA ASN A 70 -16.67 -2.24 -4.38
C ASN A 70 -15.74 -1.58 -3.39
N PHE A 71 -16.31 -0.91 -2.38
CA PHE A 71 -15.48 -0.29 -1.33
C PHE A 71 -14.92 -1.38 -0.50
N GLU A 72 -15.74 -2.39 -0.26
CA GLU A 72 -15.34 -3.56 0.48
C GLU A 72 -14.29 -4.28 -0.33
N ALA A 73 -14.43 -4.21 -1.65
CA ALA A 73 -13.45 -4.84 -2.51
C ALA A 73 -12.12 -4.08 -2.45
N ALA A 74 -12.21 -2.77 -2.52
CA ALA A 74 -11.06 -1.91 -2.47
C ALA A 74 -10.38 -1.97 -1.11
N LEU A 75 -11.17 -1.97 -0.06
CA LEU A 75 -10.65 -2.07 1.30
C LEU A 75 -9.87 -3.34 1.49
N ALA A 76 -10.35 -4.43 0.93
CA ALA A 76 -9.67 -5.70 1.02
C ALA A 76 -8.41 -5.69 0.17
N THR A 77 -8.43 -4.90 -0.88
CA THR A 77 -7.31 -4.78 -1.76
C THR A 77 -6.20 -4.06 -1.03
N GLY A 78 -6.55 -2.93 -0.44
CA GLY A 78 -5.64 -2.11 0.26
C GLY A 78 -5.13 -2.75 1.52
N ASP A 79 -6.00 -3.38 2.27
CA ASP A 79 -5.64 -4.00 3.54
C ASP A 79 -4.68 -5.17 3.35
N LEU A 80 -4.92 -5.97 2.33
CA LEU A 80 -4.05 -7.10 2.06
C LEU A 80 -2.68 -6.66 1.58
N LEU A 81 -2.63 -5.69 0.69
CA LEU A 81 -1.33 -5.19 0.23
C LEU A 81 -0.65 -4.40 1.35
N LEU A 82 -1.44 -3.83 2.27
CA LEU A 82 -0.93 -3.07 3.41
C LEU A 82 -0.16 -4.04 4.28
N LYS A 83 -0.72 -5.19 4.41
CA LYS A 83 -0.13 -6.25 5.15
C LYS A 83 1.07 -6.78 4.39
N ASP A 84 1.01 -6.72 3.07
CA ASP A 84 2.14 -7.17 2.26
C ASP A 84 3.28 -6.15 2.32
N LEU A 85 2.90 -4.90 2.43
CA LEU A 85 3.77 -3.76 2.58
C LEU A 85 4.59 -3.90 3.86
N LYS A 86 3.89 -4.20 4.95
CA LYS A 86 4.54 -4.40 6.22
C LYS A 86 5.36 -5.69 6.23
N ALA A 87 4.96 -6.66 5.42
CA ALA A 87 5.66 -7.92 5.32
C ALA A 87 6.97 -7.74 4.60
N LEU A 88 6.95 -6.95 3.55
CA LEU A 88 8.14 -6.69 2.80
C LEU A 88 9.03 -5.84 3.66
N GLN A 89 8.42 -4.97 4.44
CA GLN A 89 9.13 -4.12 5.37
C GLN A 89 9.90 -4.95 6.37
N LYS A 90 9.30 -5.98 6.91
CA LYS A 90 10.01 -6.84 7.86
C LYS A 90 11.13 -7.57 7.15
N ARG A 91 10.90 -7.91 5.91
CA ARG A 91 11.85 -8.60 5.08
C ARG A 91 13.03 -7.69 4.80
N VAL A 92 12.74 -6.47 4.45
CA VAL A 92 13.74 -5.48 4.16
C VAL A 92 14.47 -4.99 5.46
N GLN A 93 13.71 -4.85 6.55
CA GLN A 93 14.26 -4.50 7.87
C GLN A 93 15.24 -5.54 8.29
N ASP A 94 14.84 -6.77 8.09
CA ASP A 94 15.64 -7.89 8.45
C ASP A 94 16.82 -8.00 7.50
N SER A 95 16.53 -7.81 6.21
CA SER A 95 17.49 -7.64 5.13
C SER A 95 18.20 -8.95 4.69
N GLU A 96 18.30 -9.89 5.56
CA GLU A 96 18.96 -11.15 5.27
C GLU A 96 18.01 -12.11 4.56
N ASN A 1 -13.32 -3.11 -11.18
CA ASN A 1 -12.40 -2.60 -12.22
C ASN A 1 -11.61 -1.39 -11.72
N THR A 2 -12.31 -0.31 -11.40
CA THR A 2 -11.69 0.95 -11.03
C THR A 2 -10.85 0.82 -9.74
N ALA A 3 -11.45 0.25 -8.70
CA ALA A 3 -10.82 0.12 -7.39
C ALA A 3 -9.52 -0.68 -7.49
N THR A 4 -9.58 -1.74 -8.24
CA THR A 4 -8.50 -2.66 -8.41
C THR A 4 -7.30 -1.98 -9.06
N GLN A 5 -7.54 -1.31 -10.19
CA GLN A 5 -6.47 -0.62 -10.90
C GLN A 5 -5.94 0.55 -10.11
N ARG A 6 -6.84 1.19 -9.39
CA ARG A 6 -6.53 2.33 -8.54
C ARG A 6 -5.53 1.90 -7.45
N PHE A 7 -5.60 0.64 -7.01
CA PHE A 7 -4.60 0.18 -6.05
C PHE A 7 -3.55 -0.71 -6.69
N HIS A 8 -3.73 -1.03 -7.96
CA HIS A 8 -2.76 -1.80 -8.74
C HIS A 8 -1.48 -1.03 -8.83
N GLU A 9 -1.61 0.28 -8.97
CA GLU A 9 -0.47 1.15 -9.06
C GLU A 9 0.34 1.10 -7.79
N ILE A 10 -0.33 0.84 -6.69
CA ILE A 10 0.33 0.75 -5.41
C ILE A 10 0.97 -0.65 -5.27
N GLU A 11 0.31 -1.66 -5.83
CA GLU A 11 0.84 -3.03 -5.85
C GLU A 11 2.20 -3.05 -6.63
N LYS A 12 2.21 -2.41 -7.77
CA LYS A 12 3.44 -2.26 -8.56
C LYS A 12 4.48 -1.36 -7.85
N PHE A 13 3.98 -0.34 -7.16
CA PHE A 13 4.81 0.56 -6.34
C PHE A 13 5.54 -0.28 -5.28
N LEU A 14 4.80 -1.21 -4.70
CA LEU A 14 5.29 -2.14 -3.70
C LEU A 14 6.46 -2.95 -4.26
N LEU A 15 6.29 -3.48 -5.47
CA LEU A 15 7.37 -4.25 -6.08
C LEU A 15 8.58 -3.37 -6.40
N HIS A 16 8.30 -2.13 -6.78
CA HIS A 16 9.34 -1.14 -7.01
C HIS A 16 10.15 -0.91 -5.74
N ILE A 17 9.47 -0.95 -4.60
CA ILE A 17 10.12 -0.77 -3.32
C ILE A 17 11.09 -1.92 -3.06
N THR A 18 10.64 -3.14 -3.32
CA THR A 18 11.47 -4.31 -3.12
C THR A 18 12.73 -4.22 -4.01
N HIS A 19 12.55 -3.85 -5.28
CA HIS A 19 13.66 -3.70 -6.23
C HIS A 19 14.61 -2.59 -5.81
N GLU A 20 14.06 -1.59 -5.17
CA GLU A 20 14.84 -0.49 -4.72
C GLU A 20 15.72 -0.92 -3.55
N VAL A 21 15.23 -1.88 -2.74
CA VAL A 21 15.99 -2.47 -1.66
C VAL A 21 17.18 -3.17 -2.24
N ASP A 22 16.94 -3.87 -3.32
CA ASP A 22 18.00 -4.59 -4.01
C ASP A 22 19.02 -3.62 -4.60
N ASP A 23 18.53 -2.47 -5.03
CA ASP A 23 19.33 -1.46 -5.66
C ASP A 23 20.21 -0.84 -4.64
N LEU A 24 19.63 -0.48 -3.52
CA LEU A 24 20.35 0.15 -2.45
C LEU A 24 21.35 -0.81 -1.86
N GLU A 25 20.98 -2.08 -1.84
CA GLU A 25 21.80 -3.14 -1.32
C GLU A 25 23.12 -3.21 -2.12
N LYS A 26 23.05 -3.08 -3.44
CA LYS A 26 24.27 -3.18 -4.24
C LYS A 26 24.97 -1.84 -4.33
N THR A 27 24.27 -0.85 -3.91
CA THR A 27 24.68 0.51 -3.97
C THR A 27 25.41 0.99 -2.69
N GLY A 28 24.87 0.71 -1.52
CA GLY A 28 25.51 1.17 -0.30
C GLY A 28 24.63 1.05 0.93
N ASN A 29 23.31 1.15 0.72
CA ASN A 29 22.25 0.96 1.77
C ASN A 29 22.40 1.95 2.92
N LYS A 30 23.01 3.07 2.58
CA LYS A 30 23.41 4.10 3.53
C LYS A 30 22.26 4.63 4.41
N ASP A 31 21.18 5.01 3.79
CA ASP A 31 20.00 5.52 4.52
C ASP A 31 18.74 5.26 3.74
N GLU A 32 18.93 4.95 2.48
CA GLU A 32 17.87 4.79 1.50
C GLU A 32 16.94 3.70 1.91
N LYS A 33 17.48 2.67 2.52
CA LYS A 33 16.69 1.54 2.95
C LYS A 33 15.66 1.93 3.98
N ALA A 34 16.09 2.64 4.99
CA ALA A 34 15.19 3.13 6.01
C ALA A 34 14.23 4.18 5.43
N ARG A 35 14.76 5.02 4.55
CA ARG A 35 14.01 6.08 3.90
C ARG A 35 12.90 5.46 3.04
N LEU A 36 13.27 4.42 2.32
CA LEU A 36 12.38 3.68 1.49
C LEU A 36 11.32 2.95 2.32
N LEU A 37 11.70 2.47 3.49
CA LEU A 37 10.73 1.85 4.39
C LEU A 37 9.72 2.88 4.83
N ARG A 38 10.20 4.08 5.00
CA ARG A 38 9.34 5.18 5.35
C ARG A 38 8.44 5.55 4.19
N GLU A 39 8.92 5.26 3.00
CA GLU A 39 8.15 5.45 1.78
C GLU A 39 7.03 4.39 1.69
N LEU A 40 7.28 3.19 2.22
CA LEU A 40 6.22 2.21 2.25
C LEU A 40 5.22 2.62 3.30
N THR A 41 5.71 3.29 4.34
CA THR A 41 4.83 3.86 5.33
C THR A 41 4.00 5.00 4.73
N VAL A 42 4.59 5.76 3.81
CA VAL A 42 3.84 6.75 3.04
C VAL A 42 2.73 6.02 2.27
N SER A 43 3.08 4.85 1.76
CA SER A 43 2.15 4.00 1.06
C SER A 43 1.04 3.52 1.99
N GLU A 44 1.44 3.14 3.19
CA GLU A 44 0.51 2.77 4.25
C GLU A 44 -0.41 3.94 4.55
N ALA A 45 0.15 5.14 4.50
CA ALA A 45 -0.55 6.36 4.83
C ALA A 45 -1.67 6.66 3.87
N PHE A 46 -1.43 6.56 2.57
CA PHE A 46 -2.52 6.81 1.64
C PHE A 46 -3.53 5.68 1.64
N ILE A 47 -3.07 4.45 1.90
CA ILE A 47 -4.00 3.35 2.09
C ILE A 47 -4.93 3.67 3.25
N GLU A 48 -4.35 4.08 4.38
CA GLU A 48 -5.12 4.47 5.57
C GLU A 48 -6.06 5.65 5.28
N GLY A 49 -5.53 6.65 4.59
CA GLY A 49 -6.32 7.83 4.25
C GLY A 49 -7.49 7.51 3.35
N SER A 50 -7.25 6.71 2.34
CA SER A 50 -8.28 6.31 1.41
C SER A 50 -9.23 5.36 2.11
N ARG A 51 -8.69 4.59 3.03
CA ARG A 51 -9.44 3.62 3.79
C ARG A 51 -10.42 4.32 4.69
N GLY A 52 -9.94 5.34 5.35
CA GLY A 52 -10.78 6.15 6.15
C GLY A 52 -11.74 6.94 5.29
N TYR A 53 -11.36 7.15 4.05
CA TYR A 53 -12.16 7.94 3.12
C TYR A 53 -13.40 7.13 2.77
N PHE A 54 -13.15 5.86 2.45
CA PHE A 54 -14.21 4.93 2.14
C PHE A 54 -15.06 4.69 3.35
N GLN A 55 -14.40 4.60 4.50
CA GLN A 55 -15.05 4.41 5.78
C GLN A 55 -16.11 5.49 6.00
N ARG A 56 -15.76 6.73 5.66
CA ARG A 56 -16.68 7.86 5.76
C ARG A 56 -17.83 7.70 4.78
N GLU A 57 -17.53 7.17 3.62
CA GLU A 57 -18.56 6.91 2.64
C GLU A 57 -19.55 5.84 3.11
N LEU A 58 -19.08 4.84 3.84
CA LEU A 58 -20.02 3.86 4.41
C LEU A 58 -20.93 4.52 5.47
N LYS A 59 -20.48 5.65 5.99
CA LYS A 59 -21.23 6.36 7.01
C LYS A 59 -22.31 7.22 6.33
N ARG A 60 -22.13 7.44 5.03
CA ARG A 60 -23.12 8.16 4.22
C ARG A 60 -24.37 7.34 4.13
N THR A 61 -24.20 6.09 3.68
CA THR A 61 -25.29 5.13 3.50
C THR A 61 -26.18 5.49 2.25
N ASP A 62 -25.88 6.65 1.62
CA ASP A 62 -26.56 7.11 0.37
C ASP A 62 -26.26 6.15 -0.77
N LEU A 63 -25.17 5.45 -0.57
CA LEU A 63 -24.65 4.35 -1.34
C LEU A 63 -25.69 3.36 -1.75
N ASP A 64 -25.20 2.54 -2.55
CA ASP A 64 -25.86 1.42 -3.06
C ASP A 64 -24.89 0.30 -2.85
N LEU A 65 -25.32 -0.93 -3.07
CA LEU A 65 -24.44 -2.09 -3.00
C LEU A 65 -23.28 -1.86 -3.95
N LEU A 66 -23.56 -1.13 -5.02
CA LEU A 66 -22.60 -0.78 -6.05
C LEU A 66 -21.44 0.02 -5.45
N GLU A 67 -21.78 1.01 -4.69
CA GLU A 67 -20.80 1.87 -4.10
C GLU A 67 -20.02 1.10 -3.08
N LYS A 68 -20.74 0.42 -2.23
CA LYS A 68 -20.17 -0.34 -1.16
C LYS A 68 -19.24 -1.39 -1.73
N PHE A 69 -19.63 -1.97 -2.86
CA PHE A 69 -18.84 -3.02 -3.47
C PHE A 69 -17.46 -2.51 -3.93
N ASN A 70 -17.42 -1.28 -4.37
CA ASN A 70 -16.21 -0.65 -4.86
C ASN A 70 -15.32 -0.27 -3.71
N PHE A 71 -15.93 0.07 -2.59
CA PHE A 71 -15.15 0.44 -1.43
C PHE A 71 -14.58 -0.77 -0.85
N GLU A 72 -15.38 -1.81 -0.72
CA GLU A 72 -14.91 -3.02 -0.17
C GLU A 72 -13.92 -3.63 -1.12
N ALA A 73 -14.12 -3.39 -2.44
CA ALA A 73 -13.17 -3.93 -3.41
C ALA A 73 -11.81 -3.29 -3.20
N ALA A 74 -11.83 -1.99 -3.01
CA ALA A 74 -10.63 -1.23 -2.80
C ALA A 74 -10.02 -1.51 -1.43
N LEU A 75 -10.87 -1.69 -0.43
CA LEU A 75 -10.42 -2.02 0.92
C LEU A 75 -9.72 -3.36 0.90
N ALA A 76 -10.21 -4.26 0.07
CA ALA A 76 -9.62 -5.56 -0.06
C ALA A 76 -8.28 -5.45 -0.76
N THR A 77 -8.22 -4.59 -1.75
CA THR A 77 -7.03 -4.46 -2.52
C THR A 77 -5.95 -3.77 -1.67
N GLY A 78 -6.40 -2.77 -0.94
CA GLY A 78 -5.56 -2.01 -0.08
C GLY A 78 -5.04 -2.83 1.06
N ASP A 79 -5.89 -3.67 1.64
CA ASP A 79 -5.52 -4.51 2.78
C ASP A 79 -4.45 -5.47 2.37
N LEU A 80 -4.64 -6.05 1.20
CA LEU A 80 -3.72 -7.02 0.66
C LEU A 80 -2.35 -6.44 0.39
N LEU A 81 -2.29 -5.32 -0.25
CA LEU A 81 -1.00 -4.71 -0.47
C LEU A 81 -0.45 -4.15 0.85
N LEU A 82 -1.34 -3.77 1.79
CA LEU A 82 -0.94 -3.18 3.07
C LEU A 82 -0.22 -4.22 3.87
N LYS A 83 -0.81 -5.40 3.89
CA LYS A 83 -0.20 -6.51 4.57
C LYS A 83 1.07 -6.90 3.87
N ASP A 84 1.09 -6.73 2.56
CA ASP A 84 2.28 -7.08 1.82
C ASP A 84 3.41 -6.06 1.99
N LEU A 85 3.03 -4.78 2.19
CA LEU A 85 3.97 -3.70 2.48
C LEU A 85 4.73 -4.00 3.75
N LYS A 86 3.99 -4.32 4.78
CA LYS A 86 4.58 -4.59 6.07
C LYS A 86 5.33 -5.93 6.07
N ALA A 87 4.91 -6.85 5.21
CA ALA A 87 5.57 -8.13 5.09
C ALA A 87 6.91 -7.96 4.42
N LEU A 88 6.95 -7.11 3.40
CA LEU A 88 8.17 -6.86 2.68
C LEU A 88 9.08 -6.11 3.61
N GLN A 89 8.49 -5.24 4.45
CA GLN A 89 9.24 -4.51 5.45
C GLN A 89 9.92 -5.46 6.40
N LYS A 90 9.27 -6.56 6.74
CA LYS A 90 9.88 -7.57 7.62
C LYS A 90 11.08 -8.18 6.89
N ARG A 91 10.96 -8.34 5.58
CA ARG A 91 12.03 -8.87 4.72
C ARG A 91 13.17 -7.89 4.67
N VAL A 92 12.82 -6.63 4.45
CA VAL A 92 13.81 -5.59 4.36
C VAL A 92 14.50 -5.43 5.71
N GLN A 93 13.71 -5.53 6.76
CA GLN A 93 14.18 -5.50 8.12
C GLN A 93 15.12 -6.67 8.33
N ASP A 94 14.70 -7.81 7.83
CA ASP A 94 15.44 -9.05 7.98
C ASP A 94 16.79 -9.00 7.28
N SER A 95 16.84 -8.31 6.15
CA SER A 95 18.03 -8.21 5.33
C SER A 95 19.22 -7.64 6.12
N GLU A 96 18.95 -6.78 7.09
CA GLU A 96 19.98 -6.24 7.95
C GLU A 96 19.49 -6.22 9.37
N ASN A 1 -11.11 -3.64 -11.68
CA ASN A 1 -10.95 -2.41 -12.45
C ASN A 1 -10.94 -1.18 -11.57
N THR A 2 -12.09 -0.79 -11.06
CA THR A 2 -12.23 0.41 -10.28
C THR A 2 -11.41 0.34 -8.97
N ALA A 3 -11.44 -0.81 -8.32
CA ALA A 3 -10.67 -1.00 -7.09
C ALA A 3 -9.17 -1.03 -7.38
N THR A 4 -8.78 -1.78 -8.40
CA THR A 4 -7.40 -1.89 -8.77
C THR A 4 -6.80 -0.58 -9.27
N GLN A 5 -7.59 0.21 -9.99
CA GLN A 5 -7.12 1.52 -10.44
C GLN A 5 -6.98 2.44 -9.25
N ARG A 6 -7.85 2.29 -8.27
CA ARG A 6 -7.78 3.09 -7.07
C ARG A 6 -6.48 2.80 -6.30
N PHE A 7 -6.01 1.58 -6.37
CA PHE A 7 -4.76 1.24 -5.72
C PHE A 7 -3.65 0.90 -6.73
N HIS A 8 -3.65 1.61 -7.86
CA HIS A 8 -2.66 1.35 -8.93
C HIS A 8 -1.31 1.95 -8.55
N GLU A 9 -1.38 3.11 -7.94
CA GLU A 9 -0.22 3.82 -7.51
C GLU A 9 0.43 3.10 -6.35
N ILE A 10 -0.40 2.49 -5.52
CA ILE A 10 0.09 1.76 -4.37
C ILE A 10 0.87 0.53 -4.84
N GLU A 11 0.34 -0.12 -5.88
CA GLU A 11 1.00 -1.26 -6.50
C GLU A 11 2.36 -0.84 -7.05
N LYS A 12 2.39 0.33 -7.69
CA LYS A 12 3.63 0.87 -8.24
C LYS A 12 4.65 1.12 -7.15
N PHE A 13 4.21 1.71 -6.05
CA PHE A 13 5.07 1.94 -4.92
C PHE A 13 5.60 0.64 -4.36
N LEU A 14 4.72 -0.33 -4.15
CA LEU A 14 5.10 -1.61 -3.57
C LEU A 14 6.16 -2.30 -4.45
N LEU A 15 5.95 -2.30 -5.76
CA LEU A 15 6.92 -2.90 -6.65
C LEU A 15 8.21 -2.10 -6.72
N HIS A 16 8.08 -0.77 -6.64
CA HIS A 16 9.22 0.14 -6.62
C HIS A 16 10.08 -0.16 -5.42
N ILE A 17 9.44 -0.22 -4.27
CA ILE A 17 10.10 -0.37 -3.01
C ILE A 17 10.83 -1.71 -2.92
N THR A 18 10.18 -2.77 -3.33
CA THR A 18 10.80 -4.08 -3.29
C THR A 18 12.03 -4.11 -4.25
N HIS A 19 11.86 -3.52 -5.43
CA HIS A 19 12.92 -3.50 -6.40
C HIS A 19 14.07 -2.59 -5.97
N GLU A 20 13.74 -1.54 -5.25
CA GLU A 20 14.75 -0.68 -4.69
C GLU A 20 15.57 -1.41 -3.65
N VAL A 21 14.93 -2.37 -2.93
CA VAL A 21 15.60 -3.22 -1.99
C VAL A 21 16.67 -4.00 -2.74
N ASP A 22 16.31 -4.45 -3.94
CA ASP A 22 17.27 -5.16 -4.79
C ASP A 22 18.46 -4.25 -5.13
N ASP A 23 18.12 -3.01 -5.42
CA ASP A 23 19.06 -2.00 -5.86
C ASP A 23 19.98 -1.63 -4.73
N LEU A 24 19.42 -1.38 -3.58
CA LEU A 24 20.17 -0.99 -2.44
C LEU A 24 21.04 -2.11 -1.93
N GLU A 25 20.53 -3.33 -2.07
CA GLU A 25 21.25 -4.51 -1.67
C GLU A 25 22.53 -4.70 -2.50
N LYS A 26 22.49 -4.32 -3.78
CA LYS A 26 23.70 -4.44 -4.62
C LYS A 26 24.58 -3.19 -4.47
N THR A 27 24.00 -2.20 -3.88
CA THR A 27 24.56 -0.89 -3.71
C THR A 27 25.32 -0.71 -2.36
N GLY A 28 24.74 -1.12 -1.27
CA GLY A 28 25.37 -0.95 0.03
C GLY A 28 24.38 -0.50 1.07
N ASN A 29 23.35 0.19 0.59
CA ASN A 29 22.16 0.63 1.37
C ASN A 29 22.50 1.47 2.58
N LYS A 30 23.53 2.33 2.44
CA LYS A 30 24.05 3.12 3.57
C LYS A 30 22.98 4.00 4.28
N ASP A 31 21.92 4.35 3.57
CA ASP A 31 20.82 5.14 4.15
C ASP A 31 19.53 4.91 3.38
N GLU A 32 19.68 4.44 2.16
CA GLU A 32 18.60 4.28 1.21
C GLU A 32 17.55 3.33 1.67
N LYS A 33 17.92 2.26 2.34
CA LYS A 33 16.93 1.29 2.72
C LYS A 33 15.97 1.80 3.77
N ALA A 34 16.53 2.35 4.81
CA ALA A 34 15.72 3.00 5.84
C ALA A 34 14.90 4.15 5.25
N ARG A 35 15.49 4.88 4.33
CA ARG A 35 14.80 5.97 3.67
C ARG A 35 13.67 5.43 2.78
N LEU A 36 13.93 4.33 2.11
CA LEU A 36 12.97 3.67 1.31
C LEU A 36 11.82 3.10 2.18
N LEU A 37 12.15 2.65 3.38
CA LEU A 37 11.16 2.19 4.34
C LEU A 37 10.25 3.35 4.73
N ARG A 38 10.82 4.52 4.73
CA ARG A 38 10.08 5.73 5.02
C ARG A 38 9.12 6.00 3.86
N GLU A 39 9.55 5.66 2.65
CA GLU A 39 8.72 5.78 1.47
C GLU A 39 7.49 4.84 1.57
N LEU A 40 7.69 3.63 2.11
CA LEU A 40 6.56 2.71 2.26
C LEU A 40 5.65 3.21 3.35
N THR A 41 6.24 3.85 4.34
CA THR A 41 5.51 4.46 5.42
C THR A 41 4.57 5.56 4.87
N VAL A 42 5.09 6.36 3.95
CA VAL A 42 4.30 7.39 3.31
C VAL A 42 3.19 6.73 2.45
N SER A 43 3.57 5.68 1.75
CA SER A 43 2.63 4.91 0.92
C SER A 43 1.50 4.33 1.77
N GLU A 44 1.88 3.86 2.91
CA GLU A 44 1.00 3.28 3.89
C GLU A 44 0.06 4.35 4.43
N ALA A 45 0.55 5.57 4.49
CA ALA A 45 -0.21 6.68 4.98
C ALA A 45 -1.35 7.04 4.05
N PHE A 46 -1.08 7.11 2.75
CA PHE A 46 -2.14 7.45 1.83
C PHE A 46 -3.08 6.29 1.57
N ILE A 47 -2.55 5.06 1.64
CA ILE A 47 -3.39 3.89 1.49
C ILE A 47 -4.36 3.82 2.70
N GLU A 48 -3.88 4.23 3.87
CA GLU A 48 -4.72 4.30 5.06
C GLU A 48 -5.81 5.35 4.86
N GLY A 49 -5.43 6.45 4.22
CA GLY A 49 -6.36 7.51 3.94
C GLY A 49 -7.44 7.08 2.98
N SER A 50 -7.05 6.41 1.92
CA SER A 50 -7.97 5.95 0.93
C SER A 50 -8.82 4.81 1.47
N ARG A 51 -8.25 4.03 2.36
CA ARG A 51 -9.00 2.99 3.02
C ARG A 51 -10.04 3.59 3.93
N GLY A 52 -9.65 4.61 4.64
CA GLY A 52 -10.55 5.31 5.49
C GLY A 52 -11.62 6.01 4.67
N TYR A 53 -11.30 6.28 3.41
CA TYR A 53 -12.21 7.00 2.53
C TYR A 53 -13.37 6.11 2.22
N PHE A 54 -13.05 4.89 1.84
CA PHE A 54 -14.04 3.90 1.51
C PHE A 54 -14.85 3.52 2.72
N GLN A 55 -14.18 3.43 3.85
CA GLN A 55 -14.80 3.16 5.12
C GLN A 55 -15.87 4.24 5.41
N ARG A 56 -15.55 5.50 5.13
CA ARG A 56 -16.52 6.61 5.26
C ARG A 56 -17.67 6.45 4.29
N GLU A 57 -17.36 6.01 3.08
CA GLU A 57 -18.37 5.80 2.05
C GLU A 57 -19.39 4.75 2.46
N LEU A 58 -18.94 3.76 3.20
CA LEU A 58 -19.81 2.71 3.73
C LEU A 58 -20.84 3.29 4.72
N LYS A 59 -20.54 4.46 5.25
CA LYS A 59 -21.37 5.08 6.26
C LYS A 59 -22.11 6.28 5.67
N ARG A 60 -21.80 6.60 4.43
CA ARG A 60 -22.31 7.79 3.75
C ARG A 60 -23.81 7.70 3.47
N THR A 61 -24.31 6.48 3.39
CA THR A 61 -25.69 6.19 2.99
C THR A 61 -25.84 6.29 1.45
N ASP A 62 -25.05 7.19 0.85
CA ASP A 62 -24.97 7.32 -0.59
C ASP A 62 -24.12 6.22 -1.19
N LEU A 63 -24.65 5.04 -1.11
CA LEU A 63 -24.10 3.84 -1.68
C LEU A 63 -25.20 2.83 -1.78
N ASP A 64 -25.09 2.08 -2.78
CA ASP A 64 -25.91 0.97 -3.05
C ASP A 64 -25.01 -0.21 -2.79
N LEU A 65 -25.54 -1.40 -2.80
CA LEU A 65 -24.74 -2.59 -2.66
C LEU A 65 -23.61 -2.61 -3.70
N LEU A 66 -23.87 -2.01 -4.85
CA LEU A 66 -22.91 -1.89 -5.94
C LEU A 66 -21.69 -1.10 -5.51
N GLU A 67 -21.94 0.02 -4.92
CA GLU A 67 -20.92 0.93 -4.51
C GLU A 67 -20.20 0.33 -3.36
N LYS A 68 -20.96 -0.27 -2.49
CA LYS A 68 -20.48 -0.99 -1.35
C LYS A 68 -19.56 -2.08 -1.82
N PHE A 69 -19.91 -2.69 -2.94
CA PHE A 69 -19.13 -3.74 -3.51
C PHE A 69 -17.74 -3.26 -3.91
N ASN A 70 -17.69 -2.07 -4.44
CA ASN A 70 -16.46 -1.44 -4.87
C ASN A 70 -15.65 -0.98 -3.69
N PHE A 71 -16.33 -0.53 -2.64
CA PHE A 71 -15.64 -0.08 -1.45
C PHE A 71 -15.05 -1.26 -0.78
N GLU A 72 -15.83 -2.34 -0.67
CA GLU A 72 -15.35 -3.54 -0.08
C GLU A 72 -14.31 -4.13 -0.97
N ALA A 73 -14.45 -3.93 -2.28
CA ALA A 73 -13.47 -4.50 -3.21
C ALA A 73 -12.14 -3.80 -3.01
N ALA A 74 -12.19 -2.51 -2.90
CA ALA A 74 -11.03 -1.71 -2.70
C ALA A 74 -10.45 -1.94 -1.31
N LEU A 75 -11.29 -1.99 -0.30
CA LEU A 75 -10.84 -2.23 1.08
C LEU A 75 -10.08 -3.51 1.17
N ALA A 76 -10.56 -4.54 0.49
CA ALA A 76 -9.91 -5.82 0.52
C ALA A 76 -8.62 -5.77 -0.24
N THR A 77 -8.58 -4.98 -1.29
CA THR A 77 -7.41 -4.86 -2.09
C THR A 77 -6.33 -4.15 -1.28
N GLY A 78 -6.73 -3.05 -0.68
CA GLY A 78 -5.85 -2.25 0.10
C GLY A 78 -5.36 -2.96 1.32
N ASP A 79 -6.27 -3.60 2.03
CA ASP A 79 -5.94 -4.31 3.27
C ASP A 79 -4.90 -5.40 3.05
N LEU A 80 -5.08 -6.20 2.00
CA LEU A 80 -4.16 -7.32 1.77
C LEU A 80 -2.77 -6.80 1.47
N LEU A 81 -2.68 -5.81 0.59
CA LEU A 81 -1.40 -5.25 0.23
C LEU A 81 -0.84 -4.43 1.36
N LEU A 82 -1.71 -3.90 2.22
CA LEU A 82 -1.29 -3.08 3.32
C LEU A 82 -0.58 -3.97 4.30
N LYS A 83 -1.14 -5.15 4.50
CA LYS A 83 -0.51 -6.13 5.32
C LYS A 83 0.74 -6.63 4.63
N ASP A 84 0.70 -6.67 3.29
CA ASP A 84 1.85 -7.17 2.54
C ASP A 84 3.01 -6.15 2.63
N LEU A 85 2.64 -4.89 2.61
CA LEU A 85 3.52 -3.75 2.71
C LEU A 85 4.26 -3.79 4.05
N LYS A 86 3.52 -4.00 5.11
CA LYS A 86 4.10 -4.12 6.43
C LYS A 86 4.93 -5.38 6.59
N ALA A 87 4.52 -6.46 5.95
CA ALA A 87 5.25 -7.71 6.05
C ALA A 87 6.60 -7.55 5.35
N LEU A 88 6.59 -6.85 4.23
CA LEU A 88 7.80 -6.63 3.50
C LEU A 88 8.67 -5.69 4.28
N GLN A 89 8.05 -4.77 5.01
CA GLN A 89 8.78 -3.82 5.84
C GLN A 89 9.62 -4.54 6.87
N LYS A 90 9.06 -5.50 7.57
CA LYS A 90 9.84 -6.25 8.57
C LYS A 90 10.93 -7.07 7.89
N ARG A 91 10.63 -7.52 6.69
CA ARG A 91 11.53 -8.28 5.85
C ARG A 91 12.70 -7.40 5.43
N VAL A 92 12.38 -6.23 4.94
CA VAL A 92 13.36 -5.27 4.49
C VAL A 92 14.14 -4.66 5.66
N GLN A 93 13.43 -4.42 6.75
CA GLN A 93 13.99 -3.93 7.98
C GLN A 93 15.11 -4.85 8.44
N ASP A 94 14.91 -6.15 8.25
CA ASP A 94 15.97 -7.05 8.58
C ASP A 94 16.98 -7.13 7.43
N SER A 95 16.45 -7.32 6.22
CA SER A 95 17.17 -7.26 4.93
C SER A 95 18.10 -8.45 4.67
N GLU A 96 18.65 -9.02 5.74
CA GLU A 96 19.66 -10.07 5.69
C GLU A 96 20.92 -9.48 5.07
N ASN A 1 -13.00 -2.44 -10.23
CA ASN A 1 -12.68 -1.90 -11.56
C ASN A 1 -11.83 -0.63 -11.46
N THR A 2 -12.46 0.53 -11.34
CA THR A 2 -11.73 1.79 -11.33
C THR A 2 -10.94 1.94 -10.02
N ALA A 3 -11.54 1.56 -8.91
CA ALA A 3 -10.88 1.62 -7.62
C ALA A 3 -9.72 0.63 -7.57
N THR A 4 -9.90 -0.51 -8.22
CA THR A 4 -8.88 -1.53 -8.28
C THR A 4 -7.68 -1.00 -9.09
N GLN A 5 -7.99 -0.34 -10.19
CA GLN A 5 -6.99 0.25 -11.06
C GLN A 5 -6.27 1.36 -10.32
N ARG A 6 -7.01 2.07 -9.51
CA ARG A 6 -6.51 3.14 -8.70
C ARG A 6 -5.56 2.58 -7.63
N PHE A 7 -5.83 1.36 -7.20
CA PHE A 7 -4.98 0.69 -6.22
C PHE A 7 -3.82 -0.02 -6.88
N HIS A 8 -3.85 -0.08 -8.21
CA HIS A 8 -2.75 -0.67 -8.97
C HIS A 8 -1.55 0.26 -8.87
N GLU A 9 -1.81 1.51 -8.57
CA GLU A 9 -0.76 2.48 -8.36
C GLU A 9 -0.02 2.13 -7.08
N ILE A 10 -0.73 1.57 -6.15
CA ILE A 10 -0.14 1.19 -4.89
C ILE A 10 0.59 -0.13 -5.10
N GLU A 11 0.01 -0.96 -5.96
CA GLU A 11 0.59 -2.24 -6.35
C GLU A 11 1.97 -2.00 -6.98
N LYS A 12 2.05 -1.01 -7.86
CA LYS A 12 3.31 -0.69 -8.51
C LYS A 12 4.31 -0.14 -7.46
N PHE A 13 3.81 0.64 -6.48
CA PHE A 13 4.66 1.11 -5.37
C PHE A 13 5.25 -0.06 -4.61
N LEU A 14 4.43 -1.05 -4.34
CA LEU A 14 4.86 -2.24 -3.60
C LEU A 14 6.02 -2.93 -4.33
N LEU A 15 5.89 -3.10 -5.63
CA LEU A 15 6.95 -3.71 -6.39
C LEU A 15 8.14 -2.78 -6.48
N HIS A 16 7.87 -1.50 -6.57
CA HIS A 16 8.89 -0.47 -6.63
C HIS A 16 9.76 -0.50 -5.38
N ILE A 17 9.13 -0.57 -4.20
CA ILE A 17 9.84 -0.59 -2.94
C ILE A 17 10.74 -1.81 -2.86
N THR A 18 10.20 -2.96 -3.21
CA THR A 18 10.97 -4.21 -3.17
C THR A 18 12.20 -4.12 -4.14
N HIS A 19 11.99 -3.47 -5.29
CA HIS A 19 13.08 -3.24 -6.26
C HIS A 19 14.10 -2.28 -5.70
N GLU A 20 13.64 -1.28 -4.98
CA GLU A 20 14.51 -0.31 -4.33
C GLU A 20 15.34 -1.02 -3.27
N VAL A 21 14.77 -2.05 -2.64
CA VAL A 21 15.46 -2.80 -1.62
C VAL A 21 16.63 -3.47 -2.24
N ASP A 22 16.39 -4.09 -3.37
CA ASP A 22 17.43 -4.78 -4.08
C ASP A 22 18.49 -3.81 -4.58
N ASP A 23 18.01 -2.66 -5.02
CA ASP A 23 18.86 -1.65 -5.58
C ASP A 23 19.79 -1.15 -4.52
N LEU A 24 19.26 -0.86 -3.37
CA LEU A 24 20.04 -0.32 -2.28
C LEU A 24 21.02 -1.37 -1.78
N GLU A 25 20.61 -2.63 -1.80
CA GLU A 25 21.46 -3.71 -1.38
C GLU A 25 22.72 -3.81 -2.26
N LYS A 26 22.67 -3.38 -3.53
CA LYS A 26 23.93 -3.40 -4.27
C LYS A 26 24.52 -1.99 -4.37
N THR A 27 23.65 -1.02 -4.34
CA THR A 27 24.00 0.37 -4.43
C THR A 27 24.73 0.90 -3.18
N GLY A 28 24.37 0.43 -2.01
CA GLY A 28 25.07 0.87 -0.82
C GLY A 28 24.45 0.42 0.47
N ASN A 29 23.16 0.74 0.66
CA ASN A 29 22.37 0.45 1.90
C ASN A 29 22.81 1.43 3.00
N LYS A 30 23.25 2.61 2.57
CA LYS A 30 23.88 3.59 3.46
C LYS A 30 22.88 4.18 4.49
N ASP A 31 21.76 4.62 4.03
CA ASP A 31 20.65 5.08 4.91
C ASP A 31 19.38 4.87 4.15
N GLU A 32 19.56 4.11 3.10
CA GLU A 32 18.58 3.80 2.11
C GLU A 32 17.54 2.87 2.65
N LYS A 33 17.97 1.97 3.49
CA LYS A 33 17.09 0.97 4.06
C LYS A 33 16.03 1.67 4.90
N ALA A 34 16.50 2.55 5.74
CA ALA A 34 15.64 3.37 6.58
C ALA A 34 14.82 4.34 5.74
N ARG A 35 15.47 4.94 4.75
CA ARG A 35 14.82 5.88 3.84
C ARG A 35 13.69 5.22 3.10
N LEU A 36 13.93 4.03 2.59
CA LEU A 36 12.96 3.36 1.83
C LEU A 36 11.78 2.89 2.70
N LEU A 37 12.06 2.54 3.92
CA LEU A 37 11.01 2.17 4.84
C LEU A 37 10.15 3.38 5.17
N ARG A 38 10.78 4.52 5.18
CA ARG A 38 10.08 5.78 5.39
C ARG A 38 9.16 6.03 4.19
N GLU A 39 9.65 5.67 3.01
CA GLU A 39 8.91 5.77 1.77
C GLU A 39 7.66 4.87 1.84
N LEU A 40 7.81 3.67 2.41
CA LEU A 40 6.66 2.77 2.53
C LEU A 40 5.68 3.29 3.54
N THR A 41 6.20 4.01 4.54
CA THR A 41 5.37 4.64 5.51
C THR A 41 4.48 5.69 4.81
N VAL A 42 5.03 6.34 3.79
CA VAL A 42 4.28 7.26 2.96
C VAL A 42 3.28 6.47 2.10
N SER A 43 3.69 5.29 1.62
CA SER A 43 2.80 4.40 0.86
C SER A 43 1.59 4.00 1.71
N GLU A 44 1.88 3.70 2.94
CA GLU A 44 0.88 3.41 3.96
C GLU A 44 -0.04 4.62 4.11
N ALA A 45 0.54 5.81 4.07
CA ALA A 45 -0.19 7.05 4.27
C ALA A 45 -1.27 7.27 3.23
N PHE A 46 -0.97 7.01 1.97
CA PHE A 46 -2.01 7.14 0.97
C PHE A 46 -3.02 6.00 1.00
N ILE A 47 -2.57 4.79 1.37
CA ILE A 47 -3.52 3.69 1.59
C ILE A 47 -4.48 4.04 2.73
N GLU A 48 -3.96 4.64 3.81
CA GLU A 48 -4.80 5.14 4.92
C GLU A 48 -5.85 6.10 4.41
N GLY A 49 -5.42 7.02 3.57
CA GLY A 49 -6.31 8.01 3.02
C GLY A 49 -7.37 7.39 2.16
N SER A 50 -6.97 6.40 1.41
CA SER A 50 -7.86 5.74 0.51
C SER A 50 -8.84 4.88 1.28
N ARG A 51 -8.35 4.22 2.32
CA ARG A 51 -9.20 3.38 3.13
C ARG A 51 -10.16 4.20 3.91
N GLY A 52 -9.66 5.25 4.47
CA GLY A 52 -10.47 6.16 5.21
C GLY A 52 -11.52 6.78 4.34
N TYR A 53 -11.21 6.90 3.03
CA TYR A 53 -12.13 7.51 2.08
C TYR A 53 -13.31 6.60 1.93
N PHE A 54 -13.02 5.35 1.66
CA PHE A 54 -14.01 4.34 1.48
C PHE A 54 -14.85 4.16 2.75
N GLN A 55 -14.20 4.22 3.90
CA GLN A 55 -14.90 4.15 5.18
C GLN A 55 -15.91 5.30 5.36
N ARG A 56 -15.59 6.49 4.84
CA ARG A 56 -16.56 7.60 4.85
C ARG A 56 -17.70 7.29 3.90
N GLU A 57 -17.35 6.67 2.80
CA GLU A 57 -18.33 6.30 1.80
C GLU A 57 -19.29 5.26 2.33
N LEU A 58 -18.79 4.45 3.24
CA LEU A 58 -19.58 3.41 3.89
C LEU A 58 -20.63 3.98 4.84
N LYS A 59 -20.50 5.26 5.19
CA LYS A 59 -21.42 5.86 6.15
C LYS A 59 -22.39 6.86 5.50
N ARG A 60 -22.19 7.15 4.19
CA ARG A 60 -23.00 8.19 3.49
C ARG A 60 -24.50 7.86 3.45
N THR A 61 -24.85 6.57 3.67
CA THR A 61 -26.25 6.05 3.57
C THR A 61 -26.71 5.96 2.08
N ASP A 62 -26.22 6.88 1.28
CA ASP A 62 -26.44 7.01 -0.16
C ASP A 62 -26.08 5.73 -0.94
N LEU A 63 -25.06 5.05 -0.48
CA LEU A 63 -24.57 3.84 -1.07
C LEU A 63 -25.52 2.72 -0.83
N ASP A 64 -25.42 1.81 -1.67
CA ASP A 64 -26.12 0.58 -1.61
C ASP A 64 -25.04 -0.48 -1.68
N LEU A 65 -25.41 -1.74 -1.78
CA LEU A 65 -24.46 -2.83 -1.83
C LEU A 65 -23.49 -2.71 -2.98
N LEU A 66 -23.95 -2.06 -4.05
CA LEU A 66 -23.13 -1.88 -5.26
C LEU A 66 -21.89 -1.09 -4.97
N GLU A 67 -22.08 0.03 -4.34
CA GLU A 67 -20.99 0.90 -4.03
C GLU A 67 -20.16 0.30 -2.95
N LYS A 68 -20.84 -0.25 -1.98
CA LYS A 68 -20.23 -0.92 -0.87
C LYS A 68 -19.35 -2.06 -1.35
N PHE A 69 -19.77 -2.74 -2.41
CA PHE A 69 -19.03 -3.84 -2.97
C PHE A 69 -17.68 -3.35 -3.53
N ASN A 70 -17.69 -2.17 -4.03
CA ASN A 70 -16.57 -1.51 -4.65
C ASN A 70 -15.61 -1.08 -3.56
N PHE A 71 -16.16 -0.63 -2.45
CA PHE A 71 -15.38 -0.15 -1.32
C PHE A 71 -14.75 -1.31 -0.64
N GLU A 72 -15.52 -2.37 -0.44
CA GLU A 72 -14.98 -3.57 0.18
C GLU A 72 -13.97 -4.15 -0.75
N ALA A 73 -14.21 -3.98 -2.07
CA ALA A 73 -13.27 -4.53 -3.03
C ALA A 73 -11.94 -3.80 -2.93
N ALA A 74 -12.02 -2.49 -2.85
CA ALA A 74 -10.86 -1.65 -2.77
C ALA A 74 -10.16 -1.80 -1.42
N LEU A 75 -10.93 -1.87 -0.35
CA LEU A 75 -10.39 -2.05 1.00
C LEU A 75 -9.61 -3.33 1.09
N ALA A 76 -10.12 -4.37 0.45
CA ALA A 76 -9.45 -5.64 0.46
C ALA A 76 -8.21 -5.59 -0.40
N THR A 77 -8.24 -4.77 -1.45
CA THR A 77 -7.12 -4.65 -2.32
C THR A 77 -5.98 -3.96 -1.57
N GLY A 78 -6.33 -2.89 -0.88
CA GLY A 78 -5.40 -2.15 -0.11
C GLY A 78 -4.89 -2.91 1.07
N ASP A 79 -5.75 -3.66 1.74
CA ASP A 79 -5.38 -4.37 2.95
C ASP A 79 -4.42 -5.49 2.64
N LEU A 80 -4.66 -6.17 1.52
CA LEU A 80 -3.81 -7.27 1.10
C LEU A 80 -2.43 -6.80 0.68
N LEU A 81 -2.36 -5.73 -0.07
CA LEU A 81 -1.07 -5.21 -0.44
C LEU A 81 -0.39 -4.59 0.79
N LEU A 82 -1.20 -4.04 1.71
CA LEU A 82 -0.70 -3.36 2.92
C LEU A 82 0.00 -4.38 3.78
N LYS A 83 -0.57 -5.55 3.83
CA LYS A 83 0.01 -6.59 4.59
C LYS A 83 1.24 -7.11 3.90
N ASP A 84 1.26 -7.08 2.55
CA ASP A 84 2.48 -7.54 1.86
C ASP A 84 3.55 -6.46 2.00
N LEU A 85 3.10 -5.22 2.07
CA LEU A 85 3.89 -4.02 2.26
C LEU A 85 4.64 -4.13 3.59
N LYS A 86 3.92 -4.46 4.64
CA LYS A 86 4.54 -4.62 5.94
C LYS A 86 5.38 -5.87 5.99
N ALA A 87 5.00 -6.86 5.21
CA ALA A 87 5.75 -8.09 5.12
C ALA A 87 7.06 -7.84 4.41
N LEU A 88 7.06 -6.90 3.46
CA LEU A 88 8.27 -6.59 2.77
C LEU A 88 9.17 -5.88 3.73
N GLN A 89 8.58 -5.08 4.62
CA GLN A 89 9.34 -4.40 5.63
C GLN A 89 9.94 -5.38 6.58
N LYS A 90 9.23 -6.43 6.90
CA LYS A 90 9.77 -7.48 7.75
C LYS A 90 10.91 -8.18 7.02
N ARG A 91 10.77 -8.32 5.71
CA ARG A 91 11.82 -8.88 4.88
C ARG A 91 13.00 -7.92 4.83
N VAL A 92 12.70 -6.64 4.76
CA VAL A 92 13.72 -5.61 4.78
C VAL A 92 14.44 -5.58 6.13
N GLN A 93 13.67 -5.74 7.19
CA GLN A 93 14.22 -5.81 8.54
C GLN A 93 15.10 -7.02 8.65
N ASP A 94 14.64 -8.09 8.04
CA ASP A 94 15.31 -9.37 8.06
C ASP A 94 16.54 -9.37 7.12
N SER A 95 16.61 -8.40 6.24
CA SER A 95 17.77 -8.22 5.37
C SER A 95 18.96 -7.69 6.18
N GLU A 96 18.64 -7.02 7.27
CA GLU A 96 19.61 -6.47 8.16
C GLU A 96 20.02 -7.54 9.18
N ASN A 1 -10.73 -3.62 -12.09
CA ASN A 1 -11.69 -2.94 -11.20
C ASN A 1 -11.16 -1.56 -10.88
N THR A 2 -12.04 -0.59 -10.70
CA THR A 2 -11.59 0.74 -10.38
C THR A 2 -10.98 0.78 -8.95
N ALA A 3 -11.40 -0.17 -8.11
CA ALA A 3 -10.85 -0.34 -6.77
C ALA A 3 -9.37 -0.77 -6.85
N THR A 4 -9.08 -1.71 -7.73
CA THR A 4 -7.74 -2.18 -7.90
C THR A 4 -6.93 -1.10 -8.59
N GLN A 5 -7.59 -0.38 -9.50
CA GLN A 5 -7.02 0.77 -10.20
C GLN A 5 -6.60 1.84 -9.17
N ARG A 6 -7.41 1.99 -8.14
CA ARG A 6 -7.16 2.90 -7.04
C ARG A 6 -5.88 2.52 -6.31
N PHE A 7 -5.73 1.27 -5.96
CA PHE A 7 -4.55 0.88 -5.21
C PHE A 7 -3.46 0.31 -6.08
N HIS A 8 -3.63 0.49 -7.38
CA HIS A 8 -2.70 -0.02 -8.37
C HIS A 8 -1.41 0.76 -8.27
N GLU A 9 -1.54 2.02 -7.92
CA GLU A 9 -0.42 2.91 -7.76
C GLU A 9 0.50 2.41 -6.65
N ILE A 10 -0.13 1.97 -5.55
CA ILE A 10 0.59 1.46 -4.40
C ILE A 10 1.26 0.12 -4.74
N GLU A 11 0.59 -0.66 -5.60
CA GLU A 11 1.13 -1.92 -6.08
C GLU A 11 2.45 -1.68 -6.79
N LYS A 12 2.48 -0.67 -7.64
CA LYS A 12 3.67 -0.35 -8.39
C LYS A 12 4.76 0.12 -7.45
N PHE A 13 4.36 0.88 -6.42
CA PHE A 13 5.28 1.31 -5.40
C PHE A 13 5.91 0.14 -4.71
N LEU A 14 5.11 -0.83 -4.30
CA LEU A 14 5.61 -1.98 -3.57
C LEU A 14 6.61 -2.80 -4.37
N LEU A 15 6.32 -3.01 -5.64
CA LEU A 15 7.24 -3.75 -6.48
C LEU A 15 8.51 -2.93 -6.75
N HIS A 16 8.34 -1.63 -6.93
CA HIS A 16 9.45 -0.71 -7.12
C HIS A 16 10.30 -0.67 -5.86
N ILE A 17 9.67 -0.66 -4.72
CA ILE A 17 10.34 -0.63 -3.44
C ILE A 17 11.13 -1.92 -3.22
N THR A 18 10.55 -3.06 -3.54
CA THR A 18 11.27 -4.33 -3.39
C THR A 18 12.51 -4.33 -4.32
N HIS A 19 12.32 -3.81 -5.54
CA HIS A 19 13.39 -3.70 -6.51
C HIS A 19 14.43 -2.70 -6.02
N GLU A 20 13.96 -1.64 -5.40
CA GLU A 20 14.77 -0.60 -4.84
C GLU A 20 15.66 -1.21 -3.77
N VAL A 21 15.10 -2.06 -2.91
CA VAL A 21 15.82 -2.74 -1.83
C VAL A 21 16.94 -3.55 -2.41
N ASP A 22 16.63 -4.18 -3.52
CA ASP A 22 17.58 -5.00 -4.22
C ASP A 22 18.70 -4.12 -4.82
N ASP A 23 18.30 -2.97 -5.30
CA ASP A 23 19.21 -2.06 -5.92
C ASP A 23 20.05 -1.38 -4.85
N LEU A 24 19.49 -1.22 -3.65
CA LEU A 24 20.19 -0.65 -2.49
C LEU A 24 21.23 -1.61 -2.08
N GLU A 25 20.85 -2.86 -2.12
CA GLU A 25 21.74 -3.98 -1.79
C GLU A 25 22.96 -3.95 -2.73
N LYS A 26 22.71 -3.47 -3.93
CA LYS A 26 23.65 -3.35 -5.01
C LYS A 26 24.41 -1.99 -4.92
N THR A 27 23.87 -1.10 -4.15
CA THR A 27 24.28 0.28 -4.14
C THR A 27 24.96 0.74 -2.83
N GLY A 28 24.34 0.46 -1.73
CA GLY A 28 24.83 0.86 -0.46
C GLY A 28 23.97 0.30 0.64
N ASN A 29 22.70 0.75 0.67
CA ASN A 29 21.65 0.26 1.63
C ASN A 29 21.96 0.80 3.03
N LYS A 30 22.79 1.83 3.03
CA LYS A 30 23.34 2.44 4.24
C LYS A 30 22.26 3.16 5.03
N ASP A 31 21.52 3.97 4.32
CA ASP A 31 20.54 4.88 4.88
C ASP A 31 19.28 4.89 4.03
N GLU A 32 19.47 4.50 2.79
CA GLU A 32 18.42 4.44 1.81
C GLU A 32 17.37 3.46 2.25
N LYS A 33 17.78 2.38 2.91
CA LYS A 33 16.87 1.34 3.34
C LYS A 33 15.87 1.93 4.35
N ALA A 34 16.37 2.66 5.31
CA ALA A 34 15.52 3.29 6.33
C ALA A 34 14.57 4.30 5.70
N ARG A 35 15.10 5.09 4.79
CA ARG A 35 14.31 6.11 4.11
C ARG A 35 13.30 5.49 3.17
N LEU A 36 13.69 4.43 2.51
CA LEU A 36 12.82 3.71 1.65
C LEU A 36 11.65 3.10 2.45
N LEU A 37 11.93 2.62 3.65
CA LEU A 37 10.86 2.10 4.50
C LEU A 37 9.90 3.19 4.90
N ARG A 38 10.43 4.38 5.06
CA ARG A 38 9.60 5.52 5.39
C ARG A 38 8.69 5.83 4.22
N GLU A 39 9.22 5.63 3.03
CA GLU A 39 8.50 5.82 1.80
C GLU A 39 7.33 4.82 1.68
N LEU A 40 7.51 3.58 2.16
CA LEU A 40 6.40 2.65 2.16
C LEU A 40 5.39 3.00 3.23
N THR A 41 5.88 3.58 4.32
CA THR A 41 5.01 4.05 5.38
C THR A 41 4.08 5.18 4.82
N VAL A 42 4.62 5.97 3.91
CA VAL A 42 3.86 7.02 3.25
C VAL A 42 2.83 6.40 2.28
N SER A 43 3.26 5.43 1.48
CA SER A 43 2.35 4.73 0.57
C SER A 43 1.27 3.97 1.34
N GLU A 44 1.67 3.58 2.49
CA GLU A 44 0.85 2.90 3.48
C GLU A 44 -0.25 3.86 3.94
N ALA A 45 0.15 5.11 4.12
CA ALA A 45 -0.75 6.17 4.50
C ALA A 45 -1.79 6.43 3.41
N PHE A 46 -1.43 6.19 2.13
CA PHE A 46 -2.44 6.33 1.07
C PHE A 46 -3.48 5.24 1.26
N ILE A 47 -3.01 4.01 1.54
CA ILE A 47 -3.92 2.88 1.80
C ILE A 47 -4.86 3.20 2.96
N GLU A 48 -4.29 3.63 4.07
CA GLU A 48 -5.09 3.92 5.25
C GLU A 48 -6.00 5.13 5.05
N GLY A 49 -5.47 6.17 4.42
CA GLY A 49 -6.24 7.37 4.17
C GLY A 49 -7.35 7.14 3.18
N SER A 50 -7.06 6.39 2.12
CA SER A 50 -8.04 6.10 1.11
C SER A 50 -9.08 5.16 1.69
N ARG A 51 -8.65 4.30 2.60
CA ARG A 51 -9.60 3.44 3.27
C ARG A 51 -10.49 4.24 4.18
N GLY A 52 -9.93 5.28 4.78
CA GLY A 52 -10.70 6.19 5.57
C GLY A 52 -11.68 6.94 4.69
N TYR A 53 -11.33 7.09 3.42
CA TYR A 53 -12.16 7.76 2.43
C TYR A 53 -13.36 6.89 2.17
N PHE A 54 -13.08 5.61 1.98
CA PHE A 54 -14.09 4.62 1.77
C PHE A 54 -15.01 4.49 2.99
N GLN A 55 -14.41 4.59 4.19
CA GLN A 55 -15.20 4.57 5.42
C GLN A 55 -16.19 5.72 5.44
N ARG A 56 -15.77 6.87 4.94
CA ARG A 56 -16.64 8.04 4.90
C ARG A 56 -17.75 7.83 3.89
N GLU A 57 -17.42 7.12 2.83
CA GLU A 57 -18.37 6.75 1.81
C GLU A 57 -19.40 5.76 2.36
N LEU A 58 -18.97 4.95 3.29
CA LEU A 58 -19.86 4.02 3.97
C LEU A 58 -20.80 4.77 4.91
N LYS A 59 -20.47 6.01 5.21
CA LYS A 59 -21.27 6.82 6.13
C LYS A 59 -22.30 7.65 5.36
N ARG A 60 -22.21 7.59 4.03
CA ARG A 60 -23.08 8.32 3.12
C ARG A 60 -24.55 8.04 3.32
N THR A 61 -24.86 6.77 3.56
CA THR A 61 -26.22 6.25 3.61
C THR A 61 -26.80 6.15 2.17
N ASP A 62 -26.46 7.13 1.34
CA ASP A 62 -26.77 7.12 -0.07
C ASP A 62 -25.67 6.39 -0.82
N LEU A 63 -25.72 5.10 -0.72
CA LEU A 63 -24.87 4.16 -1.39
C LEU A 63 -25.70 2.92 -1.55
N ASP A 64 -25.32 2.14 -2.48
CA ASP A 64 -26.03 0.94 -2.82
C ASP A 64 -25.02 -0.17 -2.84
N LEU A 65 -25.42 -1.40 -3.17
CA LEU A 65 -24.50 -2.52 -3.24
C LEU A 65 -23.34 -2.22 -4.18
N LEU A 66 -23.62 -1.42 -5.20
CA LEU A 66 -22.62 -0.94 -6.16
C LEU A 66 -21.49 -0.20 -5.49
N GLU A 67 -21.84 0.70 -4.64
CA GLU A 67 -20.89 1.51 -3.96
C GLU A 67 -20.13 0.68 -2.98
N LYS A 68 -20.89 -0.13 -2.25
CA LYS A 68 -20.38 -1.03 -1.25
C LYS A 68 -19.37 -1.95 -1.86
N PHE A 69 -19.62 -2.36 -3.09
CA PHE A 69 -18.75 -3.28 -3.75
C PHE A 69 -17.39 -2.67 -3.99
N ASN A 70 -17.37 -1.42 -4.29
CA ASN A 70 -16.15 -0.71 -4.60
C ASN A 70 -15.35 -0.48 -3.36
N PHE A 71 -16.03 -0.24 -2.27
CA PHE A 71 -15.35 0.03 -1.03
C PHE A 71 -14.82 -1.25 -0.50
N GLU A 72 -15.65 -2.28 -0.50
CA GLU A 72 -15.24 -3.56 -0.04
C GLU A 72 -14.18 -4.12 -0.95
N ALA A 73 -14.27 -3.78 -2.24
CA ALA A 73 -13.27 -4.29 -3.17
C ALA A 73 -11.92 -3.63 -2.91
N ALA A 74 -11.97 -2.35 -2.66
CA ALA A 74 -10.77 -1.58 -2.41
C ALA A 74 -10.19 -1.92 -1.05
N LEU A 75 -11.03 -2.09 -0.05
CA LEU A 75 -10.57 -2.43 1.30
C LEU A 75 -9.80 -3.73 1.26
N ALA A 76 -10.33 -4.69 0.52
CA ALA A 76 -9.71 -5.98 0.39
C ALA A 76 -8.41 -5.87 -0.37
N THR A 77 -8.40 -5.00 -1.38
CA THR A 77 -7.23 -4.85 -2.19
C THR A 77 -6.12 -4.21 -1.38
N GLY A 78 -6.49 -3.15 -0.66
CA GLY A 78 -5.57 -2.44 0.13
C GLY A 78 -5.02 -3.28 1.24
N ASP A 79 -5.88 -4.03 1.91
CA ASP A 79 -5.46 -4.83 3.06
C ASP A 79 -4.51 -5.95 2.65
N LEU A 80 -4.77 -6.54 1.50
CA LEU A 80 -3.91 -7.63 1.01
C LEU A 80 -2.52 -7.15 0.72
N LEU A 81 -2.41 -6.07 -0.01
CA LEU A 81 -1.11 -5.52 -0.30
C LEU A 81 -0.51 -4.90 0.96
N LEU A 82 -1.37 -4.44 1.88
CA LEU A 82 -0.94 -3.81 3.13
C LEU A 82 -0.29 -4.83 4.01
N LYS A 83 -0.89 -6.00 4.06
CA LYS A 83 -0.33 -7.05 4.84
C LYS A 83 0.93 -7.55 4.14
N ASP A 84 0.93 -7.46 2.80
CA ASP A 84 2.11 -7.87 2.05
C ASP A 84 3.22 -6.84 2.26
N LEU A 85 2.79 -5.59 2.42
CA LEU A 85 3.65 -4.44 2.68
C LEU A 85 4.38 -4.65 3.98
N LYS A 86 3.67 -4.99 5.04
CA LYS A 86 4.29 -5.26 6.35
C LYS A 86 5.26 -6.41 6.27
N ALA A 87 4.90 -7.44 5.53
CA ALA A 87 5.72 -8.61 5.44
C ALA A 87 6.99 -8.31 4.69
N LEU A 88 6.87 -7.55 3.61
CA LEU A 88 8.00 -7.21 2.83
C LEU A 88 8.85 -6.25 3.62
N GLN A 89 8.20 -5.37 4.36
CA GLN A 89 8.87 -4.38 5.18
C GLN A 89 9.74 -5.02 6.22
N LYS A 90 9.24 -6.03 6.89
CA LYS A 90 10.04 -6.73 7.88
C LYS A 90 11.19 -7.46 7.22
N ARG A 91 10.95 -7.94 6.02
CA ARG A 91 11.95 -8.65 5.23
C ARG A 91 13.04 -7.68 4.78
N VAL A 92 12.59 -6.56 4.30
CA VAL A 92 13.41 -5.50 3.84
C VAL A 92 14.20 -4.92 5.01
N GLN A 93 13.54 -4.81 6.14
CA GLN A 93 14.14 -4.38 7.37
C GLN A 93 15.19 -5.39 7.81
N ASP A 94 14.87 -6.64 7.57
CA ASP A 94 15.74 -7.75 7.91
C ASP A 94 17.02 -7.75 7.07
N SER A 95 16.92 -7.26 5.84
CA SER A 95 18.01 -7.26 4.88
C SER A 95 19.27 -6.50 5.36
N GLU A 96 19.12 -5.53 6.25
CA GLU A 96 20.27 -4.81 6.77
C GLU A 96 20.75 -5.41 8.10
N ASN A 1 -12.49 -4.70 -11.77
CA ASN A 1 -11.14 -4.10 -11.70
C ASN A 1 -11.19 -2.69 -11.12
N THR A 2 -12.37 -2.22 -10.72
CA THR A 2 -12.57 -0.83 -10.32
C THR A 2 -11.72 -0.48 -9.08
N ALA A 3 -11.81 -1.31 -8.07
CA ALA A 3 -11.12 -1.07 -6.81
C ALA A 3 -9.61 -1.16 -6.96
N THR A 4 -9.18 -2.21 -7.61
CA THR A 4 -7.79 -2.48 -7.75
C THR A 4 -7.12 -1.51 -8.71
N GLN A 5 -7.87 -1.00 -9.68
CA GLN A 5 -7.34 -0.04 -10.63
C GLN A 5 -6.99 1.25 -9.90
N ARG A 6 -7.82 1.60 -8.93
CA ARG A 6 -7.59 2.76 -8.10
C ARG A 6 -6.43 2.51 -7.15
N PHE A 7 -6.23 1.26 -6.77
CA PHE A 7 -5.14 0.90 -5.89
C PHE A 7 -3.98 0.31 -6.69
N HIS A 8 -3.95 0.63 -7.96
CA HIS A 8 -2.91 0.09 -8.82
C HIS A 8 -1.66 0.97 -8.73
N GLU A 9 -1.86 2.18 -8.25
CA GLU A 9 -0.78 3.13 -8.04
C GLU A 9 0.15 2.63 -6.92
N ILE A 10 -0.44 2.10 -5.88
CA ILE A 10 0.33 1.59 -4.78
C ILE A 10 1.02 0.30 -5.18
N GLU A 11 0.36 -0.48 -6.06
CA GLU A 11 0.92 -1.72 -6.55
C GLU A 11 2.25 -1.46 -7.27
N LYS A 12 2.28 -0.47 -8.15
CA LYS A 12 3.52 -0.15 -8.84
C LYS A 12 4.56 0.38 -7.86
N PHE A 13 4.10 1.13 -6.89
CA PHE A 13 4.98 1.72 -5.90
C PHE A 13 5.64 0.64 -5.07
N LEU A 14 4.87 -0.34 -4.60
CA LEU A 14 5.41 -1.39 -3.75
C LEU A 14 6.39 -2.29 -4.50
N LEU A 15 6.11 -2.56 -5.77
CA LEU A 15 7.02 -3.36 -6.55
C LEU A 15 8.30 -2.56 -6.83
N HIS A 16 8.13 -1.26 -7.02
CA HIS A 16 9.23 -0.34 -7.20
C HIS A 16 10.10 -0.34 -5.94
N ILE A 17 9.46 -0.39 -4.77
CA ILE A 17 10.15 -0.42 -3.48
C ILE A 17 11.03 -1.65 -3.38
N THR A 18 10.52 -2.76 -3.84
CA THR A 18 11.26 -4.01 -3.81
C THR A 18 12.53 -3.87 -4.68
N HIS A 19 12.37 -3.25 -5.83
CA HIS A 19 13.46 -3.03 -6.75
C HIS A 19 14.44 -2.02 -6.17
N GLU A 20 13.92 -1.05 -5.42
CA GLU A 20 14.75 -0.10 -4.73
C GLU A 20 15.60 -0.79 -3.71
N VAL A 21 15.08 -1.88 -3.12
CA VAL A 21 15.81 -2.66 -2.13
C VAL A 21 17.01 -3.25 -2.81
N ASP A 22 16.75 -3.89 -3.93
CA ASP A 22 17.81 -4.53 -4.70
C ASP A 22 18.84 -3.48 -5.13
N ASP A 23 18.31 -2.36 -5.58
CA ASP A 23 19.12 -1.28 -6.05
C ASP A 23 19.98 -0.70 -4.96
N LEU A 24 19.40 -0.45 -3.80
CA LEU A 24 20.13 0.12 -2.70
C LEU A 24 21.16 -0.83 -2.19
N GLU A 25 20.85 -2.12 -2.24
CA GLU A 25 21.76 -3.13 -1.84
C GLU A 25 23.06 -3.11 -2.61
N LYS A 26 23.02 -2.85 -3.93
CA LYS A 26 24.31 -2.81 -4.60
C LYS A 26 24.85 -1.39 -4.67
N THR A 27 23.96 -0.46 -4.59
CA THR A 27 24.26 0.92 -4.75
C THR A 27 24.76 1.66 -3.48
N GLY A 28 24.35 1.23 -2.30
CA GLY A 28 24.84 1.91 -1.11
C GLY A 28 24.16 1.50 0.17
N ASN A 29 22.83 1.64 0.20
CA ASN A 29 21.93 1.26 1.33
C ASN A 29 22.28 2.00 2.62
N LYS A 30 22.92 3.16 2.44
CA LYS A 30 23.56 3.93 3.52
C LYS A 30 22.56 4.28 4.63
N ASP A 31 21.44 4.81 4.25
CA ASP A 31 20.30 5.04 5.17
C ASP A 31 19.06 4.64 4.43
N GLU A 32 19.30 4.31 3.20
CA GLU A 32 18.33 4.07 2.17
C GLU A 32 17.44 2.91 2.49
N LYS A 33 18.00 1.90 3.13
CA LYS A 33 17.22 0.71 3.50
C LYS A 33 16.12 1.13 4.48
N ALA A 34 16.52 1.85 5.48
CA ALA A 34 15.61 2.38 6.49
C ALA A 34 14.70 3.42 5.88
N ARG A 35 15.27 4.26 5.04
CA ARG A 35 14.55 5.31 4.34
C ARG A 35 13.45 4.72 3.49
N LEU A 36 13.78 3.66 2.78
CA LEU A 36 12.85 3.04 1.91
C LEU A 36 11.74 2.32 2.68
N LEU A 37 12.09 1.77 3.81
CA LEU A 37 11.08 1.17 4.65
C LEU A 37 10.16 2.22 5.22
N ARG A 38 10.71 3.38 5.46
CA ARG A 38 9.92 4.50 5.93
C ARG A 38 9.02 4.98 4.79
N GLU A 39 9.53 4.85 3.58
CA GLU A 39 8.83 5.21 2.37
C GLU A 39 7.56 4.35 2.25
N LEU A 40 7.67 3.06 2.62
CA LEU A 40 6.51 2.19 2.56
C LEU A 40 5.53 2.52 3.65
N THR A 41 6.04 2.95 4.80
CA THR A 41 5.21 3.39 5.90
C THR A 41 4.37 4.63 5.47
N VAL A 42 4.98 5.49 4.67
CA VAL A 42 4.29 6.66 4.17
C VAL A 42 3.23 6.23 3.12
N SER A 43 3.61 5.31 2.23
CA SER A 43 2.66 4.79 1.23
C SER A 43 1.52 4.05 1.91
N GLU A 44 1.85 3.52 3.01
CA GLU A 44 0.97 2.75 3.87
C GLU A 44 -0.09 3.71 4.42
N ALA A 45 0.37 4.91 4.74
CA ALA A 45 -0.50 5.96 5.22
C ALA A 45 -1.48 6.41 4.15
N PHE A 46 -1.08 6.36 2.86
CA PHE A 46 -2.05 6.71 1.77
C PHE A 46 -3.14 5.66 1.76
N ILE A 47 -2.76 4.41 2.02
CA ILE A 47 -3.72 3.33 2.15
C ILE A 47 -4.67 3.58 3.32
N GLU A 48 -4.14 4.02 4.43
CA GLU A 48 -4.98 4.39 5.57
C GLU A 48 -5.92 5.54 5.20
N GLY A 49 -5.42 6.48 4.42
CA GLY A 49 -6.22 7.61 4.00
C GLY A 49 -7.31 7.21 3.04
N SER A 50 -7.00 6.30 2.13
CA SER A 50 -7.96 5.85 1.16
C SER A 50 -8.97 4.92 1.81
N ARG A 51 -8.52 4.12 2.76
CA ARG A 51 -9.44 3.27 3.48
C ARG A 51 -10.33 4.10 4.38
N GLY A 52 -9.78 5.18 4.90
CA GLY A 52 -10.57 6.11 5.68
C GLY A 52 -11.57 6.82 4.78
N TYR A 53 -11.21 6.95 3.50
CA TYR A 53 -12.03 7.66 2.52
C TYR A 53 -13.27 6.85 2.30
N PHE A 54 -13.06 5.58 2.07
CA PHE A 54 -14.13 4.66 1.88
C PHE A 54 -15.04 4.60 3.08
N GLN A 55 -14.44 4.65 4.26
CA GLN A 55 -15.20 4.66 5.48
C GLN A 55 -16.21 5.83 5.55
N ARG A 56 -15.78 7.09 5.27
CA ARG A 56 -16.79 8.17 5.29
C ARG A 56 -17.74 8.08 4.10
N GLU A 57 -17.22 7.59 2.99
CA GLU A 57 -17.96 7.45 1.76
C GLU A 57 -19.07 6.39 1.92
N LEU A 58 -18.80 5.43 2.78
CA LEU A 58 -19.76 4.37 3.10
C LEU A 58 -20.98 4.96 3.84
N LYS A 59 -20.82 6.15 4.38
CA LYS A 59 -21.84 6.80 5.20
C LYS A 59 -22.76 7.71 4.36
N ARG A 60 -22.43 7.88 3.09
CA ARG A 60 -23.17 8.81 2.21
C ARG A 60 -24.62 8.40 1.96
N THR A 61 -24.89 7.11 1.98
CA THR A 61 -26.20 6.50 1.62
C THR A 61 -26.45 6.56 0.06
N ASP A 62 -25.69 7.43 -0.65
CA ASP A 62 -25.74 7.55 -2.12
C ASP A 62 -25.38 6.23 -2.77
N LEU A 63 -24.36 5.59 -2.20
CA LEU A 63 -23.91 4.30 -2.58
C LEU A 63 -25.01 3.32 -2.37
N ASP A 64 -24.93 2.37 -3.13
CA ASP A 64 -25.80 1.28 -3.13
C ASP A 64 -24.97 0.14 -2.60
N LEU A 65 -25.54 -1.00 -2.41
CA LEU A 65 -24.80 -2.18 -2.01
C LEU A 65 -23.67 -2.43 -3.02
N LEU A 66 -23.92 -2.07 -4.28
CA LEU A 66 -22.94 -2.21 -5.34
C LEU A 66 -21.66 -1.44 -5.06
N GLU A 67 -21.80 -0.19 -4.72
CA GLU A 67 -20.65 0.63 -4.43
C GLU A 67 -20.06 0.26 -3.10
N LYS A 68 -20.92 -0.14 -2.21
CA LYS A 68 -20.53 -0.67 -0.92
C LYS A 68 -19.62 -1.86 -1.14
N PHE A 69 -19.94 -2.63 -2.18
CA PHE A 69 -19.18 -3.79 -2.58
C PHE A 69 -17.79 -3.38 -3.12
N ASN A 70 -17.74 -2.24 -3.74
CA ASN A 70 -16.57 -1.67 -4.41
C ASN A 70 -15.61 -1.20 -3.35
N PHE A 71 -16.15 -0.58 -2.33
CA PHE A 71 -15.36 -0.03 -1.24
C PHE A 71 -14.88 -1.17 -0.42
N GLU A 72 -15.73 -2.16 -0.29
CA GLU A 72 -15.42 -3.37 0.40
C GLU A 72 -14.30 -4.05 -0.33
N ALA A 73 -14.36 -3.96 -1.65
CA ALA A 73 -13.34 -4.59 -2.46
C ALA A 73 -12.02 -3.83 -2.32
N ALA A 74 -12.11 -2.53 -2.37
CA ALA A 74 -10.96 -1.67 -2.25
C ALA A 74 -10.34 -1.74 -0.87
N LEU A 75 -11.17 -1.84 0.16
CA LEU A 75 -10.70 -1.96 1.53
C LEU A 75 -9.88 -3.21 1.67
N ALA A 76 -10.33 -4.28 1.02
CA ALA A 76 -9.62 -5.54 1.06
C ALA A 76 -8.36 -5.48 0.24
N THR A 77 -8.35 -4.62 -0.75
CA THR A 77 -7.21 -4.49 -1.60
C THR A 77 -6.12 -3.80 -0.81
N GLY A 78 -6.50 -2.69 -0.20
CA GLY A 78 -5.59 -1.89 0.56
C GLY A 78 -5.09 -2.59 1.78
N ASP A 79 -5.97 -3.29 2.47
CA ASP A 79 -5.63 -3.96 3.71
C ASP A 79 -4.64 -5.08 3.46
N LEU A 80 -4.91 -5.88 2.45
CA LEU A 80 -4.04 -7.00 2.15
C LEU A 80 -2.69 -6.55 1.62
N LEU A 81 -2.66 -5.53 0.78
CA LEU A 81 -1.39 -5.02 0.31
C LEU A 81 -0.66 -4.28 1.44
N LEU A 82 -1.41 -3.72 2.39
CA LEU A 82 -0.83 -3.03 3.56
C LEU A 82 -0.10 -4.07 4.36
N LYS A 83 -0.73 -5.22 4.44
CA LYS A 83 -0.17 -6.35 5.08
C LYS A 83 1.04 -6.83 4.29
N ASP A 84 0.98 -6.66 2.98
CA ASP A 84 2.08 -7.08 2.13
C ASP A 84 3.27 -6.13 2.28
N LEU A 85 2.96 -4.84 2.47
CA LEU A 85 3.95 -3.81 2.73
C LEU A 85 4.75 -4.16 3.97
N LYS A 86 4.03 -4.48 5.04
CA LYS A 86 4.67 -4.88 6.27
C LYS A 86 5.43 -6.21 6.13
N ALA A 87 4.95 -7.09 5.27
CA ALA A 87 5.57 -8.39 5.08
C ALA A 87 6.89 -8.23 4.37
N LEU A 88 6.89 -7.41 3.33
CA LEU A 88 8.09 -7.18 2.59
C LEU A 88 9.03 -6.39 3.45
N GLN A 89 8.46 -5.51 4.29
CA GLN A 89 9.23 -4.71 5.22
C GLN A 89 9.97 -5.61 6.16
N LYS A 90 9.31 -6.65 6.64
CA LYS A 90 9.97 -7.63 7.50
C LYS A 90 11.08 -8.32 6.74
N ARG A 91 10.87 -8.54 5.48
CA ARG A 91 11.84 -9.20 4.63
C ARG A 91 13.04 -8.30 4.43
N VAL A 92 12.77 -7.03 4.13
CA VAL A 92 13.82 -6.07 3.93
C VAL A 92 14.57 -5.82 5.24
N GLN A 93 13.80 -5.77 6.33
CA GLN A 93 14.32 -5.63 7.68
C GLN A 93 15.19 -6.84 8.01
N ASP A 94 14.81 -7.97 7.45
CA ASP A 94 15.50 -9.23 7.64
C ASP A 94 16.80 -9.29 6.87
N SER A 95 16.82 -8.62 5.72
CA SER A 95 17.98 -8.56 4.86
C SER A 95 19.15 -7.83 5.58
N GLU A 96 18.80 -6.96 6.52
CA GLU A 96 19.78 -6.21 7.28
C GLU A 96 20.44 -7.10 8.31
#